data_2HD0
#
_entry.id   2HD0
#
_cell.length_a   109.812
_cell.length_b   68.819
_cell.length_c   125.162
_cell.angle_alpha   90.00
_cell.angle_beta   105.88
_cell.angle_gamma   90.00
#
_symmetry.space_group_name_H-M   'P 1 21 1'
#
loop_
_entity.id
_entity.type
_entity.pdbx_description
1 polymer 'Protease NS2-3 (p23)'
2 non-polymer 'octyl beta-D-glucopyranoside'
3 non-polymer DECYL-BETA-D-MALTOPYRANOSIDE
4 water water
#
_entity_poly.entity_id   1
_entity_poly.type   'polypeptide(L)'
_entity_poly.pdbx_seq_one_letter_code
;GSHMQASLLKVPYFVRVQGLLRICALARKIAGGHYVQMAIIKLGALTGTYVYNHLTPLRDWAHNGLRDLAVAVEPVVFSR
METKLITWGADTAACGDIINGLPVSARRGQEILLGPADGMVSKGWRLL
;
_entity_poly.pdbx_strand_id   A,B,C,D,E,F,G,H,I,J,K,L
#
# COMPACT_ATOMS: atom_id res chain seq x y z
N SER A 2 29.16 6.62 17.82
CA SER A 2 29.03 5.43 18.70
C SER A 2 27.63 4.82 18.60
N HIS A 3 26.61 5.66 18.59
CA HIS A 3 25.22 5.20 18.50
C HIS A 3 24.95 4.39 17.23
N MET A 4 25.60 4.76 16.14
CA MET A 4 25.41 4.06 14.87
C MET A 4 26.12 2.71 14.79
N GLN A 5 26.90 2.37 15.81
CA GLN A 5 27.61 1.10 15.81
C GLN A 5 26.87 -0.01 16.59
N ALA A 6 25.91 0.39 17.41
CA ALA A 6 25.11 -0.54 18.23
C ALA A 6 25.93 -1.66 18.84
N SER A 7 27.01 -1.30 19.50
CA SER A 7 27.86 -2.29 20.13
C SER A 7 27.59 -2.31 21.63
N LEU A 8 27.44 -3.51 22.19
CA LEU A 8 27.19 -3.63 23.62
C LEU A 8 28.45 -3.22 24.39
N LEU A 9 29.57 -3.13 23.67
CA LEU A 9 30.85 -2.75 24.27
C LEU A 9 31.38 -1.42 23.78
N LYS A 10 31.69 -0.52 24.73
CA LYS A 10 32.25 0.78 24.41
C LYS A 10 33.73 0.61 24.06
N VAL A 11 33.97 -0.07 22.94
CA VAL A 11 35.31 -0.35 22.46
C VAL A 11 35.37 -0.04 20.95
N PRO A 12 36.48 0.52 20.46
CA PRO A 12 36.57 0.84 19.03
C PRO A 12 36.23 -0.39 18.20
N TYR A 13 35.52 -0.20 17.09
CA TYR A 13 35.18 -1.31 16.23
C TYR A 13 36.41 -2.13 15.79
N PHE A 14 37.45 -1.47 15.31
CA PHE A 14 38.64 -2.19 14.86
C PHE A 14 39.31 -2.99 15.98
N VAL A 15 39.23 -2.50 17.22
CA VAL A 15 39.81 -3.23 18.35
C VAL A 15 38.94 -4.45 18.69
N ARG A 16 37.62 -4.30 18.58
CA ARG A 16 36.72 -5.41 18.88
C ARG A 16 36.96 -6.59 17.93
N VAL A 17 37.16 -6.30 16.66
CA VAL A 17 37.40 -7.37 15.70
C VAL A 17 38.74 -8.03 15.97
N GLN A 18 39.76 -7.24 16.27
CA GLN A 18 41.06 -7.83 16.55
C GLN A 18 40.95 -8.80 17.74
N GLY A 19 40.21 -8.42 18.76
CA GLY A 19 40.06 -9.31 19.91
C GLY A 19 39.36 -10.59 19.53
N LEU A 20 38.32 -10.48 18.71
CA LEU A 20 37.54 -11.64 18.29
C LEU A 20 38.38 -12.61 17.43
N LEU A 21 39.14 -12.07 16.48
CA LEU A 21 39.96 -12.91 15.62
C LEU A 21 41.19 -13.48 16.34
N ARG A 22 41.55 -12.90 17.48
CA ARG A 22 42.68 -13.44 18.24
C ARG A 22 42.21 -14.76 18.86
N ILE A 23 40.96 -14.82 19.28
CA ILE A 23 40.39 -16.04 19.85
C ILE A 23 40.19 -17.08 18.76
N CYS A 24 39.68 -16.63 17.61
CA CYS A 24 39.46 -17.53 16.48
C CYS A 24 40.76 -18.20 16.04
N ALA A 25 41.85 -17.43 16.00
CA ALA A 25 43.13 -17.98 15.57
C ALA A 25 43.57 -19.17 16.42
N LEU A 26 43.21 -19.14 17.70
CA LEU A 26 43.55 -20.23 18.60
C LEU A 26 43.00 -21.56 18.06
N ALA A 27 41.97 -21.49 17.22
CA ALA A 27 41.36 -22.70 16.68
C ALA A 27 41.58 -22.91 15.20
N ARG A 28 42.42 -22.08 14.60
CA ARG A 28 42.69 -22.15 13.17
C ARG A 28 43.17 -23.50 12.66
N LYS A 29 43.95 -24.22 13.46
CA LYS A 29 44.50 -25.49 13.02
C LYS A 29 44.03 -26.75 13.76
N ILE A 30 43.09 -26.62 14.68
CA ILE A 30 42.61 -27.78 15.42
C ILE A 30 41.44 -28.49 14.74
N ALA A 31 41.30 -29.79 15.00
CA ALA A 31 40.24 -30.59 14.41
C ALA A 31 38.89 -30.05 14.86
N GLY A 32 38.04 -29.72 13.90
CA GLY A 32 36.73 -29.18 14.22
C GLY A 32 36.78 -27.69 14.52
N GLY A 33 37.93 -27.08 14.19
CA GLY A 33 38.10 -25.65 14.44
C GLY A 33 37.16 -24.75 13.67
N HIS A 34 36.65 -25.20 12.53
CA HIS A 34 35.73 -24.36 11.76
C HIS A 34 34.44 -24.17 12.57
N TYR A 35 34.05 -25.19 13.32
CA TYR A 35 32.85 -25.13 14.16
C TYR A 35 33.11 -24.16 15.33
N VAL A 36 34.29 -24.26 15.94
CA VAL A 36 34.63 -23.39 17.07
C VAL A 36 34.69 -21.94 16.60
N GLN A 37 35.22 -21.70 15.41
CA GLN A 37 35.31 -20.32 14.93
C GLN A 37 33.94 -19.76 14.62
N MET A 38 33.05 -20.59 14.10
CA MET A 38 31.71 -20.14 13.77
C MET A 38 30.97 -19.72 15.04
N ALA A 39 31.16 -20.47 16.13
CA ALA A 39 30.50 -20.13 17.39
C ALA A 39 31.00 -18.77 17.88
N ILE A 40 32.32 -18.58 17.84
CA ILE A 40 32.93 -17.32 18.28
C ILE A 40 32.44 -16.13 17.44
N ILE A 41 32.42 -16.30 16.13
CA ILE A 41 31.97 -15.22 15.26
C ILE A 41 30.49 -14.91 15.48
N LYS A 42 29.68 -15.93 15.77
CA LYS A 42 28.26 -15.70 16.01
C LYS A 42 28.09 -14.99 17.36
N LEU A 43 28.98 -15.28 18.33
CA LEU A 43 28.92 -14.60 19.62
C LEU A 43 29.22 -13.11 19.38
N GLY A 44 30.17 -12.83 18.52
CA GLY A 44 30.51 -11.45 18.21
C GLY A 44 29.30 -10.74 17.65
N ALA A 45 28.59 -11.40 16.74
CA ALA A 45 27.41 -10.83 16.13
C ALA A 45 26.40 -10.34 17.16
N LEU A 46 26.01 -11.19 18.10
CA LEU A 46 25.04 -10.71 19.08
C LEU A 46 25.60 -9.64 19.99
N THR A 47 26.91 -9.43 19.95
CA THR A 47 27.51 -8.41 20.80
C THR A 47 27.63 -7.11 20.01
N GLY A 48 27.43 -7.20 18.71
CA GLY A 48 27.51 -6.02 17.87
C GLY A 48 28.78 -5.91 17.04
N THR A 49 29.48 -7.02 16.84
CA THR A 49 30.68 -6.91 16.02
C THR A 49 30.69 -7.92 14.90
N TYR A 50 30.80 -7.41 13.68
CA TYR A 50 30.86 -8.25 12.48
C TYR A 50 32.25 -8.15 11.89
N VAL A 51 32.69 -9.20 11.19
CA VAL A 51 34.01 -9.19 10.55
C VAL A 51 33.81 -9.33 9.04
N TYR A 52 34.63 -8.61 8.28
CA TYR A 52 34.56 -8.63 6.83
C TYR A 52 35.83 -9.16 6.21
N ASN A 53 35.67 -9.99 5.18
CA ASN A 53 36.80 -10.57 4.47
C ASN A 53 37.75 -9.49 3.94
N HIS A 54 37.20 -8.42 3.35
CA HIS A 54 38.07 -7.39 2.78
C HIS A 54 38.84 -6.57 3.81
N LEU A 55 38.36 -6.56 5.05
CA LEU A 55 39.05 -5.84 6.12
C LEU A 55 40.06 -6.81 6.77
N THR A 56 39.62 -8.03 7.06
CA THR A 56 40.49 -9.03 7.66
C THR A 56 40.22 -10.35 6.95
N PRO A 57 40.92 -10.60 5.83
CA PRO A 57 40.83 -11.80 4.99
C PRO A 57 40.88 -13.12 5.74
N LEU A 58 40.02 -14.05 5.33
CA LEU A 58 39.93 -15.37 5.95
C LEU A 58 41.26 -16.12 5.81
N ARG A 59 41.96 -15.91 4.71
CA ARG A 59 43.22 -16.61 4.50
C ARG A 59 44.27 -16.35 5.59
N ASP A 60 44.07 -15.30 6.39
CA ASP A 60 45.01 -14.96 7.47
C ASP A 60 44.67 -15.59 8.83
N TRP A 61 43.42 -16.01 9.04
CA TRP A 61 43.03 -16.55 10.33
C TRP A 61 42.01 -17.69 10.33
N ALA A 62 41.30 -17.87 9.23
CA ALA A 62 40.27 -18.90 9.16
C ALA A 62 40.75 -20.34 9.04
N HIS A 63 40.06 -21.23 9.74
CA HIS A 63 40.34 -22.66 9.71
C HIS A 63 39.91 -23.06 8.29
N ASN A 64 40.51 -24.12 7.73
CA ASN A 64 40.16 -24.51 6.36
C ASN A 64 38.69 -24.76 6.04
N GLY A 65 37.89 -25.18 7.01
CA GLY A 65 36.49 -25.46 6.74
C GLY A 65 35.48 -24.36 7.02
N LEU A 66 35.95 -23.20 7.46
CA LEU A 66 35.09 -22.07 7.79
C LEU A 66 34.27 -21.54 6.61
N ARG A 67 34.94 -21.35 5.47
CA ARG A 67 34.30 -20.84 4.26
C ARG A 67 33.06 -21.64 3.88
N ASP A 68 33.17 -22.97 3.97
CA ASP A 68 32.04 -23.83 3.64
C ASP A 68 30.83 -23.58 4.53
N LEU A 69 31.06 -23.31 5.81
CA LEU A 69 29.97 -23.07 6.73
C LEU A 69 29.35 -21.68 6.51
N ALA A 70 30.15 -20.74 6.02
CA ALA A 70 29.64 -19.39 5.81
C ALA A 70 28.72 -19.29 4.59
N VAL A 71 27.70 -18.45 4.71
CA VAL A 71 26.76 -18.22 3.62
C VAL A 71 27.21 -16.94 2.91
N ALA A 72 28.11 -16.21 3.57
CA ALA A 72 28.65 -14.95 3.04
C ALA A 72 29.85 -14.54 3.90
N VAL A 73 30.77 -13.76 3.35
CA VAL A 73 31.93 -13.31 4.09
C VAL A 73 32.04 -11.78 4.13
N GLU A 74 31.04 -11.12 3.57
CA GLU A 74 31.00 -9.65 3.55
C GLU A 74 29.69 -9.10 4.13
N PRO A 75 29.45 -9.26 5.45
CA PRO A 75 30.31 -9.91 6.44
C PRO A 75 30.03 -11.41 6.61
N VAL A 76 30.84 -12.05 7.45
CA VAL A 76 30.73 -13.49 7.71
C VAL A 76 29.47 -13.78 8.53
N VAL A 77 28.57 -14.56 7.92
CA VAL A 77 27.33 -14.99 8.57
C VAL A 77 27.12 -16.46 8.17
N PHE A 78 26.33 -17.20 8.94
CA PHE A 78 26.13 -18.61 8.64
C PHE A 78 24.70 -19.01 8.34
N SER A 79 23.85 -18.02 8.14
CA SER A 79 22.46 -18.25 7.79
C SER A 79 21.98 -17.02 7.04
N ARG A 80 20.86 -17.16 6.35
CA ARG A 80 20.29 -16.08 5.58
C ARG A 80 20.17 -14.78 6.37
N MET A 81 20.59 -13.69 5.75
CA MET A 81 20.47 -12.37 6.34
C MET A 81 19.93 -11.53 5.19
N GLU A 82 18.82 -10.86 5.43
CA GLU A 82 18.23 -10.06 4.36
C GLU A 82 19.07 -8.83 4.05
N THR A 83 19.27 -8.58 2.76
CA THR A 83 20.04 -7.45 2.30
C THR A 83 19.11 -6.29 1.95
N LYS A 84 19.33 -5.15 2.59
CA LYS A 84 18.51 -3.98 2.33
C LYS A 84 19.33 -2.83 1.75
N LEU A 85 18.66 -1.99 0.99
CA LEU A 85 19.28 -0.84 0.35
C LEU A 85 18.59 0.42 0.86
N ILE A 86 19.34 1.30 1.53
CA ILE A 86 18.76 2.51 2.09
C ILE A 86 19.32 3.85 1.60
N THR A 87 18.48 4.86 1.63
CA THR A 87 18.84 6.22 1.26
C THR A 87 18.30 7.04 2.41
N TRP A 88 19.19 7.44 3.31
CA TRP A 88 18.80 8.20 4.48
C TRP A 88 19.90 9.16 4.92
N GLY A 89 19.50 10.31 5.45
CA GLY A 89 20.46 11.31 5.91
C GLY A 89 19.75 12.52 6.50
N ALA A 90 20.51 13.52 6.92
CA ALA A 90 19.91 14.72 7.51
C ALA A 90 18.79 15.30 6.64
N ASP A 91 19.00 15.31 5.32
CA ASP A 91 18.03 15.84 4.37
C ASP A 91 16.74 15.02 4.25
N THR A 92 16.77 13.78 4.74
CA THR A 92 15.61 12.91 4.62
C THR A 92 14.98 12.47 5.94
N ALA A 93 15.76 12.52 7.02
CA ALA A 93 15.28 12.14 8.35
C ALA A 93 13.92 12.76 8.62
N ALA A 94 13.03 11.99 9.22
CA ALA A 94 11.68 12.46 9.53
C ALA A 94 11.16 11.78 10.78
N CYS A 95 10.12 12.35 11.40
CA CYS A 95 9.53 11.74 12.59
C CYS A 95 8.89 10.44 12.12
N GLY A 96 9.00 9.39 12.94
CA GLY A 96 8.44 8.11 12.56
C GLY A 96 9.65 7.21 12.41
N ASP A 97 10.80 7.84 12.20
CA ASP A 97 12.06 7.12 12.09
C ASP A 97 12.53 6.79 13.51
N ILE A 98 13.08 5.59 13.67
CA ILE A 98 13.61 5.14 14.95
C ILE A 98 14.97 4.56 14.62
N ILE A 99 16.02 5.16 15.17
CA ILE A 99 17.37 4.72 14.89
C ILE A 99 18.03 4.05 16.08
N ASN A 100 18.32 2.75 15.93
CA ASN A 100 18.94 1.97 16.97
C ASN A 100 18.30 2.26 18.33
N GLY A 101 16.97 2.23 18.36
CA GLY A 101 16.26 2.45 19.61
C GLY A 101 15.75 3.84 19.94
N LEU A 102 16.22 4.88 19.28
CA LEU A 102 15.74 6.21 19.61
C LEU A 102 15.01 6.85 18.44
N PRO A 103 13.90 7.54 18.73
CA PRO A 103 13.09 8.21 17.70
C PRO A 103 13.70 9.51 17.18
N VAL A 104 13.58 9.72 15.87
CA VAL A 104 14.06 10.94 15.24
C VAL A 104 13.09 12.05 15.66
N SER A 105 13.62 13.18 16.12
CA SER A 105 12.76 14.26 16.58
C SER A 105 13.05 15.66 16.05
N ALA A 106 14.28 15.89 15.60
CA ALA A 106 14.61 17.22 15.13
C ALA A 106 15.87 17.29 14.29
N ARG A 107 16.03 18.41 13.60
CA ARG A 107 17.18 18.65 12.76
C ARG A 107 17.67 20.08 13.01
N ARG A 108 18.98 20.27 12.94
CA ARG A 108 19.58 21.59 13.13
C ARG A 108 20.30 21.96 11.85
N GLY A 109 21.35 21.21 11.55
CA GLY A 109 22.12 21.45 10.34
C GLY A 109 22.28 20.11 9.64
N GLN A 110 23.46 19.51 9.70
CA GLN A 110 23.63 18.22 9.08
C GLN A 110 23.49 17.16 10.17
N GLU A 111 23.22 17.64 11.39
CA GLU A 111 23.02 16.80 12.55
C GLU A 111 21.54 16.48 12.73
N ILE A 112 21.26 15.33 13.33
CA ILE A 112 19.91 14.88 13.58
C ILE A 112 19.78 14.54 15.06
N LEU A 113 18.68 14.96 15.66
CA LEU A 113 18.44 14.71 17.07
C LEU A 113 17.54 13.50 17.32
N LEU A 114 18.03 12.57 18.12
CA LEU A 114 17.31 11.35 18.49
C LEU A 114 16.94 11.50 19.97
N GLY A 115 15.74 11.07 20.34
CA GLY A 115 15.29 11.20 21.71
C GLY A 115 14.46 12.47 21.81
N PRO A 116 13.96 12.82 23.01
CA PRO A 116 13.14 14.02 23.22
C PRO A 116 13.74 15.30 22.66
N ALA A 117 12.90 16.11 22.01
CA ALA A 117 13.33 17.37 21.44
C ALA A 117 12.82 18.54 22.28
N ASP A 118 12.04 18.24 23.31
CA ASP A 118 11.46 19.28 24.17
C ASP A 118 12.49 20.29 24.67
N GLY A 119 12.20 21.57 24.40
CA GLY A 119 13.10 22.64 24.83
C GLY A 119 14.24 22.92 23.88
N MET A 120 14.39 22.09 22.85
CA MET A 120 15.46 22.26 21.89
C MET A 120 15.16 23.31 20.82
N VAL A 121 13.89 23.49 20.48
CA VAL A 121 13.50 24.48 19.48
C VAL A 121 14.09 25.83 19.86
N SER A 122 14.39 25.98 21.15
CA SER A 122 14.97 27.19 21.69
C SER A 122 16.42 27.33 21.26
N LYS A 123 17.10 26.20 21.08
CA LYS A 123 18.51 26.17 20.68
C LYS A 123 18.74 26.18 19.18
N GLY A 124 17.71 26.50 18.39
CA GLY A 124 17.91 26.52 16.96
C GLY A 124 17.60 25.21 16.24
N TRP A 125 17.04 24.25 16.97
CA TRP A 125 16.68 22.97 16.37
C TRP A 125 15.26 23.07 15.82
N ARG A 126 14.94 22.28 14.80
CA ARG A 126 13.60 22.32 14.24
C ARG A 126 12.97 20.92 14.17
N LEU A 127 11.77 20.80 14.74
CA LEU A 127 11.06 19.53 14.74
C LEU A 127 10.80 19.07 13.32
N LEU A 128 10.89 17.76 13.10
CA LEU A 128 10.70 17.19 11.77
C LEU A 128 9.30 16.58 11.54
N SER B 2 9.72 1.10 5.25
CA SER B 2 11.13 1.60 5.37
C SER B 2 11.85 1.01 6.58
N HIS B 3 13.03 0.46 6.31
CA HIS B 3 13.87 -0.14 7.34
C HIS B 3 14.27 0.83 8.45
N MET B 4 14.22 2.13 8.15
CA MET B 4 14.60 3.16 9.11
C MET B 4 13.51 3.50 10.15
N GLN B 5 12.32 2.92 9.99
CA GLN B 5 11.23 3.20 10.91
C GLN B 5 11.10 2.18 12.04
N ALA B 6 11.73 1.02 11.88
CA ALA B 6 11.69 -0.04 12.88
C ALA B 6 10.31 -0.37 13.44
N SER B 7 9.32 -0.52 12.57
CA SER B 7 7.98 -0.85 13.07
C SER B 7 7.71 -2.34 12.91
N LEU B 8 7.07 -2.92 13.91
CA LEU B 8 6.75 -4.34 13.87
C LEU B 8 5.62 -4.56 12.87
N LEU B 9 4.82 -3.51 12.65
CA LEU B 9 3.70 -3.60 11.72
C LEU B 9 3.99 -2.99 10.36
N LYS B 10 3.72 -3.74 9.29
CA LYS B 10 3.93 -3.23 7.93
C LYS B 10 2.74 -2.34 7.61
N VAL B 11 2.75 -1.14 8.19
CA VAL B 11 1.69 -0.15 8.02
C VAL B 11 2.36 1.22 8.02
N PRO B 12 1.83 2.18 7.23
CA PRO B 12 2.41 3.53 7.17
C PRO B 12 2.38 4.25 8.53
N TYR B 13 3.47 4.93 8.85
CA TYR B 13 3.58 5.66 10.11
C TYR B 13 2.35 6.53 10.39
N PHE B 14 1.93 7.31 9.39
CA PHE B 14 0.78 8.20 9.56
C PHE B 14 -0.43 7.43 10.02
N VAL B 15 -0.70 6.30 9.36
CA VAL B 15 -1.86 5.48 9.69
C VAL B 15 -1.75 4.80 11.06
N ARG B 16 -0.53 4.48 11.47
CA ARG B 16 -0.34 3.85 12.76
C ARG B 16 -0.65 4.84 13.89
N VAL B 17 -0.30 6.10 13.68
CA VAL B 17 -0.58 7.11 14.69
C VAL B 17 -2.08 7.36 14.77
N GLN B 18 -2.77 7.26 13.64
CA GLN B 18 -4.21 7.47 13.64
C GLN B 18 -4.87 6.40 14.51
N GLY B 19 -4.55 5.14 14.23
CA GLY B 19 -5.12 4.04 14.98
C GLY B 19 -4.86 4.10 16.48
N LEU B 20 -3.63 4.45 16.83
CA LEU B 20 -3.22 4.54 18.23
C LEU B 20 -4.01 5.65 18.96
N LEU B 21 -4.11 6.81 18.34
CA LEU B 21 -4.84 7.93 18.94
C LEU B 21 -6.35 7.71 18.96
N ARG B 22 -6.86 6.87 18.07
CA ARG B 22 -8.29 6.57 18.03
C ARG B 22 -8.66 5.69 19.23
N ILE B 23 -7.72 4.84 19.66
CA ILE B 23 -7.94 4.00 20.83
C ILE B 23 -7.86 4.91 22.04
N CYS B 24 -6.89 5.84 22.03
CA CYS B 24 -6.73 6.78 23.14
C CYS B 24 -7.94 7.68 23.32
N ALA B 25 -8.50 8.15 22.20
CA ALA B 25 -9.67 9.04 22.23
C ALA B 25 -10.80 8.45 23.08
N LEU B 26 -10.92 7.13 23.06
CA LEU B 26 -11.95 6.43 23.82
C LEU B 26 -11.85 6.73 25.33
N ALA B 27 -10.63 6.80 25.84
CA ALA B 27 -10.40 7.04 27.26
C ALA B 27 -10.27 8.50 27.65
N ARG B 28 -10.28 9.38 26.66
CA ARG B 28 -10.14 10.81 26.93
C ARG B 28 -11.06 11.38 28.02
N LYS B 29 -12.26 10.82 28.16
CA LYS B 29 -13.21 11.36 29.14
C LYS B 29 -13.50 10.51 30.37
N ILE B 30 -12.88 9.34 30.48
CA ILE B 30 -13.13 8.48 31.63
C ILE B 30 -12.28 8.79 32.87
N ALA B 31 -12.69 8.23 34.00
CA ALA B 31 -12.03 8.41 35.29
C ALA B 31 -10.51 8.35 35.24
N GLY B 32 -9.95 7.15 35.23
CA GLY B 32 -8.50 7.03 35.19
C GLY B 32 -8.03 7.03 33.75
N GLY B 33 -8.71 7.82 32.92
CA GLY B 33 -8.39 7.90 31.51
C GLY B 33 -6.96 8.25 31.15
N HIS B 34 -6.34 9.13 31.94
CA HIS B 34 -4.96 9.51 31.66
C HIS B 34 -4.01 8.33 31.82
N TYR B 35 -4.31 7.49 32.80
CA TYR B 35 -3.49 6.29 33.05
C TYR B 35 -3.63 5.34 31.86
N VAL B 36 -4.87 5.23 31.35
CA VAL B 36 -5.16 4.35 30.23
C VAL B 36 -4.40 4.76 28.97
N GLN B 37 -4.46 6.06 28.66
CA GLN B 37 -3.78 6.57 27.49
C GLN B 37 -2.28 6.33 27.55
N MET B 38 -1.68 6.55 28.72
CA MET B 38 -0.24 6.35 28.92
C MET B 38 0.10 4.92 28.59
N ALA B 39 -0.75 4.00 29.06
CA ALA B 39 -0.55 2.58 28.83
C ALA B 39 -0.52 2.28 27.33
N ILE B 40 -1.52 2.80 26.62
CA ILE B 40 -1.64 2.59 25.19
C ILE B 40 -0.49 3.24 24.42
N ILE B 41 -0.08 4.44 24.85
CA ILE B 41 1.03 5.13 24.19
C ILE B 41 2.32 4.33 24.36
N LYS B 42 2.53 3.80 25.56
CA LYS B 42 3.72 2.99 25.83
C LYS B 42 3.63 1.69 25.00
N LEU B 43 2.43 1.13 24.88
CA LEU B 43 2.27 -0.09 24.09
C LEU B 43 2.61 0.22 22.63
N GLY B 44 2.27 1.44 22.19
CA GLY B 44 2.58 1.83 20.83
C GLY B 44 4.09 1.91 20.64
N ALA B 45 4.77 2.44 21.67
CA ALA B 45 6.23 2.58 21.64
C ALA B 45 6.89 1.23 21.39
N LEU B 46 6.38 0.19 22.05
CA LEU B 46 6.91 -1.17 21.88
C LEU B 46 6.81 -1.60 20.43
N THR B 47 5.70 -1.24 19.77
CA THR B 47 5.49 -1.59 18.38
C THR B 47 6.30 -0.70 17.46
N GLY B 48 6.99 0.28 18.03
CA GLY B 48 7.78 1.18 17.21
C GLY B 48 6.96 2.29 16.59
N THR B 49 6.08 2.89 17.39
CA THR B 49 5.22 3.97 16.93
C THR B 49 5.20 5.06 17.99
N TYR B 50 5.76 6.22 17.66
CA TYR B 50 5.78 7.34 18.58
C TYR B 50 4.84 8.46 18.12
N VAL B 51 4.36 9.23 19.08
CA VAL B 51 3.46 10.36 18.80
C VAL B 51 4.13 11.66 19.22
N TYR B 52 4.03 12.68 18.37
CA TYR B 52 4.63 13.96 18.66
C TYR B 52 3.55 15.03 18.77
N ASN B 53 3.70 15.94 19.74
CA ASN B 53 2.73 17.00 19.95
C ASN B 53 2.59 17.97 18.78
N HIS B 54 3.68 18.24 18.06
CA HIS B 54 3.62 19.17 16.95
C HIS B 54 2.96 18.58 15.70
N LEU B 55 2.68 17.27 15.72
CA LEU B 55 2.06 16.60 14.60
C LEU B 55 0.61 16.22 14.93
N THR B 56 0.41 15.73 16.15
CA THR B 56 -0.91 15.37 16.64
C THR B 56 -1.09 15.95 18.05
N PRO B 57 -1.29 17.27 18.13
CA PRO B 57 -1.47 18.02 19.38
C PRO B 57 -2.26 17.28 20.44
N LEU B 58 -1.70 17.23 21.66
CA LEU B 58 -2.38 16.56 22.76
C LEU B 58 -3.74 17.22 23.01
N ARG B 59 -3.82 18.51 22.70
CA ARG B 59 -5.05 19.28 22.89
C ARG B 59 -6.23 18.69 22.13
N ASP B 60 -5.94 17.89 21.11
CA ASP B 60 -7.02 17.28 20.31
C ASP B 60 -7.42 15.86 20.69
N TRP B 61 -6.77 15.26 21.70
CA TRP B 61 -7.13 13.89 22.06
C TRP B 61 -6.78 13.48 23.48
N ALA B 62 -5.92 14.24 24.13
CA ALA B 62 -5.46 13.92 25.47
C ALA B 62 -6.41 14.18 26.63
N HIS B 63 -6.35 13.29 27.63
CA HIS B 63 -7.14 13.41 28.84
C HIS B 63 -6.42 14.55 29.57
N ASN B 64 -7.12 15.28 30.44
CA ASN B 64 -6.49 16.41 31.13
C ASN B 64 -5.29 16.04 32.01
N GLY B 65 -5.26 14.81 32.52
CA GLY B 65 -4.15 14.40 33.37
C GLY B 65 -2.94 13.81 32.69
N LEU B 66 -3.07 13.47 31.40
CA LEU B 66 -1.98 12.86 30.65
C LEU B 66 -0.68 13.67 30.60
N ARG B 67 -0.79 14.96 30.28
CA ARG B 67 0.37 15.84 30.18
C ARG B 67 1.22 15.90 31.46
N ASP B 68 0.59 15.62 32.59
CA ASP B 68 1.30 15.65 33.87
C ASP B 68 2.10 14.38 34.08
N LEU B 69 1.68 13.31 33.42
CA LEU B 69 2.35 12.02 33.52
C LEU B 69 3.59 12.01 32.60
N ALA B 70 3.47 12.71 31.48
CA ALA B 70 4.55 12.79 30.50
C ALA B 70 5.71 13.68 30.94
N VAL B 71 6.92 13.26 30.59
CA VAL B 71 8.11 14.03 30.93
C VAL B 71 8.64 14.69 29.66
N ALA B 72 7.94 14.43 28.55
CA ALA B 72 8.30 14.98 27.25
C ALA B 72 7.17 14.70 26.25
N VAL B 73 6.99 15.58 25.27
CA VAL B 73 5.94 15.36 24.26
C VAL B 73 6.44 15.44 22.83
N GLU B 74 7.77 15.46 22.67
CA GLU B 74 8.39 15.50 21.36
C GLU B 74 9.51 14.48 21.29
N PRO B 75 9.16 13.19 21.31
CA PRO B 75 7.79 12.66 21.41
C PRO B 75 7.31 12.41 22.84
N VAL B 76 6.09 11.90 22.95
CA VAL B 76 5.49 11.62 24.24
C VAL B 76 6.13 10.38 24.89
N VAL B 77 6.80 10.61 26.02
CA VAL B 77 7.46 9.53 26.74
C VAL B 77 7.22 9.73 28.24
N PHE B 78 7.16 8.64 28.99
CA PHE B 78 6.87 8.71 30.42
C PHE B 78 8.02 8.42 31.38
N SER B 79 9.22 8.24 30.83
CA SER B 79 10.41 7.98 31.63
C SER B 79 11.57 8.63 30.89
N ARG B 80 12.65 8.92 31.61
CA ARG B 80 13.79 9.57 30.97
C ARG B 80 14.24 8.79 29.74
N MET B 81 14.56 9.52 28.68
CA MET B 81 15.05 8.93 27.45
C MET B 81 16.19 9.84 27.03
N GLU B 82 17.35 9.25 26.73
CA GLU B 82 18.49 10.06 26.35
C GLU B 82 18.34 10.76 25.01
N THR B 83 19.06 11.87 24.86
CA THR B 83 19.05 12.67 23.65
C THR B 83 20.43 12.66 23.03
N LYS B 84 20.52 12.20 21.77
CA LYS B 84 21.79 12.13 21.07
C LYS B 84 21.80 12.92 19.77
N LEU B 85 23.01 13.21 19.30
CA LEU B 85 23.24 13.93 18.06
C LEU B 85 24.03 13.02 17.13
N ILE B 86 23.60 12.92 15.88
CA ILE B 86 24.32 12.09 14.92
C ILE B 86 24.40 12.82 13.59
N THR B 87 25.38 12.48 12.77
CA THR B 87 25.53 13.11 11.47
C THR B 87 25.60 12.08 10.35
N TRP B 88 25.39 10.82 10.70
CA TRP B 88 25.42 9.71 9.76
C TRP B 88 24.79 10.04 8.40
N GLY B 89 25.42 9.55 7.34
CA GLY B 89 24.92 9.77 6.00
C GLY B 89 25.66 8.86 5.05
N ALA B 90 25.30 8.86 3.77
CA ALA B 90 25.96 8.01 2.80
C ALA B 90 27.45 8.35 2.77
N ASP B 91 27.79 9.56 3.18
CA ASP B 91 29.18 10.01 3.17
C ASP B 91 30.04 9.51 4.33
N THR B 92 29.44 9.21 5.47
CA THR B 92 30.21 8.75 6.62
C THR B 92 30.04 7.28 7.00
N ALA B 93 29.04 6.61 6.41
CA ALA B 93 28.79 5.19 6.69
C ALA B 93 30.05 4.35 6.55
N ALA B 94 30.22 3.39 7.46
CA ALA B 94 31.40 2.54 7.42
C ALA B 94 31.14 1.17 8.02
N CYS B 95 31.98 0.21 7.68
CA CYS B 95 31.87 -1.13 8.24
C CYS B 95 31.99 -0.92 9.75
N GLY B 96 31.21 -1.67 10.52
CA GLY B 96 31.22 -1.52 11.96
C GLY B 96 29.89 -0.89 12.34
N ASP B 97 29.31 -0.13 11.41
CA ASP B 97 28.03 0.49 11.66
C ASP B 97 26.95 -0.59 11.53
N ILE B 98 25.93 -0.50 12.37
CA ILE B 98 24.83 -1.44 12.33
C ILE B 98 23.56 -0.60 12.40
N ILE B 99 22.64 -0.80 11.47
CA ILE B 99 21.44 0.01 11.47
C ILE B 99 20.18 -0.82 11.65
N ASN B 100 19.52 -0.61 12.77
CA ASN B 100 18.31 -1.34 13.08
C ASN B 100 18.48 -2.82 12.80
N GLY B 101 19.57 -3.39 13.33
CA GLY B 101 19.83 -4.82 13.17
C GLY B 101 20.66 -5.31 12.00
N LEU B 102 20.93 -4.46 11.01
CA LEU B 102 21.73 -4.93 9.87
C LEU B 102 23.05 -4.17 9.74
N PRO B 103 24.13 -4.89 9.43
CA PRO B 103 25.48 -4.31 9.27
C PRO B 103 25.71 -3.61 7.95
N VAL B 104 26.40 -2.47 7.99
CA VAL B 104 26.72 -1.71 6.78
C VAL B 104 27.80 -2.49 6.04
N SER B 105 27.61 -2.72 4.75
CA SER B 105 28.57 -3.50 3.97
C SER B 105 29.16 -2.81 2.74
N ALA B 106 28.38 -1.95 2.09
CA ALA B 106 28.86 -1.28 0.89
C ALA B 106 28.10 -0.01 0.53
N ARG B 107 28.59 0.68 -0.49
CA ARG B 107 28.00 1.92 -0.97
C ARG B 107 27.98 1.98 -2.50
N ARG B 108 27.02 2.74 -3.02
CA ARG B 108 26.86 2.93 -4.46
C ARG B 108 26.08 4.22 -4.67
N GLY B 109 26.81 5.30 -4.87
CA GLY B 109 26.18 6.59 -5.05
C GLY B 109 25.81 7.08 -3.66
N GLN B 110 24.55 7.47 -3.47
CA GLN B 110 24.09 7.92 -2.17
C GLN B 110 23.30 6.83 -1.46
N GLU B 111 23.47 5.60 -1.95
CA GLU B 111 22.81 4.43 -1.37
C GLU B 111 23.81 3.64 -0.54
N ILE B 112 23.31 3.00 0.51
CA ILE B 112 24.14 2.19 1.38
C ILE B 112 23.50 0.81 1.46
N LEU B 113 24.33 -0.22 1.38
CA LEU B 113 23.84 -1.60 1.46
C LEU B 113 23.94 -2.09 2.90
N LEU B 114 22.85 -2.67 3.40
CA LEU B 114 22.82 -3.23 4.74
C LEU B 114 22.75 -4.72 4.52
N GLY B 115 23.45 -5.51 5.35
CA GLY B 115 23.45 -6.96 5.19
C GLY B 115 24.57 -7.41 4.26
N PRO B 116 24.58 -8.68 3.84
CA PRO B 116 25.64 -9.21 2.95
C PRO B 116 25.82 -8.44 1.63
N ALA B 117 27.08 -8.22 1.25
CA ALA B 117 27.40 -7.51 0.02
C ALA B 117 27.97 -8.48 -1.00
N ASP B 118 28.16 -9.73 -0.57
CA ASP B 118 28.74 -10.75 -1.44
C ASP B 118 28.10 -10.80 -2.83
N GLY B 119 28.95 -10.62 -3.85
CA GLY B 119 28.50 -10.64 -5.22
C GLY B 119 27.93 -9.33 -5.73
N MET B 120 28.09 -8.26 -4.94
CA MET B 120 27.57 -6.95 -5.33
C MET B 120 28.63 -6.01 -5.92
N VAL B 121 29.90 -6.36 -5.76
CA VAL B 121 30.96 -5.52 -6.31
C VAL B 121 30.87 -5.49 -7.83
N SER B 122 30.62 -6.64 -8.44
CA SER B 122 30.50 -6.73 -9.89
C SER B 122 29.43 -5.79 -10.43
N LYS B 123 28.59 -5.26 -9.53
CA LYS B 123 27.52 -4.36 -9.94
C LYS B 123 27.69 -2.89 -9.59
N GLY B 124 28.91 -2.47 -9.25
CA GLY B 124 29.14 -1.07 -8.92
C GLY B 124 29.18 -0.72 -7.45
N TRP B 125 28.83 -1.66 -6.57
CA TRP B 125 28.86 -1.41 -5.13
C TRP B 125 30.29 -1.52 -4.60
N ARG B 126 30.69 -0.61 -3.72
CA ARG B 126 32.04 -0.70 -3.17
C ARG B 126 32.00 -0.94 -1.67
N LEU B 127 32.81 -1.90 -1.22
CA LEU B 127 32.91 -2.28 0.19
C LEU B 127 33.46 -1.15 1.07
N LEU B 128 32.85 -0.98 2.23
CA LEU B 128 33.23 0.08 3.18
C LEU B 128 34.16 -0.36 4.32
N SER C 2 19.37 -16.38 49.24
CA SER C 2 19.58 -16.81 47.83
C SER C 2 18.70 -16.00 46.86
N HIS C 3 17.40 -15.94 47.16
CA HIS C 3 16.45 -15.22 46.32
C HIS C 3 16.81 -13.74 46.13
N MET C 4 17.33 -13.11 47.18
CA MET C 4 17.69 -11.70 47.12
C MET C 4 18.98 -11.40 46.34
N GLN C 5 19.71 -12.43 45.94
CA GLN C 5 20.94 -12.21 45.18
C GLN C 5 20.75 -12.31 43.68
N ALA C 6 19.58 -12.82 43.28
CA ALA C 6 19.21 -12.97 41.88
C ALA C 6 20.36 -13.40 40.96
N SER C 7 21.01 -14.48 41.33
CA SER C 7 22.10 -15.01 40.53
C SER C 7 21.58 -16.12 39.64
N LEU C 8 22.02 -16.12 38.39
CA LEU C 8 21.63 -17.16 37.45
C LEU C 8 22.36 -18.47 37.82
N LEU C 9 23.30 -18.38 38.76
CA LEU C 9 24.06 -19.55 39.20
C LEU C 9 23.95 -19.81 40.71
N LYS C 10 23.76 -21.07 41.08
CA LYS C 10 23.68 -21.43 42.49
C LYS C 10 25.09 -21.58 43.03
N VAL C 11 25.79 -20.46 43.10
CA VAL C 11 27.15 -20.41 43.58
C VAL C 11 27.20 -19.25 44.56
N PRO C 12 27.85 -19.44 45.71
CA PRO C 12 27.93 -18.34 46.69
C PRO C 12 28.51 -17.07 46.04
N TYR C 13 27.95 -15.91 46.36
CA TYR C 13 28.43 -14.64 45.81
C TYR C 13 29.97 -14.50 45.91
N PHE C 14 30.51 -14.72 47.10
CA PHE C 14 31.95 -14.60 47.32
C PHE C 14 32.76 -15.44 46.34
N VAL C 15 32.24 -16.64 46.05
CA VAL C 15 32.92 -17.54 45.13
C VAL C 15 32.79 -17.07 43.68
N ARG C 16 31.62 -16.56 43.31
CA ARG C 16 31.41 -16.07 41.94
C ARG C 16 32.37 -14.92 41.62
N VAL C 17 32.55 -14.00 42.57
CA VAL C 17 33.45 -12.87 42.38
C VAL C 17 34.88 -13.36 42.21
N GLN C 18 35.29 -14.29 43.08
CA GLN C 18 36.63 -14.84 42.99
C GLN C 18 36.84 -15.44 41.61
N GLY C 19 35.85 -16.19 41.13
CA GLY C 19 35.97 -16.79 39.81
C GLY C 19 36.05 -15.76 38.69
N LEU C 20 35.21 -14.74 38.77
CA LEU C 20 35.21 -13.69 37.76
C LEU C 20 36.52 -12.91 37.73
N LEU C 21 37.02 -12.54 38.91
CA LEU C 21 38.27 -11.78 38.99
C LEU C 21 39.46 -12.59 38.53
N ARG C 22 39.40 -13.90 38.69
CA ARG C 22 40.49 -14.76 38.23
C ARG C 22 40.58 -14.68 36.71
N ILE C 23 39.44 -14.63 36.04
CA ILE C 23 39.46 -14.52 34.59
C ILE C 23 40.03 -13.13 34.27
N CYS C 24 39.60 -12.12 35.02
CA CYS C 24 40.08 -10.76 34.81
C CYS C 24 41.60 -10.63 34.93
N ALA C 25 42.18 -11.31 35.94
CA ALA C 25 43.63 -11.27 36.16
C ALA C 25 44.42 -11.70 34.91
N LEU C 26 43.87 -12.62 34.15
CA LEU C 26 44.53 -13.08 32.93
C LEU C 26 44.86 -11.93 31.95
N ALA C 27 44.07 -10.87 31.99
CA ALA C 27 44.29 -9.75 31.08
C ALA C 27 44.83 -8.51 31.80
N ARG C 28 45.18 -8.66 33.06
CA ARG C 28 45.67 -7.53 33.82
C ARG C 28 46.85 -6.81 33.18
N LYS C 29 47.71 -7.54 32.48
CA LYS C 29 48.88 -6.91 31.88
C LYS C 29 49.09 -7.12 30.40
N ILE C 30 48.01 -7.15 29.62
CA ILE C 30 48.17 -7.32 28.18
C ILE C 30 47.68 -6.04 27.51
N ALA C 31 48.09 -5.85 26.26
CA ALA C 31 47.66 -4.67 25.53
C ALA C 31 46.16 -4.87 25.35
N GLY C 32 45.37 -3.85 25.65
CA GLY C 32 43.93 -3.97 25.54
C GLY C 32 43.29 -4.67 26.73
N GLY C 33 44.10 -5.05 27.70
CA GLY C 33 43.60 -5.73 28.89
C GLY C 33 42.41 -5.05 29.56
N HIS C 34 42.40 -3.72 29.59
CA HIS C 34 41.30 -3.01 30.21
C HIS C 34 39.96 -3.20 29.45
N TYR C 35 40.03 -3.35 28.13
CA TYR C 35 38.83 -3.57 27.31
C TYR C 35 38.31 -4.98 27.57
N VAL C 36 39.21 -5.92 27.81
CA VAL C 36 38.79 -7.29 28.07
C VAL C 36 38.20 -7.44 29.47
N GLN C 37 38.83 -6.85 30.48
CA GLN C 37 38.30 -6.95 31.85
C GLN C 37 36.91 -6.33 31.86
N MET C 38 36.73 -5.25 31.11
CA MET C 38 35.43 -4.60 31.03
C MET C 38 34.39 -5.58 30.49
N ALA C 39 34.73 -6.26 29.41
CA ALA C 39 33.81 -7.22 28.81
C ALA C 39 33.48 -8.34 29.81
N ILE C 40 34.50 -8.88 30.45
CA ILE C 40 34.32 -9.94 31.43
C ILE C 40 33.38 -9.48 32.55
N ILE C 41 33.61 -8.28 33.05
CA ILE C 41 32.79 -7.73 34.13
C ILE C 41 31.32 -7.45 33.74
N LYS C 42 31.08 -6.95 32.52
CA LYS C 42 29.71 -6.69 32.08
C LYS C 42 29.02 -8.05 31.87
N LEU C 43 29.82 -9.04 31.53
CA LEU C 43 29.34 -10.40 31.34
C LEU C 43 28.89 -10.86 32.73
N GLY C 44 29.73 -10.57 33.73
CA GLY C 44 29.40 -10.94 35.09
C GLY C 44 28.11 -10.31 35.55
N ALA C 45 27.89 -9.07 35.16
CA ALA C 45 26.69 -8.35 35.53
C ALA C 45 25.45 -9.08 34.99
N LEU C 46 25.49 -9.46 33.71
CA LEU C 46 24.36 -10.18 33.10
C LEU C 46 24.08 -11.46 33.89
N THR C 47 25.10 -11.92 34.58
CA THR C 47 25.07 -13.15 35.38
C THR C 47 24.45 -12.95 36.76
N GLY C 48 24.48 -11.71 37.24
CA GLY C 48 23.98 -11.41 38.57
C GLY C 48 25.16 -11.29 39.52
N THR C 49 26.34 -10.99 38.99
CA THR C 49 27.54 -10.85 39.81
C THR C 49 28.23 -9.50 39.61
N TYR C 50 28.18 -8.65 40.63
CA TYR C 50 28.82 -7.34 40.60
C TYR C 50 30.03 -7.34 41.53
N VAL C 51 31.06 -6.56 41.19
CA VAL C 51 32.26 -6.48 42.02
C VAL C 51 32.38 -5.06 42.62
N TYR C 52 32.79 -4.98 43.89
CA TYR C 52 32.91 -3.72 44.61
C TYR C 52 34.35 -3.41 45.05
N ASN C 53 34.84 -2.22 44.72
CA ASN C 53 36.20 -1.82 45.09
C ASN C 53 36.50 -2.02 46.58
N HIS C 54 35.56 -1.67 47.46
CA HIS C 54 35.82 -1.83 48.90
C HIS C 54 35.95 -3.27 49.39
N LEU C 55 35.49 -4.22 48.59
CA LEU C 55 35.58 -5.64 48.95
C LEU C 55 36.75 -6.32 48.22
N THR C 56 36.93 -6.01 46.94
CA THR C 56 38.02 -6.57 46.16
C THR C 56 38.63 -5.42 45.37
N PRO C 57 39.50 -4.63 46.04
CA PRO C 57 40.20 -3.46 45.49
C PRO C 57 40.74 -3.63 44.07
N LEU C 58 40.44 -2.67 43.19
CA LEU C 58 40.95 -2.72 41.82
C LEU C 58 42.47 -2.85 41.89
N ARG C 59 43.04 -2.36 42.99
CA ARG C 59 44.47 -2.41 43.25
C ARG C 59 45.06 -3.81 43.10
N ASP C 60 44.31 -4.84 43.49
CA ASP C 60 44.80 -6.22 43.42
C ASP C 60 44.53 -6.98 42.11
N TRP C 61 43.91 -6.35 41.12
CA TRP C 61 43.62 -7.12 39.90
C TRP C 61 43.33 -6.34 38.63
N ALA C 62 42.96 -5.08 38.75
CA ALA C 62 42.63 -4.30 37.56
C ALA C 62 43.81 -3.89 36.67
N HIS C 63 43.54 -3.86 35.38
CA HIS C 63 44.51 -3.43 34.37
C HIS C 63 44.65 -1.91 34.58
N ASN C 64 45.84 -1.35 34.35
CA ASN C 64 46.03 0.11 34.53
C ASN C 64 44.91 0.98 33.97
N GLY C 65 44.36 0.61 32.83
CA GLY C 65 43.30 1.41 32.22
C GLY C 65 41.85 1.20 32.62
N LEU C 66 41.57 0.17 33.42
CA LEU C 66 40.20 -0.09 33.83
C LEU C 66 39.59 1.06 34.61
N ARG C 67 40.36 1.65 35.52
CA ARG C 67 39.86 2.74 36.34
C ARG C 67 39.17 3.85 35.57
N ASP C 68 39.86 4.44 34.60
CA ASP C 68 39.26 5.52 33.85
C ASP C 68 38.17 5.09 32.85
N LEU C 69 37.98 3.79 32.70
CA LEU C 69 36.93 3.28 31.82
C LEU C 69 35.62 3.16 32.58
N ALA C 70 35.73 2.91 33.88
CA ALA C 70 34.58 2.75 34.73
C ALA C 70 33.94 4.08 35.05
N VAL C 71 32.63 4.06 35.21
CA VAL C 71 31.87 5.24 35.55
C VAL C 71 31.67 5.26 37.07
N ALA C 72 31.86 4.10 37.69
CA ALA C 72 31.72 3.90 39.15
C ALA C 72 32.39 2.56 39.52
N VAL C 73 32.77 2.39 40.79
CA VAL C 73 33.41 1.14 41.23
C VAL C 73 32.77 0.55 42.49
N GLU C 74 31.57 1.06 42.83
CA GLU C 74 30.79 0.59 43.98
C GLU C 74 29.32 0.38 43.55
N PRO C 75 29.03 -0.62 42.71
CA PRO C 75 29.94 -1.59 42.07
C PRO C 75 30.57 -1.06 40.78
N VAL C 76 31.45 -1.85 40.20
CA VAL C 76 32.09 -1.47 38.94
C VAL C 76 31.12 -1.56 37.75
N VAL C 77 30.76 -0.41 37.18
CA VAL C 77 29.88 -0.37 36.01
C VAL C 77 30.51 0.56 34.97
N PHE C 78 30.03 0.49 33.73
CA PHE C 78 30.62 1.30 32.68
C PHE C 78 29.61 2.16 31.95
N SER C 79 28.40 2.19 32.47
CA SER C 79 27.33 2.98 31.89
C SER C 79 26.54 3.56 33.03
N ARG C 80 25.66 4.51 32.70
CA ARG C 80 24.84 5.15 33.69
C ARG C 80 23.94 4.09 34.33
N MET C 81 23.94 4.04 35.64
CA MET C 81 23.09 3.11 36.38
C MET C 81 22.39 3.97 37.39
N GLU C 82 21.09 3.74 37.54
CA GLU C 82 20.30 4.50 38.48
C GLU C 82 20.68 4.17 39.93
N THR C 83 20.56 5.17 40.79
CA THR C 83 20.85 5.03 42.22
C THR C 83 19.55 5.34 42.95
N LYS C 84 18.94 4.31 43.53
CA LYS C 84 17.68 4.46 44.26
C LYS C 84 17.82 4.28 45.76
N LEU C 85 16.91 4.91 46.49
CA LEU C 85 16.88 4.85 47.94
C LEU C 85 15.63 4.09 48.37
N ILE C 86 15.80 3.01 49.11
CA ILE C 86 14.63 2.23 49.53
C ILE C 86 14.54 1.95 51.03
N THR C 87 13.30 1.80 51.48
CA THR C 87 13.00 1.47 52.87
C THR C 87 11.98 0.35 52.75
N TRP C 88 12.43 -0.88 52.92
CA TRP C 88 11.55 -2.02 52.80
C TRP C 88 11.92 -2.99 53.91
N GLY C 89 10.94 -3.76 54.36
CA GLY C 89 11.19 -4.72 55.42
C GLY C 89 9.91 -5.47 55.77
N ALA C 90 10.01 -6.36 56.76
CA ALA C 90 8.84 -7.13 57.19
C ALA C 90 7.68 -6.24 57.60
N ASP C 91 8.00 -5.08 58.18
CA ASP C 91 6.97 -4.15 58.65
C ASP C 91 6.39 -3.23 57.58
N THR C 92 6.96 -3.26 56.39
CA THR C 92 6.48 -2.39 55.32
C THR C 92 6.00 -3.18 54.09
N ALA C 93 6.37 -4.45 54.03
CA ALA C 93 5.99 -5.29 52.90
C ALA C 93 4.49 -5.31 52.73
N ALA C 94 4.01 -5.38 51.50
CA ALA C 94 2.57 -5.39 51.26
C ALA C 94 2.17 -5.87 49.87
N CYS C 95 0.97 -6.43 49.79
CA CYS C 95 0.45 -6.91 48.52
C CYS C 95 0.64 -5.76 47.54
N GLY C 96 1.17 -6.08 46.37
CA GLY C 96 1.45 -5.06 45.39
C GLY C 96 2.97 -5.02 45.20
N ASP C 97 3.70 -5.62 46.13
CA ASP C 97 5.15 -5.67 46.03
C ASP C 97 5.55 -6.93 45.24
N ILE C 98 6.63 -6.81 44.49
CA ILE C 98 7.13 -7.91 43.69
C ILE C 98 8.63 -7.91 43.88
N ILE C 99 9.16 -8.95 44.48
CA ILE C 99 10.60 -9.02 44.72
C ILE C 99 11.23 -10.06 43.80
N ASN C 100 12.20 -9.62 43.01
CA ASN C 100 12.89 -10.47 42.07
C ASN C 100 11.98 -11.53 41.42
N GLY C 101 10.87 -11.08 40.85
CA GLY C 101 9.98 -12.01 40.17
C GLY C 101 8.79 -12.55 40.94
N LEU C 102 8.88 -12.58 42.27
CA LEU C 102 7.78 -13.10 43.07
C LEU C 102 7.02 -12.02 43.85
N PRO C 103 5.68 -12.02 43.77
CA PRO C 103 4.84 -11.04 44.48
C PRO C 103 4.73 -11.34 45.98
N VAL C 104 4.66 -10.31 46.80
CA VAL C 104 4.55 -10.47 48.26
C VAL C 104 3.14 -10.91 48.65
N SER C 105 3.03 -12.00 49.41
CA SER C 105 1.72 -12.55 49.82
C SER C 105 1.37 -12.46 51.32
N ALA C 106 2.26 -12.96 52.18
CA ALA C 106 1.98 -12.96 53.61
C ALA C 106 3.16 -12.67 54.52
N ARG C 107 2.85 -12.51 55.80
CA ARG C 107 3.86 -12.24 56.80
C ARG C 107 3.65 -13.04 58.09
N ARG C 108 4.75 -13.60 58.61
CA ARG C 108 4.71 -14.33 59.88
C ARG C 108 6.00 -13.98 60.62
N GLY C 109 5.88 -13.14 61.64
CA GLY C 109 7.06 -12.74 62.38
C GLY C 109 7.93 -11.87 61.49
N GLN C 110 9.23 -12.11 61.50
CA GLN C 110 10.15 -11.34 60.68
C GLN C 110 10.26 -11.89 59.27
N GLU C 111 9.43 -12.88 58.95
CA GLU C 111 9.46 -13.47 57.63
C GLU C 111 8.37 -12.98 56.70
N ILE C 112 8.67 -12.99 55.41
CA ILE C 112 7.73 -12.57 54.38
C ILE C 112 7.60 -13.68 53.34
N LEU C 113 6.38 -13.92 52.87
CA LEU C 113 6.14 -14.94 51.85
C LEU C 113 6.00 -14.33 50.47
N LEU C 114 6.65 -14.95 49.49
CA LEU C 114 6.59 -14.44 48.12
C LEU C 114 5.64 -15.24 47.22
N GLY C 115 5.76 -16.56 47.19
CA GLY C 115 4.87 -17.32 46.32
C GLY C 115 3.41 -17.26 46.75
N PRO C 116 2.55 -18.13 46.21
CA PRO C 116 1.13 -18.15 46.58
C PRO C 116 1.01 -18.47 48.07
N ALA C 117 0.10 -17.80 48.76
CA ALA C 117 -0.09 -18.00 50.20
C ALA C 117 -1.27 -18.92 50.54
N ASP C 118 -1.85 -19.57 49.54
CA ASP C 118 -2.99 -20.46 49.75
C ASP C 118 -2.69 -21.53 50.79
N GLY C 119 -3.57 -21.65 51.78
CA GLY C 119 -3.39 -22.64 52.83
C GLY C 119 -2.29 -22.37 53.84
N MET C 120 -1.82 -21.13 53.90
CA MET C 120 -0.76 -20.76 54.84
C MET C 120 -1.32 -20.05 56.07
N VAL C 121 -2.51 -19.44 55.93
CA VAL C 121 -3.13 -18.74 57.05
C VAL C 121 -3.26 -19.74 58.19
N SER C 122 -3.57 -20.97 57.82
CA SER C 122 -3.73 -22.08 58.75
C SER C 122 -2.48 -22.28 59.60
N LYS C 123 -1.35 -21.76 59.14
CA LYS C 123 -0.07 -21.90 59.85
C LYS C 123 0.41 -20.62 60.52
N GLY C 124 -0.45 -19.64 60.66
CA GLY C 124 -0.06 -18.41 61.32
C GLY C 124 0.36 -17.25 60.44
N TRP C 125 0.33 -17.46 59.13
CA TRP C 125 0.70 -16.37 58.23
C TRP C 125 -0.47 -15.41 58.07
N ARG C 126 -0.15 -14.14 57.90
CA ARG C 126 -1.14 -13.09 57.74
C ARG C 126 -1.04 -12.57 56.31
N LEU C 127 -2.13 -12.66 55.56
CA LEU C 127 -2.13 -12.18 54.19
C LEU C 127 -1.92 -10.67 54.27
N LEU C 128 -0.92 -10.17 53.55
CA LEU C 128 -0.60 -8.75 53.55
C LEU C 128 -1.46 -7.94 52.59
N SER D 2 7.71 2.48 44.93
CA SER D 2 7.54 2.29 43.46
C SER D 2 8.53 1.28 42.91
N HIS D 3 9.76 1.30 43.39
CA HIS D 3 10.75 0.37 42.90
C HIS D 3 10.48 -1.07 43.36
N MET D 4 9.85 -1.22 44.51
CA MET D 4 9.57 -2.56 45.04
C MET D 4 8.32 -3.18 44.40
N GLN D 5 7.59 -2.37 43.62
CA GLN D 5 6.37 -2.83 42.98
C GLN D 5 6.60 -3.51 41.63
N ALA D 6 7.76 -3.25 41.02
CA ALA D 6 8.12 -3.87 39.74
C ALA D 6 7.00 -3.80 38.69
N SER D 7 6.38 -2.64 38.57
CA SER D 7 5.32 -2.45 37.59
C SER D 7 5.85 -1.72 36.36
N LEU D 8 5.46 -2.19 35.18
CA LEU D 8 5.89 -1.57 33.93
C LEU D 8 5.15 -0.25 33.76
N LEU D 9 4.06 -0.08 34.51
CA LEU D 9 3.25 1.12 34.46
C LEU D 9 3.37 1.93 35.74
N LYS D 10 3.59 3.24 35.60
CA LYS D 10 3.71 4.11 36.77
C LYS D 10 2.33 4.56 37.20
N VAL D 11 1.56 3.60 37.71
CA VAL D 11 0.20 3.82 38.18
C VAL D 11 0.11 3.14 39.55
N PRO D 12 -0.59 3.76 40.52
CA PRO D 12 -0.71 3.15 41.85
C PRO D 12 -1.29 1.73 41.78
N TYR D 13 -0.79 0.84 42.63
CA TYR D 13 -1.25 -0.54 42.64
C TYR D 13 -2.77 -0.67 42.61
N PHE D 14 -3.45 -0.07 43.59
CA PHE D 14 -4.90 -0.13 43.69
C PHE D 14 -5.62 0.21 42.39
N VAL D 15 -5.16 1.23 41.68
CA VAL D 15 -5.79 1.64 40.43
C VAL D 15 -5.61 0.55 39.37
N ARG D 16 -4.37 0.06 39.24
CA ARG D 16 -4.06 -0.99 38.29
C ARG D 16 -4.95 -2.21 38.46
N VAL D 17 -5.13 -2.66 39.71
CA VAL D 17 -5.98 -3.81 39.97
C VAL D 17 -7.41 -3.52 39.55
N GLN D 18 -7.87 -2.30 39.83
CA GLN D 18 -9.22 -1.85 39.49
C GLN D 18 -9.48 -1.89 37.99
N GLY D 19 -8.57 -1.26 37.23
CA GLY D 19 -8.72 -1.25 35.78
C GLY D 19 -8.70 -2.66 35.22
N LEU D 20 -7.94 -3.54 35.86
CA LEU D 20 -7.82 -4.91 35.39
C LEU D 20 -9.11 -5.69 35.65
N LEU D 21 -9.71 -5.46 36.81
CA LEU D 21 -10.95 -6.15 37.17
C LEU D 21 -12.15 -5.60 36.41
N ARG D 22 -12.03 -4.37 35.92
CA ARG D 22 -13.11 -3.76 35.17
C ARG D 22 -13.26 -4.48 33.83
N ILE D 23 -12.11 -4.75 33.19
CA ILE D 23 -12.09 -5.45 31.91
C ILE D 23 -12.61 -6.86 32.13
N CYS D 24 -12.19 -7.48 33.23
CA CYS D 24 -12.62 -8.84 33.56
C CYS D 24 -14.13 -8.97 33.71
N ALA D 25 -14.74 -7.96 34.34
CA ALA D 25 -16.18 -7.97 34.57
C ALA D 25 -16.97 -8.06 33.27
N LEU D 26 -16.38 -7.57 32.18
CA LEU D 26 -17.05 -7.60 30.89
C LEU D 26 -17.32 -9.03 30.45
N ALA D 27 -16.45 -9.95 30.87
CA ALA D 27 -16.61 -11.35 30.50
C ALA D 27 -17.16 -12.22 31.61
N ARG D 28 -17.60 -11.60 32.70
CA ARG D 28 -18.15 -12.33 33.83
C ARG D 28 -19.30 -13.22 33.37
N LYS D 29 -20.16 -12.65 32.53
CA LYS D 29 -21.28 -13.39 31.96
C LYS D 29 -20.95 -13.39 30.47
N ILE D 30 -20.55 -14.56 29.97
CA ILE D 30 -20.19 -14.69 28.57
C ILE D 30 -19.64 -16.11 28.39
N ALA D 31 -20.00 -16.75 27.27
CA ALA D 31 -19.54 -18.10 27.00
C ALA D 31 -18.01 -18.10 26.97
N GLY D 32 -17.40 -19.05 27.68
CA GLY D 32 -15.95 -19.10 27.73
C GLY D 32 -15.39 -17.80 28.29
N GLY D 33 -16.14 -17.16 29.17
CA GLY D 33 -15.71 -15.91 29.77
C GLY D 33 -14.62 -16.13 30.80
N HIS D 34 -14.48 -17.37 31.24
CA HIS D 34 -13.44 -17.68 32.20
C HIS D 34 -12.10 -17.70 31.49
N TYR D 35 -12.07 -18.36 30.32
CA TYR D 35 -10.86 -18.41 29.52
C TYR D 35 -10.38 -16.98 29.27
N VAL D 36 -11.32 -16.08 29.02
CA VAL D 36 -11.01 -14.68 28.75
C VAL D 36 -10.41 -13.95 29.95
N GLN D 37 -10.95 -14.18 31.14
CA GLN D 37 -10.45 -13.52 32.35
C GLN D 37 -9.04 -13.99 32.67
N MET D 38 -8.81 -15.27 32.39
CA MET D 38 -7.50 -15.86 32.64
C MET D 38 -6.47 -15.15 31.80
N ALA D 39 -6.82 -14.87 30.53
CA ALA D 39 -5.92 -14.17 29.62
C ALA D 39 -5.62 -12.75 30.09
N ILE D 40 -6.65 -12.05 30.56
CA ILE D 40 -6.49 -10.68 31.04
C ILE D 40 -5.62 -10.64 32.30
N ILE D 41 -5.92 -11.51 33.25
CA ILE D 41 -5.16 -11.61 34.49
C ILE D 41 -3.71 -11.97 34.19
N LYS D 42 -3.50 -12.95 33.31
CA LYS D 42 -2.14 -13.34 32.95
C LYS D 42 -1.40 -12.14 32.36
N LEU D 43 -2.10 -11.33 31.56
CA LEU D 43 -1.47 -10.15 30.96
C LEU D 43 -1.08 -9.16 32.05
N GLY D 44 -1.89 -9.09 33.10
CA GLY D 44 -1.62 -8.18 34.19
C GLY D 44 -0.32 -8.58 34.87
N ALA D 45 -0.11 -9.89 34.96
CA ALA D 45 1.08 -10.45 35.58
C ALA D 45 2.34 -10.06 34.81
N LEU D 46 2.21 -9.88 33.50
CA LEU D 46 3.36 -9.50 32.67
C LEU D 46 3.74 -8.05 32.94
N THR D 47 2.75 -7.24 33.31
CA THR D 47 3.00 -5.83 33.59
C THR D 47 3.29 -5.56 35.07
N GLY D 48 3.35 -6.62 35.88
CA GLY D 48 3.63 -6.45 37.30
C GLY D 48 2.40 -6.12 38.16
N THR D 49 1.26 -6.68 37.80
CA THR D 49 0.01 -6.44 38.54
C THR D 49 -0.63 -7.76 38.93
N TYR D 50 -0.65 -8.08 40.22
CA TYR D 50 -1.27 -9.32 40.67
C TYR D 50 -2.57 -9.05 41.42
N VAL D 51 -3.48 -10.04 41.40
CA VAL D 51 -4.76 -9.92 42.08
C VAL D 51 -4.91 -10.94 43.21
N TYR D 52 -5.29 -10.43 44.38
CA TYR D 52 -5.47 -11.28 45.55
C TYR D 52 -6.95 -11.38 45.94
N ASN D 53 -7.43 -12.62 46.07
CA ASN D 53 -8.82 -12.87 46.44
C ASN D 53 -9.21 -12.21 47.76
N HIS D 54 -8.30 -12.18 48.73
CA HIS D 54 -8.63 -11.57 50.02
C HIS D 54 -8.75 -10.05 49.94
N LEU D 55 -8.26 -9.47 48.84
CA LEU D 55 -8.33 -8.02 48.63
C LEU D 55 -9.46 -7.67 47.65
N THR D 56 -9.72 -8.59 46.72
CA THR D 56 -10.77 -8.42 45.72
C THR D 56 -11.27 -9.82 45.42
N PRO D 57 -12.20 -10.33 46.25
CA PRO D 57 -12.81 -11.66 46.13
C PRO D 57 -13.31 -12.03 44.75
N LEU D 58 -12.87 -13.18 44.26
CA LEU D 58 -13.28 -13.67 42.96
C LEU D 58 -14.81 -13.69 42.86
N ARG D 59 -15.46 -13.98 43.98
CA ARG D 59 -16.93 -14.04 44.02
C ARG D 59 -17.62 -12.73 43.66
N ASP D 60 -16.86 -11.64 43.55
CA ASP D 60 -17.45 -10.34 43.22
C ASP D 60 -17.19 -9.85 41.80
N TRP D 61 -16.42 -10.61 41.02
CA TRP D 61 -16.12 -10.19 39.65
C TRP D 61 -15.82 -11.34 38.70
N ALA D 62 -15.37 -12.46 39.25
CA ALA D 62 -15.03 -13.62 38.43
C ALA D 62 -16.19 -14.33 37.75
N HIS D 63 -15.83 -15.13 36.76
CA HIS D 63 -16.77 -15.92 36.00
C HIS D 63 -16.80 -17.26 36.74
N ASN D 64 -17.95 -17.93 36.73
CA ASN D 64 -18.13 -19.19 37.43
C ASN D 64 -17.07 -20.25 37.13
N GLY D 65 -16.50 -20.23 35.94
CA GLY D 65 -15.49 -21.23 35.59
C GLY D 65 -14.05 -20.80 35.84
N LEU D 66 -13.86 -19.70 36.55
CA LEU D 66 -12.52 -19.17 36.81
C LEU D 66 -11.71 -19.90 37.89
N ARG D 67 -12.28 -20.08 39.08
CA ARG D 67 -11.56 -20.75 40.17
C ARG D 67 -11.04 -22.12 39.78
N ASP D 68 -11.74 -22.80 38.86
CA ASP D 68 -11.31 -24.13 38.43
C ASP D 68 -10.04 -24.05 37.58
N LEU D 69 -9.85 -22.90 36.92
CA LEU D 69 -8.67 -22.70 36.08
C LEU D 69 -7.47 -22.30 36.93
N ALA D 70 -7.72 -21.49 37.96
CA ALA D 70 -6.66 -21.04 38.84
C ALA D 70 -6.16 -22.15 39.75
N VAL D 71 -4.86 -22.19 39.98
CA VAL D 71 -4.26 -23.18 40.85
C VAL D 71 -3.98 -22.53 42.21
N ALA D 72 -4.19 -21.22 42.27
CA ALA D 72 -3.99 -20.44 43.48
C ALA D 72 -4.71 -19.11 43.32
N VAL D 73 -5.16 -18.55 44.44
CA VAL D 73 -5.89 -17.29 44.41
C VAL D 73 -5.28 -16.22 45.33
N GLU D 74 -4.14 -16.55 45.94
CA GLU D 74 -3.44 -15.62 46.81
C GLU D 74 -1.96 -15.56 46.41
N PRO D 75 -1.66 -14.97 45.25
CA PRO D 75 -2.60 -14.36 44.30
C PRO D 75 -3.05 -15.32 43.20
N VAL D 76 -3.92 -14.83 42.31
CA VAL D 76 -4.42 -15.66 41.23
C VAL D 76 -3.37 -15.97 40.17
N VAL D 77 -3.05 -17.25 40.01
CA VAL D 77 -2.09 -17.71 39.00
C VAL D 77 -2.65 -18.99 38.39
N PHE D 78 -2.28 -19.25 37.15
CA PHE D 78 -2.79 -20.41 36.45
C PHE D 78 -1.78 -21.51 36.20
N SER D 79 -0.59 -21.36 36.77
CA SER D 79 0.47 -22.34 36.63
C SER D 79 1.26 -22.42 37.94
N ARG D 80 2.14 -23.40 38.01
CA ARG D 80 2.98 -23.62 39.17
C ARG D 80 3.90 -22.42 39.43
N MET D 81 3.77 -21.82 40.61
CA MET D 81 4.63 -20.71 41.01
C MET D 81 5.18 -21.11 42.37
N GLU D 82 6.48 -20.95 42.56
CA GLU D 82 7.04 -21.35 43.83
C GLU D 82 6.78 -20.37 44.95
N THR D 83 6.80 -20.90 46.17
CA THR D 83 6.57 -20.14 47.38
C THR D 83 7.92 -20.02 48.07
N LYS D 84 8.34 -18.80 48.33
CA LYS D 84 9.63 -18.59 48.99
C LYS D 84 9.52 -17.78 50.28
N LEU D 85 10.32 -18.18 51.25
CA LEU D 85 10.36 -17.52 52.55
C LEU D 85 11.57 -16.60 52.60
N ILE D 86 11.37 -15.30 52.81
CA ILE D 86 12.51 -14.41 52.87
C ILE D 86 12.54 -13.58 54.13
N THR D 87 13.75 -13.33 54.60
CA THR D 87 14.01 -12.51 55.76
C THR D 87 15.06 -11.55 55.22
N TRP D 88 14.66 -10.30 55.03
CA TRP D 88 15.56 -9.31 54.48
C TRP D 88 15.13 -7.94 54.94
N GLY D 89 16.09 -7.13 55.35
CA GLY D 89 15.83 -5.79 55.83
C GLY D 89 17.11 -4.97 55.91
N ALA D 90 17.00 -3.72 56.34
CA ALA D 90 18.19 -2.87 56.45
C ALA D 90 19.31 -3.53 57.24
N ASP D 91 18.94 -4.30 58.27
CA ASP D 91 19.92 -4.96 59.12
C ASP D 91 20.58 -6.20 58.52
N THR D 92 20.05 -6.70 57.41
CA THR D 92 20.63 -7.88 56.76
C THR D 92 21.11 -7.69 55.33
N ALA D 93 20.92 -6.50 54.77
CA ALA D 93 21.35 -6.22 53.40
C ALA D 93 22.86 -6.23 53.25
N ALA D 94 23.34 -6.88 52.20
CA ALA D 94 24.77 -6.95 51.96
C ALA D 94 25.06 -6.91 50.47
N CYS D 95 26.26 -6.49 50.12
CA CYS D 95 26.68 -6.46 48.73
C CYS D 95 26.50 -7.88 48.22
N GLY D 96 26.07 -8.01 46.97
CA GLY D 96 25.82 -9.31 46.41
C GLY D 96 24.32 -9.46 46.27
N ASP D 97 23.57 -8.62 46.98
CA ASP D 97 22.11 -8.65 46.88
C ASP D 97 21.75 -7.76 45.70
N ILE D 98 20.72 -8.17 44.96
CA ILE D 98 20.23 -7.42 43.82
C ILE D 98 18.70 -7.41 43.94
N ILE D 99 18.14 -6.21 44.12
CA ILE D 99 16.70 -6.06 44.28
C ILE D 99 16.08 -5.47 43.01
N ASN D 100 15.20 -6.26 42.39
CA ASN D 100 14.52 -5.84 41.17
C ASN D 100 15.43 -5.14 40.14
N GLY D 101 16.54 -5.79 39.81
CA GLY D 101 17.46 -5.23 38.82
C GLY D 101 18.64 -4.36 39.27
N LEU D 102 18.67 -3.93 40.52
CA LEU D 102 19.76 -3.08 40.99
C LEU D 102 20.51 -3.64 42.19
N PRO D 103 21.85 -3.58 42.16
CA PRO D 103 22.72 -4.07 43.24
C PRO D 103 22.65 -3.22 44.50
N VAL D 104 22.72 -3.89 45.66
CA VAL D 104 22.70 -3.21 46.95
C VAL D 104 24.14 -2.74 47.20
N SER D 105 24.34 -1.46 47.50
CA SER D 105 25.69 -0.96 47.70
C SER D 105 25.95 -0.25 49.03
N ALA D 106 24.92 0.27 49.67
CA ALA D 106 25.15 0.99 50.92
C ALA D 106 23.96 1.10 51.85
N ARG D 107 24.24 1.54 53.07
CA ARG D 107 23.21 1.70 54.09
C ARG D 107 23.36 3.00 54.90
N ARG D 108 22.22 3.56 55.30
CA ARG D 108 22.16 4.76 56.12
C ARG D 108 20.94 4.60 57.01
N GLY D 109 21.11 3.91 58.13
CA GLY D 109 20.00 3.68 59.04
C GLY D 109 19.02 2.67 58.46
N GLN D 110 17.77 3.09 58.30
CA GLN D 110 16.74 2.22 57.77
C GLN D 110 16.72 2.17 56.24
N GLU D 111 17.44 3.09 55.61
CA GLU D 111 17.48 3.14 54.17
C GLU D 111 18.60 2.31 53.55
N ILE D 112 18.29 1.71 52.40
CA ILE D 112 19.26 0.91 51.67
C ILE D 112 19.42 1.51 50.29
N LEU D 113 20.67 1.62 49.84
CA LEU D 113 20.98 2.19 48.53
C LEU D 113 21.14 1.11 47.46
N LEU D 114 20.49 1.33 46.32
CA LEU D 114 20.56 0.41 45.19
C LEU D 114 21.32 1.17 44.09
N GLY D 115 22.26 0.50 43.43
CA GLY D 115 23.06 1.16 42.40
C GLY D 115 24.35 1.75 42.95
N PRO D 116 25.16 2.40 42.11
CA PRO D 116 26.44 3.01 42.51
C PRO D 116 26.37 3.83 43.79
N ALA D 117 27.29 3.60 44.72
CA ALA D 117 27.32 4.34 45.97
C ALA D 117 28.43 5.39 45.95
N ASP D 118 29.15 5.45 44.83
CA ASP D 118 30.27 6.38 44.68
C ASP D 118 29.94 7.83 45.06
N GLY D 119 30.69 8.36 46.01
CA GLY D 119 30.51 9.73 46.47
C GLY D 119 29.46 9.89 47.56
N MET D 120 28.68 8.83 47.80
CA MET D 120 27.62 8.88 48.79
C MET D 120 28.08 8.77 50.25
N VAL D 121 29.35 8.48 50.47
CA VAL D 121 29.86 8.39 51.83
C VAL D 121 29.78 9.79 52.46
N SER D 122 30.04 10.81 51.63
CA SER D 122 30.01 12.21 52.05
C SER D 122 28.62 12.64 52.43
N LYS D 123 27.64 11.79 52.17
CA LYS D 123 26.26 12.11 52.50
C LYS D 123 25.78 11.24 53.65
N GLY D 124 26.74 10.61 54.34
CA GLY D 124 26.40 9.76 55.47
C GLY D 124 26.14 8.29 55.19
N TRP D 125 26.34 7.85 53.94
CA TRP D 125 26.11 6.44 53.63
C TRP D 125 27.30 5.57 54.00
N ARG D 126 27.04 4.30 54.25
CA ARG D 126 28.06 3.32 54.64
C ARG D 126 28.06 2.15 53.65
N LEU D 127 29.22 1.84 53.06
CA LEU D 127 29.32 0.74 52.10
C LEU D 127 29.08 -0.60 52.78
N LEU D 128 28.46 -1.54 52.07
CA LEU D 128 28.15 -2.85 52.63
C LEU D 128 29.02 -4.04 52.23
N SER E 2 17.38 -31.89 12.12
CA SER E 2 18.03 -30.62 12.55
C SER E 2 17.07 -29.69 13.28
N HIS E 3 15.91 -29.46 12.66
CA HIS E 3 14.91 -28.59 13.26
C HIS E 3 14.50 -29.10 14.63
N MET E 4 14.55 -30.42 14.81
CA MET E 4 14.16 -31.04 16.07
C MET E 4 15.22 -30.89 17.18
N GLN E 5 16.37 -30.34 16.82
CA GLN E 5 17.45 -30.17 17.79
C GLN E 5 17.49 -28.80 18.43
N ALA E 6 16.76 -27.84 17.85
CA ALA E 6 16.71 -26.47 18.37
C ALA E 6 18.06 -26.00 18.91
N SER E 7 19.11 -26.23 18.12
CA SER E 7 20.44 -25.82 18.51
C SER E 7 20.71 -24.41 17.95
N LEU E 8 21.37 -23.55 18.73
CA LEU E 8 21.68 -22.20 18.25
C LEU E 8 22.85 -22.29 17.26
N LEU E 9 23.46 -23.46 17.20
CA LEU E 9 24.60 -23.70 16.31
C LEU E 9 24.32 -24.87 15.37
N LYS E 10 24.62 -24.67 14.09
CA LYS E 10 24.45 -25.70 13.07
C LYS E 10 25.66 -26.61 13.15
N VAL E 11 25.72 -27.38 14.23
CA VAL E 11 26.80 -28.32 14.48
C VAL E 11 26.16 -29.61 14.96
N PRO E 12 26.68 -30.77 14.53
CA PRO E 12 26.13 -32.07 14.95
C PRO E 12 26.14 -32.20 16.48
N TYR E 13 25.04 -32.72 17.03
CA TYR E 13 24.88 -32.91 18.47
C TYR E 13 26.11 -33.56 19.14
N PHE E 14 26.59 -34.65 18.54
CA PHE E 14 27.76 -35.37 19.04
C PHE E 14 28.97 -34.44 19.20
N VAL E 15 29.20 -33.61 18.19
CA VAL E 15 30.34 -32.70 18.21
C VAL E 15 30.19 -31.59 19.25
N ARG E 16 28.98 -31.06 19.38
CA ARG E 16 28.72 -29.99 20.35
C ARG E 16 28.98 -30.48 21.79
N VAL E 17 28.55 -31.70 22.11
CA VAL E 17 28.78 -32.27 23.44
C VAL E 17 30.27 -32.52 23.70
N GLN E 18 30.98 -33.10 22.74
CA GLN E 18 32.40 -33.35 22.97
C GLN E 18 33.16 -32.03 23.11
N GLY E 19 32.67 -30.95 22.51
CA GLY E 19 33.33 -29.67 22.66
C GLY E 19 33.07 -29.16 24.08
N LEU E 20 31.80 -29.23 24.50
CA LEU E 20 31.38 -28.79 25.82
C LEU E 20 32.12 -29.51 26.96
N LEU E 21 32.19 -30.83 26.86
CA LEU E 21 32.86 -31.65 27.85
C LEU E 21 34.37 -31.47 27.86
N ARG E 22 34.96 -31.16 26.71
CA ARG E 22 36.39 -30.92 26.64
C ARG E 22 36.69 -29.71 27.53
N ILE E 23 35.82 -28.70 27.46
CA ILE E 23 35.98 -27.51 28.29
C ILE E 23 35.77 -27.89 29.75
N CYS E 24 34.67 -28.58 30.05
CA CYS E 24 34.38 -29.01 31.42
C CYS E 24 35.53 -29.79 32.03
N ALA E 25 36.19 -30.61 31.22
CA ALA E 25 37.30 -31.43 31.70
C ALA E 25 38.47 -30.63 32.29
N LEU E 26 38.57 -29.36 31.96
CA LEU E 26 39.64 -28.49 32.45
C LEU E 26 39.50 -28.12 33.93
N ALA E 27 38.28 -28.24 34.44
CA ALA E 27 37.99 -27.91 35.83
C ALA E 27 37.72 -29.15 36.64
N ARG E 28 38.01 -30.30 36.04
CA ARG E 28 37.74 -31.58 36.69
C ARG E 28 38.45 -31.84 38.02
N LYS E 29 39.64 -31.29 38.21
CA LYS E 29 40.36 -31.55 39.44
C LYS E 29 40.62 -30.36 40.35
N ILE E 30 40.20 -29.16 39.96
CA ILE E 30 40.43 -27.98 40.78
C ILE E 30 39.36 -27.74 41.83
N ALA E 31 39.74 -27.00 42.87
CA ALA E 31 38.83 -26.66 43.95
C ALA E 31 37.73 -25.79 43.36
N GLY E 32 36.49 -26.06 43.72
CA GLY E 32 35.39 -25.29 43.16
C GLY E 32 35.15 -25.63 41.70
N GLY E 33 35.80 -26.70 41.25
CA GLY E 33 35.65 -27.13 39.86
C GLY E 33 34.23 -27.51 39.50
N HIS E 34 33.48 -28.01 40.47
CA HIS E 34 32.10 -28.41 40.20
C HIS E 34 31.27 -27.19 39.86
N TYR E 35 31.55 -26.06 40.50
CA TYR E 35 30.83 -24.82 40.22
C TYR E 35 31.05 -24.38 38.76
N VAL E 36 32.28 -24.48 38.28
CA VAL E 36 32.55 -24.04 36.90
C VAL E 36 32.01 -25.02 35.84
N GLN E 37 32.01 -26.31 36.16
CA GLN E 37 31.46 -27.28 35.20
C GLN E 37 29.95 -26.97 35.15
N MET E 38 29.34 -26.74 36.32
CA MET E 38 27.93 -26.43 36.33
C MET E 38 27.68 -25.21 35.45
N ALA E 39 28.55 -24.22 35.58
CA ALA E 39 28.44 -22.99 34.78
C ALA E 39 28.51 -23.31 33.28
N ILE E 40 29.51 -24.08 32.88
CA ILE E 40 29.70 -24.47 31.49
C ILE E 40 28.52 -25.29 30.94
N ILE E 41 28.03 -26.26 31.70
CA ILE E 41 26.91 -27.08 31.25
C ILE E 41 25.64 -26.25 31.05
N LYS E 42 25.37 -25.31 31.95
CA LYS E 42 24.18 -24.46 31.83
C LYS E 42 24.22 -23.57 30.59
N LEU E 43 25.43 -23.15 30.19
CA LEU E 43 25.57 -22.34 28.99
C LEU E 43 25.27 -23.25 27.81
N GLY E 44 25.66 -24.51 27.94
CA GLY E 44 25.38 -25.47 26.89
C GLY E 44 23.88 -25.59 26.72
N ALA E 45 23.16 -25.68 27.83
CA ALA E 45 21.70 -25.81 27.79
C ALA E 45 21.09 -24.59 27.10
N LEU E 46 21.61 -23.41 27.43
CA LEU E 46 21.16 -22.14 26.86
C LEU E 46 21.37 -22.20 25.34
N THR E 47 22.37 -22.97 24.95
CA THR E 47 22.77 -23.14 23.55
C THR E 47 21.96 -24.19 22.79
N GLY E 48 21.28 -25.08 23.52
CA GLY E 48 20.50 -26.13 22.88
C GLY E 48 21.26 -27.45 22.93
N THR E 49 22.22 -27.54 23.84
CA THR E 49 23.02 -28.76 24.00
C THR E 49 22.90 -29.36 25.41
N TYR E 50 22.35 -30.57 25.50
CA TYR E 50 22.24 -31.25 26.80
C TYR E 50 23.17 -32.47 26.88
N VAL E 51 23.63 -32.78 28.08
CA VAL E 51 24.54 -33.90 28.30
C VAL E 51 23.87 -35.02 29.10
N TYR E 52 24.05 -36.26 28.65
CA TYR E 52 23.45 -37.44 29.29
C TYR E 52 24.50 -38.43 29.80
N ASN E 53 24.34 -38.83 31.06
CA ASN E 53 25.26 -39.78 31.69
C ASN E 53 25.42 -41.07 30.89
N HIS E 54 24.33 -41.64 30.37
CA HIS E 54 24.44 -42.89 29.62
C HIS E 54 25.15 -42.75 28.27
N LEU E 55 25.29 -41.52 27.79
CA LEU E 55 25.97 -41.28 26.53
C LEU E 55 27.42 -40.88 26.80
N THR E 56 27.61 -40.05 27.81
CA THR E 56 28.95 -39.60 28.20
C THR E 56 29.01 -39.63 29.74
N PRO E 57 29.31 -40.81 30.30
CA PRO E 57 29.41 -41.09 31.74
C PRO E 57 30.16 -40.03 32.52
N LEU E 58 29.55 -39.51 33.59
CA LEU E 58 30.20 -38.48 34.40
C LEU E 58 31.54 -38.96 34.97
N ARG E 59 31.68 -40.26 35.20
CA ARG E 59 32.92 -40.81 35.76
C ARG E 59 34.12 -40.55 34.88
N ASP E 60 33.88 -40.11 33.65
CA ASP E 60 34.99 -39.85 32.73
C ASP E 60 35.44 -38.40 32.69
N TRP E 61 34.62 -37.47 33.18
CA TRP E 61 34.97 -36.07 33.09
C TRP E 61 34.54 -35.16 34.22
N ALA E 62 33.60 -35.62 35.04
CA ALA E 62 33.06 -34.81 36.11
C ALA E 62 33.87 -34.65 37.37
N HIS E 63 33.84 -33.44 37.92
CA HIS E 63 34.52 -33.14 39.18
C HIS E 63 33.73 -33.92 40.25
N ASN E 64 34.39 -34.40 41.30
CA ASN E 64 33.69 -35.17 42.34
C ASN E 64 32.46 -34.47 42.92
N GLY E 65 32.38 -33.15 42.81
CA GLY E 65 31.24 -32.45 43.38
C GLY E 65 30.04 -32.14 42.49
N LEU E 66 30.18 -32.33 41.18
CA LEU E 66 29.08 -32.03 40.24
C LEU E 66 27.77 -32.66 40.68
N ARG E 67 27.85 -33.92 41.09
CA ARG E 67 26.67 -34.65 41.51
C ARG E 67 26.00 -34.05 42.78
N ASP E 68 26.73 -33.19 43.50
CA ASP E 68 26.16 -32.52 44.68
C ASP E 68 25.23 -31.40 44.19
N LEU E 69 25.53 -30.88 43.01
CA LEU E 69 24.76 -29.77 42.45
C LEU E 69 23.65 -30.21 41.51
N ALA E 70 23.90 -31.27 40.75
CA ALA E 70 22.93 -31.77 39.80
C ALA E 70 21.70 -32.44 40.43
N VAL E 71 20.53 -32.10 39.89
CA VAL E 71 19.26 -32.65 40.34
C VAL E 71 18.92 -33.91 39.56
N ALA E 72 19.62 -34.10 38.43
CA ALA E 72 19.42 -35.26 37.56
C ALA E 72 20.60 -35.30 36.58
N VAL E 73 20.80 -36.44 35.91
CA VAL E 73 21.90 -36.60 34.95
C VAL E 73 21.45 -37.18 33.59
N GLU E 74 20.14 -37.20 33.35
CA GLU E 74 19.60 -37.72 32.09
C GLU E 74 18.50 -36.80 31.59
N PRO E 75 18.87 -35.59 31.14
CA PRO E 75 20.24 -35.06 31.09
C PRO E 75 20.65 -34.34 32.39
N VAL E 76 21.88 -33.82 32.42
CA VAL E 76 22.37 -33.09 33.59
C VAL E 76 21.73 -31.72 33.71
N VAL E 77 21.00 -31.51 34.79
CA VAL E 77 20.33 -30.24 35.08
C VAL E 77 20.49 -29.91 36.57
N PHE E 78 20.38 -28.63 36.91
CA PHE E 78 20.62 -28.24 38.30
C PHE E 78 19.46 -27.55 38.95
N SER E 79 18.30 -27.68 38.33
CA SER E 79 17.09 -27.05 38.83
C SER E 79 15.92 -27.88 38.35
N ARG E 80 14.79 -27.80 39.05
CA ARG E 80 13.61 -28.55 38.67
C ARG E 80 13.33 -28.41 37.18
N MET E 81 13.03 -29.52 36.52
CA MET E 81 12.67 -29.51 35.10
C MET E 81 11.50 -30.46 34.96
N GLU E 82 10.45 -29.99 34.31
CA GLU E 82 9.27 -30.82 34.12
C GLU E 82 9.58 -32.03 33.24
N THR E 83 8.86 -33.11 33.51
CA THR E 83 9.01 -34.35 32.76
C THR E 83 7.65 -34.60 32.10
N LYS E 84 7.62 -34.52 30.77
CA LYS E 84 6.38 -34.72 30.02
C LYS E 84 6.44 -35.97 29.16
N LEU E 85 5.26 -36.56 28.94
CA LEU E 85 5.14 -37.76 28.13
C LEU E 85 4.35 -37.34 26.90
N ILE E 86 4.89 -37.55 25.71
CA ILE E 86 4.16 -37.16 24.51
C ILE E 86 3.98 -38.33 23.55
N THR E 87 2.91 -38.24 22.77
CA THR E 87 2.58 -39.24 21.78
C THR E 87 2.18 -38.41 20.57
N TRP E 88 3.17 -38.12 19.74
CA TRP E 88 2.98 -37.29 18.57
C TRP E 88 3.70 -37.91 17.37
N GLY E 89 3.10 -37.80 16.19
CA GLY E 89 3.70 -38.35 14.99
C GLY E 89 2.92 -37.89 13.78
N ALA E 90 3.34 -38.28 12.59
CA ALA E 90 2.64 -37.87 11.38
C ALA E 90 1.16 -38.25 11.44
N ASP E 91 0.87 -39.33 12.14
CA ASP E 91 -0.52 -39.81 12.28
C ASP E 91 -1.38 -38.94 13.18
N THR E 92 -0.76 -38.30 14.16
CA THR E 92 -1.49 -37.46 15.14
C THR E 92 -1.36 -35.96 14.90
N ALA E 93 -0.33 -35.53 14.17
CA ALA E 93 -0.12 -34.11 13.93
C ALA E 93 -1.32 -33.41 13.31
N ALA E 94 -1.71 -32.29 13.91
CA ALA E 94 -2.85 -31.53 13.43
C ALA E 94 -2.58 -30.02 13.49
N CYS E 95 -3.34 -29.25 12.72
CA CYS E 95 -3.21 -27.80 12.73
C CYS E 95 -3.44 -27.38 14.17
N GLY E 96 -2.68 -26.38 14.63
CA GLY E 96 -2.80 -25.95 16.02
C GLY E 96 -1.54 -26.40 16.74
N ASP E 97 -0.79 -27.31 16.13
CA ASP E 97 0.46 -27.78 16.71
C ASP E 97 1.53 -26.78 16.26
N ILE E 98 2.51 -26.53 17.12
CA ILE E 98 3.62 -25.64 16.79
C ILE E 98 4.88 -26.39 17.24
N ILE E 99 5.71 -26.77 16.28
CA ILE E 99 6.94 -27.51 16.54
C ILE E 99 8.18 -26.60 16.48
N ASN E 100 8.79 -26.37 17.65
CA ASN E 100 9.97 -25.53 17.75
C ASN E 100 9.81 -24.20 16.99
N GLY E 101 8.69 -23.53 17.21
CA GLY E 101 8.44 -22.25 16.58
C GLY E 101 7.72 -22.21 15.25
N LEU E 102 7.47 -23.37 14.62
CA LEU E 102 6.78 -23.38 13.33
C LEU E 102 5.48 -24.16 13.34
N PRO E 103 4.38 -23.54 12.88
CA PRO E 103 3.03 -24.13 12.82
C PRO E 103 3.00 -25.36 11.91
N VAL E 104 2.31 -26.41 12.35
CA VAL E 104 2.14 -27.62 11.54
C VAL E 104 1.09 -27.25 10.49
N SER E 105 1.35 -27.57 9.22
CA SER E 105 0.45 -27.22 8.11
C SER E 105 -0.13 -28.36 7.27
N ALA E 106 0.66 -29.40 7.03
CA ALA E 106 0.18 -30.48 6.19
C ALA E 106 0.90 -31.80 6.42
N ARG E 107 0.42 -32.82 5.72
CA ARG E 107 0.98 -34.16 5.81
C ARG E 107 1.09 -34.81 4.43
N ARG E 108 2.12 -35.64 4.27
CA ARG E 108 2.33 -36.37 3.02
C ARG E 108 3.07 -37.65 3.38
N GLY E 109 2.30 -38.66 3.78
CA GLY E 109 2.89 -39.93 4.17
C GLY E 109 3.41 -39.80 5.57
N GLN E 110 4.71 -40.05 5.75
CA GLN E 110 5.30 -39.94 7.08
C GLN E 110 5.92 -38.56 7.27
N GLU E 111 5.82 -37.72 6.24
CA GLU E 111 6.36 -36.38 6.29
C GLU E 111 5.34 -35.37 6.78
N ILE E 112 5.77 -34.49 7.68
CA ILE E 112 4.91 -33.45 8.22
C ILE E 112 5.50 -32.11 7.77
N LEU E 113 4.64 -31.18 7.39
CA LEU E 113 5.08 -29.87 6.92
C LEU E 113 4.90 -28.77 7.97
N LEU E 114 5.93 -27.95 8.15
CA LEU E 114 5.90 -26.83 9.10
C LEU E 114 5.99 -25.54 8.28
N GLY E 115 5.31 -24.48 8.73
CA GLY E 115 5.35 -23.24 7.98
C GLY E 115 4.19 -23.24 6.99
N PRO E 116 4.00 -22.18 6.20
CA PRO E 116 2.90 -22.09 5.23
C PRO E 116 2.78 -23.30 4.28
N ALA E 117 1.58 -23.83 4.11
CA ALA E 117 1.35 -24.98 3.23
C ALA E 117 0.78 -24.51 1.87
N ASP E 118 0.77 -23.21 1.66
CA ASP E 118 0.24 -22.64 0.42
C ASP E 118 0.96 -23.12 -0.83
N GLY E 119 0.18 -23.61 -1.79
CA GLY E 119 0.76 -24.09 -3.05
C GLY E 119 1.43 -25.45 -2.95
N MET E 120 1.18 -26.16 -1.86
CA MET E 120 1.77 -27.47 -1.64
C MET E 120 0.84 -28.63 -1.97
N VAL E 121 -0.47 -28.41 -1.87
CA VAL E 121 -1.44 -29.45 -2.16
C VAL E 121 -1.28 -29.96 -3.60
N SER E 122 -0.77 -29.10 -4.47
CA SER E 122 -0.57 -29.48 -5.87
C SER E 122 0.64 -30.39 -6.01
N LYS E 123 1.40 -30.53 -4.92
CA LYS E 123 2.58 -31.37 -4.94
C LYS E 123 2.36 -32.65 -4.15
N GLY E 124 1.14 -32.88 -3.70
CA GLY E 124 0.86 -34.11 -2.98
C GLY E 124 0.55 -34.02 -1.49
N TRP E 125 0.69 -32.82 -0.92
CA TRP E 125 0.43 -32.63 0.49
C TRP E 125 -1.05 -32.46 0.78
N ARG E 126 -1.43 -32.74 2.02
CA ARG E 126 -2.83 -32.60 2.43
C ARG E 126 -2.90 -31.67 3.67
N LEU E 127 -3.72 -30.63 3.57
CA LEU E 127 -3.88 -29.71 4.69
C LEU E 127 -4.40 -30.50 5.89
N LEU E 128 -3.92 -30.17 7.09
CA LEU E 128 -4.32 -30.87 8.32
C LEU E 128 -5.43 -30.20 9.14
N SER F 2 -0.89 -31.22 25.17
CA SER F 2 -0.88 -29.73 25.17
C SER F 2 0.52 -29.15 24.96
N HIS F 3 1.55 -29.95 25.22
CA HIS F 3 2.92 -29.48 25.06
C HIS F 3 3.27 -29.22 23.59
N MET F 4 2.64 -29.97 22.69
CA MET F 4 2.90 -29.82 21.27
C MET F 4 2.20 -28.62 20.62
N GLN F 5 1.40 -27.89 21.39
CA GLN F 5 0.71 -26.72 20.84
C GLN F 5 1.41 -25.41 21.15
N ALA F 6 2.33 -25.42 22.11
CA ALA F 6 3.10 -24.25 22.51
C ALA F 6 2.35 -22.94 22.59
N SER F 7 1.23 -22.93 23.30
CA SER F 7 0.48 -21.68 23.43
C SER F 7 0.67 -21.18 24.86
N LEU F 8 0.67 -19.87 25.04
CA LEU F 8 0.84 -19.30 26.38
C LEU F 8 -0.43 -19.44 27.22
N LEU F 9 -1.56 -19.72 26.56
CA LEU F 9 -2.82 -19.89 27.27
C LEU F 9 -3.28 -21.35 27.20
N LYS F 10 -3.62 -21.92 28.34
CA LYS F 10 -4.08 -23.30 28.40
C LYS F 10 -5.56 -23.38 28.06
N VAL F 11 -5.87 -23.06 26.79
CA VAL F 11 -7.22 -23.06 26.25
C VAL F 11 -7.14 -23.94 24.99
N PRO F 12 -8.19 -24.70 24.69
CA PRO F 12 -8.11 -25.54 23.48
C PRO F 12 -7.90 -24.71 22.24
N TYR F 13 -7.13 -25.24 21.30
CA TYR F 13 -6.86 -24.52 20.07
C TYR F 13 -8.12 -23.97 19.40
N PHE F 14 -9.11 -24.82 19.12
CA PHE F 14 -10.30 -24.33 18.44
C PHE F 14 -10.97 -23.13 19.13
N VAL F 15 -10.94 -23.12 20.46
CA VAL F 15 -11.54 -22.02 21.21
C VAL F 15 -10.73 -20.74 21.08
N ARG F 16 -9.40 -20.85 21.03
CA ARG F 16 -8.55 -19.65 20.91
C ARG F 16 -8.76 -18.99 19.55
N VAL F 17 -8.93 -19.79 18.51
CA VAL F 17 -9.18 -19.22 17.18
C VAL F 17 -10.53 -18.52 17.22
N GLN F 18 -11.52 -19.18 17.82
CA GLN F 18 -12.86 -18.59 17.93
C GLN F 18 -12.76 -17.22 18.59
N GLY F 19 -12.09 -17.15 19.73
CA GLY F 19 -11.96 -15.88 20.42
C GLY F 19 -11.20 -14.88 19.57
N LEU F 20 -10.10 -15.32 18.98
CA LEU F 20 -9.29 -14.44 18.16
C LEU F 20 -10.08 -13.90 16.97
N LEU F 21 -10.79 -14.77 16.27
CA LEU F 21 -11.56 -14.35 15.11
C LEU F 21 -12.78 -13.49 15.45
N ARG F 22 -13.36 -13.69 16.63
CA ARG F 22 -14.50 -12.87 17.02
C ARG F 22 -14.03 -11.42 17.13
N ILE F 23 -12.77 -11.24 17.54
CA ILE F 23 -12.23 -9.91 17.68
C ILE F 23 -11.94 -9.27 16.32
N CYS F 24 -11.33 -10.03 15.41
CA CYS F 24 -11.03 -9.51 14.08
C CYS F 24 -12.31 -9.11 13.37
N ALA F 25 -13.35 -9.92 13.58
CA ALA F 25 -14.66 -9.68 12.95
C ALA F 25 -15.22 -8.31 13.30
N LEU F 26 -14.87 -7.80 14.48
CA LEU F 26 -15.33 -6.50 14.92
C LEU F 26 -14.81 -5.41 14.03
N ALA F 27 -13.72 -5.70 13.33
CA ALA F 27 -13.09 -4.71 12.45
C ALA F 27 -13.28 -5.03 10.99
N ARG F 28 -14.13 -6.01 10.71
CA ARG F 28 -14.37 -6.44 9.34
C ARG F 28 -14.71 -5.32 8.36
N LYS F 29 -15.58 -4.41 8.75
CA LYS F 29 -15.97 -3.35 7.83
C LYS F 29 -15.63 -1.92 8.24
N ILE F 30 -14.66 -1.75 9.13
CA ILE F 30 -14.28 -0.40 9.53
C ILE F 30 -13.10 0.05 8.70
N ALA F 31 -12.91 1.37 8.61
CA ALA F 31 -11.81 1.92 7.83
C ALA F 31 -10.50 1.42 8.45
N GLY F 32 -9.60 0.93 7.60
CA GLY F 32 -8.32 0.42 8.10
C GLY F 32 -8.50 -0.93 8.76
N GLY F 33 -9.70 -1.47 8.65
CA GLY F 33 -10.00 -2.76 9.25
C GLY F 33 -9.01 -3.85 8.90
N HIS F 34 -8.49 -3.84 7.68
CA HIS F 34 -7.52 -4.85 7.28
C HIS F 34 -6.21 -4.72 8.05
N TYR F 35 -5.84 -3.50 8.40
CA TYR F 35 -4.60 -3.27 9.15
C TYR F 35 -4.80 -3.76 10.59
N VAL F 36 -5.95 -3.43 11.17
CA VAL F 36 -6.21 -3.85 12.54
C VAL F 36 -6.27 -5.37 12.65
N GLN F 37 -6.88 -6.04 11.66
CA GLN F 37 -6.96 -7.49 11.72
C GLN F 37 -5.55 -8.07 11.62
N MET F 38 -4.72 -7.46 10.81
CA MET F 38 -3.35 -7.92 10.67
C MET F 38 -2.69 -7.84 12.06
N ALA F 39 -2.86 -6.74 12.76
CA ALA F 39 -2.26 -6.58 14.08
C ALA F 39 -2.76 -7.64 15.06
N ILE F 40 -4.07 -7.80 15.11
CA ILE F 40 -4.67 -8.78 16.01
C ILE F 40 -4.13 -10.18 15.72
N ILE F 41 -4.05 -10.53 14.43
CA ILE F 41 -3.56 -11.85 14.03
C ILE F 41 -2.08 -12.05 14.35
N LYS F 42 -1.27 -11.01 14.13
CA LYS F 42 0.15 -11.12 14.46
C LYS F 42 0.24 -11.33 15.98
N LEU F 43 -0.60 -10.61 16.72
CA LEU F 43 -0.64 -10.74 18.17
C LEU F 43 -0.96 -12.17 18.58
N GLY F 44 -2.01 -12.73 17.99
CA GLY F 44 -2.36 -14.11 18.30
C GLY F 44 -1.19 -15.05 18.08
N ALA F 45 -0.44 -14.81 17.01
CA ALA F 45 0.72 -15.63 16.68
C ALA F 45 1.73 -15.55 17.83
N LEU F 46 1.93 -14.33 18.33
CA LEU F 46 2.85 -14.08 19.43
C LEU F 46 2.50 -14.95 20.63
N THR F 47 1.22 -15.32 20.76
CA THR F 47 0.77 -16.14 21.86
C THR F 47 0.66 -17.62 21.49
N GLY F 48 0.90 -17.91 20.21
CA GLY F 48 0.85 -19.28 19.73
C GLY F 48 -0.47 -19.70 19.13
N THR F 49 -1.16 -18.78 18.47
CA THR F 49 -2.44 -19.08 17.85
C THR F 49 -2.43 -18.64 16.39
N TYR F 50 -2.36 -19.60 15.48
CA TYR F 50 -2.39 -19.34 14.04
C TYR F 50 -3.74 -19.72 13.46
N VAL F 51 -4.19 -19.02 12.43
CA VAL F 51 -5.47 -19.33 11.82
C VAL F 51 -5.26 -19.85 10.40
N TYR F 52 -6.02 -20.87 10.03
CA TYR F 52 -5.89 -21.46 8.70
C TYR F 52 -7.14 -21.28 7.84
N ASN F 53 -6.93 -20.80 6.62
CA ASN F 53 -8.04 -20.57 5.71
C ASN F 53 -8.92 -21.80 5.48
N HIS F 54 -8.32 -22.98 5.33
CA HIS F 54 -9.14 -24.18 5.10
C HIS F 54 -10.01 -24.56 6.30
N LEU F 55 -9.69 -24.04 7.48
CA LEU F 55 -10.45 -24.31 8.69
C LEU F 55 -11.43 -23.20 9.07
N THR F 56 -11.06 -21.95 8.79
CA THR F 56 -11.91 -20.80 9.08
C THR F 56 -11.66 -19.78 7.97
N PRO F 57 -12.30 -19.99 6.79
CA PRO F 57 -12.22 -19.16 5.58
C PRO F 57 -12.27 -17.66 5.82
N LEU F 58 -11.33 -16.94 5.25
CA LEU F 58 -11.30 -15.49 5.42
C LEU F 58 -12.62 -14.89 4.92
N ARG F 59 -13.21 -15.53 3.93
CA ARG F 59 -14.47 -15.05 3.35
C ARG F 59 -15.52 -14.81 4.45
N ASP F 60 -15.40 -15.54 5.56
CA ASP F 60 -16.34 -15.42 6.66
C ASP F 60 -16.05 -14.38 7.74
N TRP F 61 -14.85 -13.79 7.75
CA TRP F 61 -14.55 -12.80 8.78
C TRP F 61 -13.58 -11.72 8.35
N ALA F 62 -12.76 -12.03 7.36
CA ALA F 62 -11.75 -11.10 6.90
C ALA F 62 -12.29 -9.85 6.24
N HIS F 63 -11.55 -8.77 6.46
CA HIS F 63 -11.86 -7.48 5.91
C HIS F 63 -11.44 -7.60 4.44
N ASN F 64 -12.15 -6.90 3.56
CA ASN F 64 -11.85 -6.97 2.15
C ASN F 64 -10.37 -6.80 1.78
N GLY F 65 -9.62 -6.03 2.57
CA GLY F 65 -8.23 -5.82 2.24
C GLY F 65 -7.20 -6.72 2.91
N LEU F 66 -7.62 -7.52 3.89
CA LEU F 66 -6.70 -8.39 4.63
C LEU F 66 -5.94 -9.36 3.72
N ARG F 67 -6.64 -9.97 2.77
CA ARG F 67 -6.02 -10.92 1.87
C ARG F 67 -4.77 -10.40 1.18
N ASP F 68 -4.85 -9.18 0.65
CA ASP F 68 -3.70 -8.60 -0.04
C ASP F 68 -2.58 -8.17 0.91
N LEU F 69 -2.84 -8.21 2.21
CA LEU F 69 -1.81 -7.89 3.18
C LEU F 69 -1.05 -9.19 3.48
N ALA F 70 -1.80 -10.29 3.50
CA ALA F 70 -1.23 -11.62 3.77
C ALA F 70 -0.28 -12.13 2.68
N VAL F 71 0.70 -12.91 3.11
CA VAL F 71 1.67 -13.50 2.21
C VAL F 71 1.36 -14.99 2.14
N ALA F 72 0.47 -15.44 3.02
CA ALA F 72 0.06 -16.84 3.08
C ALA F 72 -1.18 -16.93 3.97
N VAL F 73 -1.99 -17.97 3.77
CA VAL F 73 -3.19 -18.16 4.58
C VAL F 73 -3.29 -19.57 5.15
N GLU F 74 -2.21 -20.34 5.03
CA GLU F 74 -2.17 -21.70 5.56
C GLU F 74 -0.87 -21.92 6.34
N PRO F 75 -0.68 -21.21 7.46
CA PRO F 75 -1.62 -20.23 8.02
C PRO F 75 -1.38 -18.78 7.61
N VAL F 76 -2.24 -17.89 8.11
CA VAL F 76 -2.18 -16.46 7.81
C VAL F 76 -0.95 -15.76 8.40
N VAL F 77 -0.06 -15.29 7.53
CA VAL F 77 1.16 -14.61 7.95
C VAL F 77 1.41 -13.45 6.99
N PHE F 78 2.17 -12.44 7.47
CA PHE F 78 2.44 -11.23 6.70
C PHE F 78 3.89 -10.93 6.35
N SER F 79 4.77 -11.87 6.68
CA SER F 79 6.19 -11.75 6.37
C SER F 79 6.62 -13.15 6.00
N ARG F 80 7.83 -13.28 5.48
CA ARG F 80 8.36 -14.57 5.09
C ARG F 80 8.53 -15.48 6.32
N MET F 81 8.03 -16.71 6.19
CA MET F 81 8.17 -17.72 7.23
C MET F 81 8.60 -18.97 6.48
N GLU F 82 9.66 -19.62 6.96
CA GLU F 82 10.16 -20.82 6.33
C GLU F 82 9.18 -21.98 6.32
N THR F 83 9.38 -22.88 5.36
CA THR F 83 8.54 -24.07 5.21
C THR F 83 9.46 -25.27 5.28
N LYS F 84 9.34 -26.05 6.36
CA LYS F 84 10.19 -27.22 6.55
C LYS F 84 9.46 -28.56 6.56
N LEU F 85 10.16 -29.61 6.14
CA LEU F 85 9.61 -30.94 6.12
C LEU F 85 10.30 -31.74 7.22
N ILE F 86 9.52 -32.35 8.12
CA ILE F 86 10.12 -33.17 9.16
C ILE F 86 9.47 -34.55 9.20
N THR F 87 10.27 -35.54 9.59
CA THR F 87 9.82 -36.93 9.71
C THR F 87 10.26 -37.36 11.10
N TRP F 88 9.52 -36.89 12.11
CA TRP F 88 9.85 -37.19 13.49
C TRP F 88 8.74 -37.95 14.21
N GLY F 89 9.13 -39.00 14.94
CA GLY F 89 8.18 -39.81 15.67
C GLY F 89 8.90 -40.66 16.70
N ALA F 90 8.17 -41.41 17.51
CA ALA F 90 8.76 -42.25 18.54
C ALA F 90 9.82 -43.20 17.99
N ASP F 91 9.63 -43.65 16.76
CA ASP F 91 10.57 -44.57 16.13
C ASP F 91 11.88 -43.91 15.70
N THR F 92 11.92 -42.58 15.73
CA THR F 92 13.12 -41.88 15.33
C THR F 92 13.64 -40.88 16.37
N ALA F 93 12.85 -40.63 17.41
CA ALA F 93 13.27 -39.69 18.46
C ALA F 93 14.67 -40.06 18.96
N ALA F 94 15.43 -39.08 19.42
CA ALA F 94 16.77 -39.37 19.92
C ALA F 94 17.30 -38.30 20.86
N CYS F 95 18.23 -38.69 21.74
CA CYS F 95 18.84 -37.72 22.64
C CYS F 95 19.51 -36.72 21.70
N GLY F 96 19.39 -35.43 22.02
CA GLY F 96 19.94 -34.40 21.17
C GLY F 96 18.75 -33.60 20.69
N ASP F 97 17.58 -34.24 20.65
CA ASP F 97 16.37 -33.56 20.23
C ASP F 97 15.80 -32.74 21.37
N ILE F 98 15.30 -31.56 21.04
CA ILE F 98 14.68 -30.70 22.03
C ILE F 98 13.30 -30.33 21.50
N ILE F 99 12.25 -30.80 22.17
CA ILE F 99 10.87 -30.52 21.76
C ILE F 99 10.23 -29.38 22.55
N ASN F 100 9.99 -28.25 21.87
CA ASN F 100 9.38 -27.07 22.47
C ASN F 100 9.97 -26.75 23.86
N GLY F 101 11.29 -26.78 23.97
CA GLY F 101 11.93 -26.43 25.24
C GLY F 101 12.38 -27.57 26.16
N LEU F 102 12.01 -28.80 25.86
CA LEU F 102 12.38 -29.92 26.69
C LEU F 102 13.14 -30.97 25.91
N PRO F 103 14.28 -31.43 26.44
CA PRO F 103 15.09 -32.45 25.76
C PRO F 103 14.43 -33.82 25.79
N VAL F 104 14.64 -34.60 24.74
CA VAL F 104 14.11 -35.94 24.67
C VAL F 104 15.06 -36.82 25.49
N SER F 105 14.52 -37.70 26.31
CA SER F 105 15.36 -38.55 27.13
C SER F 105 15.11 -40.04 26.98
N ALA F 106 13.85 -40.46 26.88
CA ALA F 106 13.55 -41.88 26.77
C ALA F 106 12.35 -42.24 25.91
N ARG F 107 12.18 -43.54 25.70
CA ARG F 107 11.07 -44.07 24.92
C ARG F 107 10.45 -45.31 25.57
N ARG F 108 9.13 -45.42 25.47
CA ARG F 108 8.39 -46.56 26.00
C ARG F 108 7.19 -46.81 25.08
N GLY F 109 7.31 -47.77 24.18
CA GLY F 109 6.23 -48.06 23.25
C GLY F 109 6.19 -46.97 22.20
N GLN F 110 5.08 -46.25 22.12
CA GLN F 110 4.99 -45.16 21.16
C GLN F 110 5.04 -43.82 21.89
N GLU F 111 5.35 -43.85 23.19
CA GLU F 111 5.45 -42.64 23.99
C GLU F 111 6.91 -42.21 24.13
N ILE F 112 7.12 -40.90 24.10
CA ILE F 112 8.45 -40.33 24.26
C ILE F 112 8.48 -39.45 25.50
N LEU F 113 9.51 -39.61 26.30
CA LEU F 113 9.66 -38.85 27.54
C LEU F 113 10.52 -37.60 27.29
N LEU F 114 9.98 -36.44 27.66
CA LEU F 114 10.71 -35.18 27.52
C LEU F 114 11.10 -34.77 28.94
N GLY F 115 12.35 -34.36 29.12
CA GLY F 115 12.81 -33.97 30.44
C GLY F 115 13.59 -35.09 31.10
N PRO F 116 13.99 -34.93 32.38
CA PRO F 116 14.76 -35.93 33.12
C PRO F 116 14.15 -37.34 33.07
N ALA F 117 14.97 -38.35 32.76
CA ALA F 117 14.53 -39.74 32.70
C ALA F 117 15.06 -40.51 33.92
N ASP F 118 15.65 -39.78 34.85
CA ASP F 118 16.21 -40.41 36.04
C ASP F 118 15.19 -41.24 36.80
N GLY F 119 15.53 -42.49 37.05
CA GLY F 119 14.66 -43.39 37.76
C GLY F 119 13.60 -44.07 36.93
N MET F 120 13.36 -43.55 35.73
CA MET F 120 12.34 -44.11 34.83
C MET F 120 12.67 -45.46 34.19
N VAL F 121 13.95 -45.78 34.04
CA VAL F 121 14.33 -47.04 33.43
C VAL F 121 13.72 -48.25 34.15
N SER F 122 13.60 -48.15 35.47
CA SER F 122 13.04 -49.23 36.27
C SER F 122 11.54 -49.41 35.99
N LYS F 123 10.98 -48.48 35.21
CA LYS F 123 9.56 -48.54 34.83
C LYS F 123 9.40 -48.97 33.36
N GLY F 124 10.46 -49.46 32.75
CA GLY F 124 10.36 -49.89 31.37
C GLY F 124 10.78 -48.88 30.32
N TRP F 125 11.19 -47.69 30.75
CA TRP F 125 11.63 -46.68 29.78
C TRP F 125 13.04 -46.96 29.27
N ARG F 126 13.27 -46.63 28.01
CA ARG F 126 14.57 -46.84 27.40
C ARG F 126 15.23 -45.49 27.05
N LEU F 127 16.47 -45.29 27.51
CA LEU F 127 17.21 -44.07 27.24
C LEU F 127 17.58 -44.03 25.76
N LEU F 128 17.43 -42.88 25.11
CA LEU F 128 17.73 -42.77 23.67
C LEU F 128 19.13 -42.27 23.30
N SER G 2 -31.47 -3.55 -34.70
CA SER G 2 -31.37 -2.47 -33.67
C SER G 2 -29.92 -2.20 -33.31
N HIS G 3 -29.23 -3.23 -32.84
CA HIS G 3 -27.82 -3.11 -32.47
C HIS G 3 -27.00 -2.76 -33.72
N MET G 4 -27.50 -3.17 -34.88
CA MET G 4 -26.82 -2.91 -36.14
C MET G 4 -27.05 -1.48 -36.67
N GLN G 5 -27.85 -0.69 -35.96
CA GLN G 5 -28.12 0.69 -36.36
C GLN G 5 -27.30 1.74 -35.61
N ALA G 6 -26.62 1.31 -34.54
CA ALA G 6 -25.77 2.20 -33.74
C ALA G 6 -26.34 3.61 -33.59
N SER G 7 -27.59 3.68 -33.15
CA SER G 7 -28.23 4.97 -32.94
C SER G 7 -28.25 5.22 -31.44
N LEU G 8 -28.11 6.48 -31.04
CA LEU G 8 -28.13 6.83 -29.62
C LEU G 8 -29.59 6.97 -29.20
N LEU G 9 -30.47 7.09 -30.18
CA LEU G 9 -31.88 7.21 -29.93
C LEU G 9 -32.60 5.92 -30.30
N LYS G 10 -33.46 5.50 -29.39
CA LYS G 10 -34.27 4.29 -29.50
C LYS G 10 -35.56 4.61 -30.28
N VAL G 11 -35.37 5.18 -31.47
CA VAL G 11 -36.45 5.57 -32.36
C VAL G 11 -36.23 4.88 -33.73
N PRO G 12 -37.31 4.51 -34.43
CA PRO G 12 -37.11 3.85 -35.73
C PRO G 12 -36.33 4.74 -36.70
N TYR G 13 -35.50 4.13 -37.53
CA TYR G 13 -34.67 4.85 -38.49
C TYR G 13 -35.42 5.87 -39.33
N PHE G 14 -36.44 5.41 -40.04
CA PHE G 14 -37.24 6.30 -40.89
C PHE G 14 -37.83 7.47 -40.12
N VAL G 15 -38.24 7.25 -38.87
CA VAL G 15 -38.80 8.34 -38.08
C VAL G 15 -37.69 9.33 -37.66
N ARG G 16 -36.49 8.83 -37.37
CA ARG G 16 -35.39 9.71 -37.00
C ARG G 16 -35.03 10.62 -38.18
N VAL G 17 -35.05 10.05 -39.38
CA VAL G 17 -34.75 10.78 -40.60
C VAL G 17 -35.81 11.86 -40.86
N GLN G 18 -37.08 11.48 -40.73
CA GLN G 18 -38.17 12.42 -40.96
C GLN G 18 -38.12 13.57 -39.96
N GLY G 19 -37.69 13.29 -38.74
CA GLY G 19 -37.60 14.35 -37.74
C GLY G 19 -36.45 15.30 -38.06
N LEU G 20 -35.32 14.72 -38.46
CA LEU G 20 -34.14 15.49 -38.80
C LEU G 20 -34.43 16.42 -39.99
N LEU G 21 -34.97 15.85 -41.06
CA LEU G 21 -35.27 16.62 -42.27
C LEU G 21 -36.35 17.66 -42.06
N ARG G 22 -37.17 17.50 -41.02
CA ARG G 22 -38.21 18.49 -40.75
C ARG G 22 -37.55 19.73 -40.16
N ILE G 23 -36.50 19.51 -39.36
CA ILE G 23 -35.77 20.63 -38.77
C ILE G 23 -35.05 21.34 -39.91
N CYS G 24 -34.44 20.57 -40.80
CA CYS G 24 -33.72 21.12 -41.94
C CYS G 24 -34.67 21.96 -42.81
N ALA G 25 -35.92 21.52 -42.92
CA ALA G 25 -36.90 22.21 -43.74
C ALA G 25 -37.05 23.68 -43.35
N LEU G 26 -36.96 23.98 -42.06
CA LEU G 26 -37.08 25.35 -41.57
C LEU G 26 -36.05 26.31 -42.18
N ALA G 27 -34.93 25.78 -42.66
CA ALA G 27 -33.89 26.64 -43.23
C ALA G 27 -33.79 26.51 -44.74
N ARG G 28 -34.71 25.77 -45.33
CA ARG G 28 -34.70 25.54 -46.76
C ARG G 28 -34.65 26.79 -47.62
N LYS G 29 -35.34 27.84 -47.20
CA LYS G 29 -35.39 29.08 -47.98
C LYS G 29 -34.75 30.30 -47.35
N ILE G 30 -33.94 30.13 -46.32
CA ILE G 30 -33.34 31.31 -45.70
C ILE G 30 -31.91 31.49 -46.21
N ALA G 31 -31.42 32.72 -46.14
CA ALA G 31 -30.06 33.01 -46.58
C ALA G 31 -29.10 32.27 -45.66
N GLY G 32 -28.13 31.57 -46.24
CA GLY G 32 -27.18 30.81 -45.43
C GLY G 32 -27.81 29.49 -44.99
N GLY G 33 -29.03 29.24 -45.47
CA GLY G 33 -29.77 28.04 -45.13
C GLY G 33 -29.02 26.74 -45.32
N HIS G 34 -28.17 26.66 -46.34
CA HIS G 34 -27.42 25.45 -46.57
C HIS G 34 -26.33 25.29 -45.50
N TYR G 35 -25.89 26.41 -44.91
CA TYR G 35 -24.90 26.33 -43.84
C TYR G 35 -25.61 25.73 -42.62
N VAL G 36 -26.84 26.18 -42.39
CA VAL G 36 -27.66 25.71 -41.28
C VAL G 36 -27.99 24.23 -41.45
N GLN G 37 -28.44 23.82 -42.63
CA GLN G 37 -28.78 22.41 -42.84
C GLN G 37 -27.55 21.53 -42.65
N MET G 38 -26.39 21.98 -43.12
CA MET G 38 -25.17 21.19 -42.96
C MET G 38 -24.89 20.89 -41.49
N ALA G 39 -25.10 21.90 -40.63
CA ALA G 39 -24.87 21.74 -39.21
C ALA G 39 -25.84 20.74 -38.59
N ILE G 40 -27.11 20.86 -38.95
CA ILE G 40 -28.13 19.96 -38.43
C ILE G 40 -27.82 18.52 -38.80
N ILE G 41 -27.52 18.27 -40.07
CA ILE G 41 -27.22 16.94 -40.55
C ILE G 41 -25.95 16.34 -39.91
N LYS G 42 -24.96 17.18 -39.59
CA LYS G 42 -23.75 16.69 -38.93
C LYS G 42 -24.09 16.31 -37.49
N LEU G 43 -25.01 17.05 -36.89
CA LEU G 43 -25.45 16.74 -35.54
C LEU G 43 -26.15 15.39 -35.61
N GLY G 44 -27.00 15.22 -36.63
CA GLY G 44 -27.70 13.97 -36.81
C GLY G 44 -26.73 12.81 -36.94
N ALA G 45 -25.61 13.04 -37.62
CA ALA G 45 -24.61 12.00 -37.81
C ALA G 45 -23.97 11.58 -36.47
N LEU G 46 -23.82 12.52 -35.54
CA LEU G 46 -23.26 12.21 -34.22
C LEU G 46 -24.21 11.28 -33.49
N THR G 47 -25.48 11.44 -33.81
CA THR G 47 -26.59 10.68 -33.24
C THR G 47 -26.69 9.28 -33.83
N GLY G 48 -26.09 9.07 -35.00
CA GLY G 48 -26.16 7.78 -35.66
C GLY G 48 -27.32 7.76 -36.66
N THR G 49 -27.68 8.92 -37.19
CA THR G 49 -28.77 9.02 -38.17
C THR G 49 -28.23 9.65 -39.46
N TYR G 50 -28.22 8.87 -40.53
CA TYR G 50 -27.73 9.33 -41.83
C TYR G 50 -28.88 9.48 -42.84
N VAL G 51 -28.73 10.43 -43.77
CA VAL G 51 -29.74 10.70 -44.80
C VAL G 51 -29.20 10.37 -46.18
N TYR G 52 -30.01 9.67 -46.97
CA TYR G 52 -29.62 9.26 -48.31
C TYR G 52 -30.52 9.88 -49.39
N ASN G 53 -29.90 10.41 -50.44
CA ASN G 53 -30.66 11.04 -51.52
C ASN G 53 -31.71 10.11 -52.13
N HIS G 54 -31.35 8.84 -52.38
CA HIS G 54 -32.33 7.93 -53.00
C HIS G 54 -33.54 7.58 -52.14
N LEU G 55 -33.47 7.83 -50.83
CA LEU G 55 -34.61 7.56 -49.95
C LEU G 55 -35.38 8.85 -49.69
N THR G 56 -34.64 9.92 -49.40
CA THR G 56 -35.24 11.24 -49.17
C THR G 56 -34.48 12.23 -50.04
N PRO G 57 -34.94 12.39 -51.30
CA PRO G 57 -34.35 13.29 -52.31
C PRO G 57 -34.13 14.74 -51.85
N LEU G 58 -32.91 15.24 -52.03
CA LEU G 58 -32.59 16.61 -51.63
C LEU G 58 -33.56 17.62 -52.27
N ARG G 59 -34.05 17.29 -53.46
CA ARG G 59 -34.98 18.18 -54.15
C ARG G 59 -36.22 18.52 -53.30
N ASP G 60 -36.54 17.68 -52.33
CA ASP G 60 -37.73 17.95 -51.50
C ASP G 60 -37.48 18.68 -50.18
N TRP G 61 -36.23 18.91 -49.79
CA TRP G 61 -35.98 19.58 -48.52
C TRP G 61 -34.70 20.40 -48.47
N ALA G 62 -33.77 20.12 -49.37
CA ALA G 62 -32.49 20.80 -49.37
C ALA G 62 -32.44 22.24 -49.92
N HIS G 63 -31.73 23.08 -49.20
CA HIS G 63 -31.50 24.45 -49.63
C HIS G 63 -30.69 24.24 -50.91
N ASN G 64 -30.89 25.10 -51.91
CA ASN G 64 -30.19 25.01 -53.20
C ASN G 64 -28.67 25.02 -53.17
N GLY G 65 -28.08 25.50 -52.09
CA GLY G 65 -26.62 25.52 -52.03
C GLY G 65 -25.99 24.36 -51.28
N LEU G 66 -26.80 23.43 -50.77
CA LEU G 66 -26.27 22.29 -50.01
C LEU G 66 -25.31 21.42 -50.82
N ARG G 67 -25.60 21.24 -52.10
CA ARG G 67 -24.75 20.44 -52.98
C ARG G 67 -23.32 20.95 -53.12
N ASP G 68 -23.10 22.23 -52.83
CA ASP G 68 -21.74 22.76 -52.92
C ASP G 68 -20.99 22.37 -51.65
N LEU G 69 -21.72 22.11 -50.57
CA LEU G 69 -21.07 21.76 -49.32
C LEU G 69 -20.81 20.27 -49.16
N ALA G 70 -21.79 19.46 -49.54
CA ALA G 70 -21.68 18.02 -49.42
C ALA G 70 -20.67 17.40 -50.38
N VAL G 71 -19.96 16.38 -49.89
CA VAL G 71 -18.96 15.65 -50.64
C VAL G 71 -19.61 14.39 -51.26
N ALA G 72 -20.79 14.05 -50.78
CA ALA G 72 -21.54 12.89 -51.25
C ALA G 72 -22.96 12.98 -50.67
N VAL G 73 -23.90 12.25 -51.24
CA VAL G 73 -25.29 12.27 -50.73
C VAL G 73 -25.86 10.86 -50.58
N GLU G 74 -24.98 9.87 -50.56
CA GLU G 74 -25.40 8.49 -50.38
C GLU G 74 -24.49 7.81 -49.36
N PRO G 75 -24.54 8.24 -48.08
CA PRO G 75 -25.39 9.29 -47.51
C PRO G 75 -24.75 10.69 -47.58
N VAL G 76 -25.45 11.68 -47.05
CA VAL G 76 -24.99 13.08 -47.04
C VAL G 76 -23.88 13.32 -46.00
N VAL G 77 -22.65 13.59 -46.46
CA VAL G 77 -21.53 13.89 -45.57
C VAL G 77 -20.83 15.11 -46.12
N PHE G 78 -20.05 15.78 -45.26
CA PHE G 78 -19.39 17.02 -45.67
C PHE G 78 -17.88 17.03 -45.67
N SER G 79 -17.30 15.86 -45.44
CA SER G 79 -15.85 15.72 -45.47
C SER G 79 -15.59 14.26 -45.82
N ARG G 80 -14.34 13.98 -46.10
CA ARG G 80 -13.89 12.65 -46.47
C ARG G 80 -14.36 11.53 -45.56
N MET G 81 -14.99 10.52 -46.15
CA MET G 81 -15.44 9.35 -45.44
C MET G 81 -15.02 8.17 -46.31
N GLU G 82 -14.45 7.15 -45.68
CA GLU G 82 -14.00 5.98 -46.42
C GLU G 82 -15.13 5.09 -46.91
N THR G 83 -14.86 4.45 -48.05
CA THR G 83 -15.79 3.52 -48.68
C THR G 83 -15.10 2.17 -48.62
N LYS G 84 -15.70 1.24 -47.88
CA LYS G 84 -15.15 -0.11 -47.74
C LYS G 84 -16.21 -1.16 -48.10
N LEU G 85 -15.76 -2.30 -48.61
CA LEU G 85 -16.68 -3.39 -48.95
C LEU G 85 -16.41 -4.48 -47.93
N ILE G 86 -17.47 -5.13 -47.46
CA ILE G 86 -17.31 -6.21 -46.51
C ILE G 86 -18.18 -7.40 -46.92
N THR G 87 -17.78 -8.59 -46.49
CA THR G 87 -18.51 -9.82 -46.78
C THR G 87 -18.63 -10.56 -45.44
N TRP G 88 -19.30 -9.96 -44.49
CA TRP G 88 -19.47 -10.56 -43.17
C TRP G 88 -20.86 -11.15 -43.02
N GLY G 89 -20.97 -12.26 -42.29
CA GLY G 89 -22.26 -12.89 -42.10
C GLY G 89 -22.17 -14.06 -41.14
N ALA G 90 -23.30 -14.71 -40.87
CA ALA G 90 -23.32 -15.85 -39.94
C ALA G 90 -22.28 -16.91 -40.31
N ASP G 91 -22.23 -17.28 -41.59
CA ASP G 91 -21.31 -18.30 -42.05
C ASP G 91 -19.86 -17.83 -42.04
N THR G 92 -19.63 -16.56 -41.73
CA THR G 92 -18.27 -16.02 -41.73
C THR G 92 -17.81 -15.42 -40.39
N ALA G 93 -18.74 -15.28 -39.45
CA ALA G 93 -18.42 -14.72 -38.14
C ALA G 93 -17.37 -15.54 -37.41
N ALA G 94 -16.56 -14.88 -36.59
CA ALA G 94 -15.51 -15.56 -35.82
C ALA G 94 -14.95 -14.70 -34.70
N CYS G 95 -14.45 -15.36 -33.66
CA CYS G 95 -13.86 -14.67 -32.51
C CYS G 95 -12.81 -13.72 -33.04
N GLY G 96 -12.77 -12.52 -32.48
CA GLY G 96 -11.84 -11.52 -32.94
C GLY G 96 -12.70 -10.40 -33.52
N ASP G 97 -13.86 -10.76 -34.05
CA ASP G 97 -14.76 -9.75 -34.59
C ASP G 97 -15.42 -9.01 -33.44
N ILE G 98 -15.58 -7.70 -33.62
CA ILE G 98 -16.25 -6.86 -32.63
C ILE G 98 -17.29 -6.10 -33.43
N ILE G 99 -18.56 -6.27 -33.08
CA ILE G 99 -19.64 -5.60 -33.79
C ILE G 99 -20.24 -4.47 -32.95
N ASN G 100 -20.12 -3.24 -33.44
CA ASN G 100 -20.64 -2.08 -32.75
C ASN G 100 -20.40 -2.12 -31.23
N GLY G 101 -19.20 -2.49 -30.82
CA GLY G 101 -18.88 -2.51 -29.41
C GLY G 101 -18.89 -3.83 -28.64
N LEU G 102 -19.44 -4.87 -29.22
CA LEU G 102 -19.50 -6.17 -28.54
C LEU G 102 -18.75 -7.23 -29.32
N PRO G 103 -17.95 -8.06 -28.64
CA PRO G 103 -17.19 -9.11 -29.30
C PRO G 103 -18.08 -10.25 -29.76
N VAL G 104 -17.69 -10.89 -30.86
CA VAL G 104 -18.42 -12.04 -31.40
C VAL G 104 -17.93 -13.26 -30.62
N SER G 105 -18.86 -14.08 -30.15
CA SER G 105 -18.51 -15.27 -29.37
C SER G 105 -19.07 -16.61 -29.82
N ALA G 106 -20.35 -16.63 -30.21
CA ALA G 106 -20.95 -17.89 -30.63
C ALA G 106 -21.90 -17.76 -31.81
N ARG G 107 -22.43 -18.90 -32.22
CA ARG G 107 -23.37 -19.00 -33.33
C ARG G 107 -24.31 -20.18 -33.19
N ARG G 108 -25.58 -19.95 -33.51
CA ARG G 108 -26.59 -21.00 -33.46
C ARG G 108 -27.45 -20.80 -34.70
N GLY G 109 -27.16 -21.58 -35.73
CA GLY G 109 -27.90 -21.45 -36.97
C GLY G 109 -27.47 -20.19 -37.69
N GLN G 110 -28.43 -19.37 -38.07
CA GLN G 110 -28.10 -18.13 -38.76
C GLN G 110 -27.98 -16.97 -37.77
N GLU G 111 -28.00 -17.28 -36.49
CA GLU G 111 -27.88 -16.28 -35.44
C GLU G 111 -26.46 -16.20 -34.92
N ILE G 112 -26.07 -15.00 -34.49
CA ILE G 112 -24.74 -14.80 -33.95
C ILE G 112 -24.83 -14.09 -32.61
N LEU G 113 -24.10 -14.63 -31.64
CA LEU G 113 -24.09 -14.12 -30.28
C LEU G 113 -22.98 -13.09 -30.09
N LEU G 114 -23.33 -11.94 -29.50
CA LEU G 114 -22.35 -10.91 -29.24
C LEU G 114 -22.26 -10.74 -27.72
N GLY G 115 -21.05 -10.61 -27.20
CA GLY G 115 -20.88 -10.47 -25.77
C GLY G 115 -20.59 -11.81 -25.13
N PRO G 116 -20.60 -11.89 -23.79
CA PRO G 116 -20.33 -13.15 -23.07
C PRO G 116 -21.12 -14.33 -23.63
N ALA G 117 -20.44 -15.46 -23.81
CA ALA G 117 -21.08 -16.67 -24.32
C ALA G 117 -21.25 -17.69 -23.20
N ASP G 118 -20.51 -17.51 -22.11
CA ASP G 118 -20.57 -18.43 -20.98
C ASP G 118 -21.97 -18.97 -20.71
N GLY G 119 -22.07 -20.28 -20.53
CA GLY G 119 -23.35 -20.89 -20.24
C GLY G 119 -24.38 -20.87 -21.35
N MET G 120 -23.93 -20.72 -22.59
CA MET G 120 -24.82 -20.73 -23.75
C MET G 120 -24.52 -21.96 -24.57
N VAL G 121 -23.30 -22.47 -24.40
CA VAL G 121 -22.85 -23.65 -25.12
C VAL G 121 -23.76 -24.84 -24.91
N SER G 122 -24.57 -24.79 -23.87
CA SER G 122 -25.49 -25.87 -23.55
C SER G 122 -26.93 -25.54 -23.95
N LYS G 123 -27.10 -24.42 -24.63
CA LYS G 123 -28.43 -23.99 -25.07
C LYS G 123 -28.53 -24.18 -26.58
N GLY G 124 -27.46 -24.71 -27.16
CA GLY G 124 -27.44 -24.95 -28.59
C GLY G 124 -26.39 -24.12 -29.29
N TRP G 125 -25.84 -23.11 -28.60
CA TRP G 125 -24.83 -22.26 -29.19
C TRP G 125 -23.46 -22.93 -29.20
N ARG G 126 -22.67 -22.63 -30.24
CA ARG G 126 -21.31 -23.17 -30.39
C ARG G 126 -20.32 -22.02 -30.42
N LEU G 127 -19.18 -22.19 -29.76
CA LEU G 127 -18.16 -21.14 -29.72
C LEU G 127 -17.53 -21.01 -31.10
N LEU G 128 -16.99 -19.83 -31.40
CA LEU G 128 -16.38 -19.57 -32.70
C LEU G 128 -14.86 -19.42 -32.71
N GLY H 1 -13.84 -7.00 -43.09
CA GLY H 1 -12.86 -8.08 -42.70
C GLY H 1 -11.99 -7.55 -41.58
N SER H 2 -11.10 -6.63 -41.93
CA SER H 2 -10.24 -5.98 -40.97
C SER H 2 -11.16 -4.96 -40.29
N HIS H 3 -12.06 -4.40 -41.08
CA HIS H 3 -13.03 -3.42 -40.57
C HIS H 3 -13.93 -4.03 -39.52
N MET H 4 -14.16 -5.34 -39.59
CA MET H 4 -14.99 -6.03 -38.62
C MET H 4 -14.22 -6.37 -37.35
N GLN H 5 -12.91 -6.12 -37.34
CA GLN H 5 -12.06 -6.40 -36.18
C GLN H 5 -12.13 -5.28 -35.14
N ALA H 6 -12.47 -4.07 -35.60
CA ALA H 6 -12.58 -2.89 -34.76
C ALA H 6 -11.39 -2.73 -33.80
N SER H 7 -10.17 -2.94 -34.30
CA SER H 7 -9.02 -2.79 -33.43
C SER H 7 -8.18 -1.58 -33.81
N LEU H 8 -7.70 -0.86 -32.80
CA LEU H 8 -6.88 0.32 -33.00
C LEU H 8 -5.55 -0.03 -33.69
N LEU H 9 -5.22 -1.32 -33.72
CA LEU H 9 -3.98 -1.78 -34.34
C LEU H 9 -4.19 -2.69 -35.55
N LYS H 10 -3.53 -2.34 -36.65
CA LYS H 10 -3.63 -3.14 -37.87
C LYS H 10 -2.71 -4.35 -37.74
N VAL H 11 -3.10 -5.28 -36.87
CA VAL H 11 -2.32 -6.49 -36.62
C VAL H 11 -3.31 -7.65 -36.50
N PRO H 12 -3.01 -8.81 -37.10
CA PRO H 12 -3.90 -9.96 -37.03
C PRO H 12 -4.34 -10.28 -35.59
N TYR H 13 -5.61 -10.63 -35.44
CA TYR H 13 -6.14 -10.96 -34.14
C TYR H 13 -5.26 -11.97 -33.43
N PHE H 14 -4.85 -13.01 -34.16
CA PHE H 14 -4.02 -14.07 -33.62
C PHE H 14 -2.76 -13.53 -32.94
N VAL H 15 -2.07 -12.63 -33.63
CA VAL H 15 -0.84 -12.06 -33.12
C VAL H 15 -1.06 -11.07 -31.98
N ARG H 16 -2.19 -10.37 -32.01
CA ARG H 16 -2.49 -9.41 -30.96
C ARG H 16 -2.75 -10.15 -29.67
N VAL H 17 -3.37 -11.32 -29.78
CA VAL H 17 -3.67 -12.12 -28.60
C VAL H 17 -2.38 -12.73 -28.05
N GLN H 18 -1.56 -13.30 -28.92
CA GLN H 18 -0.31 -13.91 -28.48
C GLN H 18 0.54 -12.90 -27.73
N GLY H 19 0.65 -11.69 -28.26
CA GLY H 19 1.46 -10.65 -27.61
C GLY H 19 0.86 -10.20 -26.29
N LEU H 20 -0.46 -10.12 -26.24
CA LEU H 20 -1.14 -9.71 -25.02
C LEU H 20 -0.92 -10.75 -23.93
N LEU H 21 -1.20 -12.01 -24.26
CA LEU H 21 -1.04 -13.10 -23.30
C LEU H 21 0.40 -13.30 -22.82
N ARG H 22 1.37 -12.83 -23.60
CA ARG H 22 2.76 -12.96 -23.19
C ARG H 22 3.01 -11.99 -22.05
N ILE H 23 2.65 -10.73 -22.26
CA ILE H 23 2.83 -9.72 -21.23
C ILE H 23 2.17 -10.21 -19.95
N CYS H 24 1.02 -10.87 -20.08
CA CYS H 24 0.32 -11.41 -18.91
C CYS H 24 1.12 -12.54 -18.26
N ALA H 25 1.68 -13.41 -19.10
CA ALA H 25 2.48 -14.54 -18.61
C ALA H 25 3.65 -14.01 -17.78
N LEU H 26 4.03 -12.77 -18.06
CA LEU H 26 5.12 -12.10 -17.38
C LEU H 26 4.80 -11.87 -15.90
N ALA H 27 3.55 -12.12 -15.51
CA ALA H 27 3.13 -11.93 -14.11
C ALA H 27 2.30 -13.07 -13.54
N ARG H 28 2.29 -14.20 -14.25
CA ARG H 28 1.54 -15.37 -13.84
C ARG H 28 1.88 -15.86 -12.43
N LYS H 29 3.06 -15.51 -11.93
CA LYS H 29 3.45 -15.96 -10.60
C LYS H 29 3.72 -14.89 -9.54
N ILE H 30 3.91 -13.65 -9.95
CA ILE H 30 4.19 -12.58 -8.99
C ILE H 30 3.00 -12.34 -8.07
N ALA H 31 3.24 -11.75 -6.90
CA ALA H 31 2.18 -11.46 -5.96
C ALA H 31 1.25 -10.38 -6.52
N GLY H 32 -0.05 -10.57 -6.33
CA GLY H 32 -1.01 -9.61 -6.85
C GLY H 32 -1.01 -9.69 -8.37
N GLY H 33 -0.47 -10.80 -8.87
CA GLY H 33 -0.38 -11.01 -10.29
C GLY H 33 -1.73 -11.05 -11.00
N HIS H 34 -2.78 -11.47 -10.30
CA HIS H 34 -4.10 -11.51 -10.92
C HIS H 34 -4.62 -10.10 -11.20
N TYR H 35 -4.29 -9.16 -10.33
CA TYR H 35 -4.71 -7.77 -10.50
C TYR H 35 -4.02 -7.22 -11.75
N VAL H 36 -2.71 -7.47 -11.85
CA VAL H 36 -1.93 -7.01 -12.97
C VAL H 36 -2.43 -7.56 -14.33
N GLN H 37 -2.86 -8.82 -14.35
CA GLN H 37 -3.35 -9.42 -15.58
C GLN H 37 -4.69 -8.84 -15.95
N MET H 38 -5.48 -8.51 -14.93
CA MET H 38 -6.80 -7.94 -15.14
C MET H 38 -6.62 -6.60 -15.84
N ALA H 39 -5.62 -5.84 -15.38
CA ALA H 39 -5.30 -4.53 -15.93
C ALA H 39 -4.87 -4.61 -17.39
N ILE H 40 -3.97 -5.54 -17.69
CA ILE H 40 -3.48 -5.73 -19.05
C ILE H 40 -4.61 -6.15 -20.00
N ILE H 41 -5.41 -7.12 -19.57
CA ILE H 41 -6.52 -7.61 -20.37
C ILE H 41 -7.52 -6.47 -20.64
N LYS H 42 -7.83 -5.70 -19.60
CA LYS H 42 -8.75 -4.59 -19.74
C LYS H 42 -8.20 -3.55 -20.71
N LEU H 43 -6.86 -3.42 -20.74
CA LEU H 43 -6.25 -2.48 -21.67
C LEU H 43 -6.43 -3.02 -23.08
N GLY H 44 -6.27 -4.33 -23.24
CA GLY H 44 -6.43 -4.94 -24.54
C GLY H 44 -7.80 -4.67 -25.11
N ALA H 45 -8.81 -4.70 -24.26
CA ALA H 45 -10.18 -4.45 -24.69
C ALA H 45 -10.33 -3.04 -25.23
N LEU H 46 -9.66 -2.07 -24.62
CA LEU H 46 -9.74 -0.68 -25.07
C LEU H 46 -9.15 -0.57 -26.47
N THR H 47 -8.21 -1.46 -26.76
CA THR H 47 -7.52 -1.50 -28.05
C THR H 47 -8.29 -2.31 -29.09
N GLY H 48 -9.27 -3.08 -28.62
CA GLY H 48 -10.06 -3.89 -29.53
C GLY H 48 -9.60 -5.32 -29.68
N THR H 49 -9.06 -5.89 -28.61
CA THR H 49 -8.60 -7.28 -28.66
C THR H 49 -9.01 -8.05 -27.41
N TYR H 50 -9.93 -8.98 -27.58
CA TYR H 50 -10.43 -9.81 -26.49
C TYR H 50 -9.79 -11.19 -26.47
N VAL H 51 -9.76 -11.81 -25.30
CA VAL H 51 -9.19 -13.14 -25.17
C VAL H 51 -10.29 -14.16 -24.88
N TYR H 52 -10.18 -15.33 -25.50
CA TYR H 52 -11.19 -16.37 -25.28
C TYR H 52 -10.57 -17.60 -24.65
N ASN H 53 -11.22 -18.12 -23.62
CA ASN H 53 -10.73 -19.31 -22.96
C ASN H 53 -10.63 -20.50 -23.92
N HIS H 54 -11.66 -20.73 -24.74
CA HIS H 54 -11.63 -21.85 -25.68
C HIS H 54 -10.54 -21.74 -26.74
N LEU H 55 -10.03 -20.53 -26.99
CA LEU H 55 -8.99 -20.33 -27.99
C LEU H 55 -7.61 -20.26 -27.34
N THR H 56 -7.60 -19.85 -26.07
CA THR H 56 -6.36 -19.71 -25.33
C THR H 56 -6.65 -19.90 -23.83
N PRO H 57 -6.88 -21.15 -23.41
CA PRO H 57 -7.18 -21.52 -22.02
C PRO H 57 -6.35 -20.75 -21.01
N LEU H 58 -7.00 -20.31 -19.93
CA LEU H 58 -6.33 -19.55 -18.88
C LEU H 58 -5.22 -20.38 -18.24
N ARG H 59 -5.44 -21.69 -18.18
CA ARG H 59 -4.50 -22.62 -17.57
C ARG H 59 -3.07 -22.49 -18.12
N ASP H 60 -2.93 -21.93 -19.31
CA ASP H 60 -1.62 -21.78 -19.93
C ASP H 60 -0.89 -20.48 -19.61
N TRP H 61 -1.59 -19.49 -19.06
CA TRP H 61 -0.94 -18.21 -18.77
C TRP H 61 -1.43 -17.44 -17.54
N ALA H 62 -2.67 -17.69 -17.14
CA ALA H 62 -3.27 -16.99 -16.01
C ALA H 62 -2.60 -17.16 -14.64
N HIS H 63 -3.06 -16.35 -13.70
CA HIS H 63 -2.59 -16.36 -12.31
C HIS H 63 -3.75 -17.04 -11.59
N ASN H 64 -3.44 -17.85 -10.60
CA ASN H 64 -4.47 -18.58 -9.87
C ASN H 64 -5.64 -17.73 -9.40
N GLY H 65 -5.41 -16.42 -9.27
CA GLY H 65 -6.47 -15.55 -8.81
C GLY H 65 -7.30 -14.86 -9.88
N LEU H 66 -6.86 -14.94 -11.14
CA LEU H 66 -7.58 -14.29 -12.22
C LEU H 66 -9.00 -14.79 -12.41
N ARG H 67 -9.15 -16.09 -12.67
CA ARG H 67 -10.47 -16.69 -12.89
C ARG H 67 -11.52 -16.15 -11.92
N ASP H 68 -11.07 -15.79 -10.72
CA ASP H 68 -11.95 -15.27 -9.69
C ASP H 68 -12.36 -13.82 -9.98
N LEU H 69 -11.43 -13.03 -10.51
CA LEU H 69 -11.71 -11.64 -10.84
C LEU H 69 -12.64 -11.51 -12.04
N ALA H 70 -12.60 -12.50 -12.92
CA ALA H 70 -13.44 -12.51 -14.12
C ALA H 70 -14.89 -12.89 -13.85
N VAL H 71 -15.79 -12.37 -14.66
CA VAL H 71 -17.22 -12.66 -14.55
C VAL H 71 -17.66 -13.52 -15.75
N ALA H 72 -16.74 -13.75 -16.67
CA ALA H 72 -16.98 -14.55 -17.87
C ALA H 72 -15.63 -14.76 -18.55
N VAL H 73 -15.51 -15.79 -19.38
CA VAL H 73 -14.23 -16.06 -20.05
C VAL H 73 -14.39 -16.32 -21.55
N GLU H 74 -15.57 -16.01 -22.07
CA GLU H 74 -15.84 -16.17 -23.49
C GLU H 74 -16.55 -14.91 -23.99
N PRO H 75 -15.83 -13.78 -24.04
CA PRO H 75 -14.42 -13.59 -23.67
C PRO H 75 -14.21 -13.16 -22.21
N VAL H 76 -12.94 -13.01 -21.84
CA VAL H 76 -12.59 -12.63 -20.48
C VAL H 76 -12.93 -11.18 -20.16
N VAL H 77 -13.99 -10.97 -19.37
CA VAL H 77 -14.38 -9.63 -18.97
C VAL H 77 -14.43 -9.58 -17.44
N PHE H 78 -14.49 -8.39 -16.87
CA PHE H 78 -14.50 -8.26 -15.42
C PHE H 78 -15.70 -7.48 -14.91
N SER H 79 -16.58 -7.10 -15.83
CA SER H 79 -17.78 -6.38 -15.50
C SER H 79 -18.92 -6.85 -16.36
N ARG H 80 -20.10 -6.35 -16.04
CA ARG H 80 -21.33 -6.66 -16.75
C ARG H 80 -21.13 -6.29 -18.23
N MET H 81 -21.47 -7.21 -19.13
CA MET H 81 -21.38 -6.96 -20.56
C MET H 81 -22.61 -7.62 -21.18
N GLU H 82 -23.40 -6.84 -21.90
CA GLU H 82 -24.61 -7.35 -22.51
C GLU H 82 -24.33 -8.44 -23.52
N THR H 83 -25.26 -9.38 -23.62
CA THR H 83 -25.17 -10.48 -24.57
C THR H 83 -26.34 -10.26 -25.54
N LYS H 84 -26.03 -10.09 -26.81
CA LYS H 84 -27.04 -9.85 -27.83
C LYS H 84 -26.95 -10.83 -28.99
N LEU H 85 -28.12 -11.21 -29.50
CA LEU H 85 -28.20 -12.13 -30.62
C LEU H 85 -28.53 -11.29 -31.84
N ILE H 86 -27.88 -11.56 -32.96
CA ILE H 86 -28.14 -10.82 -34.19
C ILE H 86 -28.19 -11.76 -35.39
N THR H 87 -28.91 -11.33 -36.42
CA THR H 87 -29.05 -12.08 -37.66
C THR H 87 -28.83 -11.09 -38.80
N TRP H 88 -27.61 -10.63 -38.97
CA TRP H 88 -27.31 -9.67 -40.01
C TRP H 88 -26.45 -10.31 -41.09
N GLY H 89 -26.71 -9.94 -42.34
CA GLY H 89 -25.97 -10.47 -43.47
C GLY H 89 -26.29 -9.65 -44.71
N ALA H 90 -25.67 -9.99 -45.84
CA ALA H 90 -25.88 -9.25 -47.09
C ALA H 90 -27.35 -9.19 -47.49
N ASP H 91 -28.10 -10.24 -47.16
CA ASP H 91 -29.52 -10.33 -47.51
C ASP H 91 -30.47 -9.52 -46.64
N THR H 92 -29.97 -8.99 -45.52
CA THR H 92 -30.83 -8.19 -44.66
C THR H 92 -30.32 -6.77 -44.46
N ALA H 93 -29.10 -6.50 -44.92
CA ALA H 93 -28.50 -5.18 -44.79
C ALA H 93 -29.39 -4.13 -45.42
N ALA H 94 -29.40 -2.94 -44.82
CA ALA H 94 -30.22 -1.87 -45.35
C ALA H 94 -29.79 -0.53 -44.79
N CYS H 95 -30.16 0.54 -45.51
CA CYS H 95 -29.86 1.90 -45.11
C CYS H 95 -30.39 2.06 -43.70
N GLY H 96 -29.65 2.77 -42.86
CA GLY H 96 -30.04 2.96 -41.49
C GLY H 96 -29.05 2.19 -40.62
N ASP H 97 -28.47 1.14 -41.18
CA ASP H 97 -27.49 0.35 -40.45
C ASP H 97 -26.14 1.06 -40.43
N ILE H 98 -25.38 0.83 -39.37
CA ILE H 98 -24.05 1.43 -39.23
C ILE H 98 -23.10 0.40 -38.64
N ILE H 99 -22.13 -0.03 -39.45
CA ILE H 99 -21.16 -1.03 -39.02
C ILE H 99 -19.82 -0.41 -38.62
N ASN H 100 -19.48 -0.55 -37.34
CA ASN H 100 -18.24 -0.02 -36.78
C ASN H 100 -17.88 1.38 -37.27
N GLY H 101 -18.84 2.31 -37.13
CA GLY H 101 -18.64 3.69 -37.52
C GLY H 101 -19.05 4.13 -38.92
N LEU H 102 -19.26 3.19 -39.83
CA LEU H 102 -19.64 3.53 -41.20
C LEU H 102 -21.03 3.03 -41.60
N PRO H 103 -21.86 3.91 -42.21
CA PRO H 103 -23.22 3.58 -42.64
C PRO H 103 -23.30 2.65 -43.86
N VAL H 104 -24.23 1.69 -43.81
CA VAL H 104 -24.42 0.76 -44.93
C VAL H 104 -25.04 1.59 -46.05
N SER H 105 -24.63 1.36 -47.29
CA SER H 105 -25.16 2.14 -48.40
C SER H 105 -25.50 1.37 -49.68
N ALA H 106 -24.91 0.20 -49.87
CA ALA H 106 -25.20 -0.55 -51.09
C ALA H 106 -24.81 -2.02 -51.04
N ARG H 107 -25.31 -2.75 -52.02
CA ARG H 107 -25.05 -4.18 -52.12
C ARG H 107 -24.71 -4.62 -53.53
N ARG H 108 -24.02 -5.76 -53.60
CA ARG H 108 -23.64 -6.36 -54.86
C ARG H 108 -23.34 -7.81 -54.55
N GLY H 109 -24.30 -8.68 -54.85
CA GLY H 109 -24.12 -10.09 -54.56
C GLY H 109 -24.07 -10.27 -53.04
N GLN H 110 -22.93 -10.76 -52.55
CA GLN H 110 -22.73 -10.97 -51.12
C GLN H 110 -21.91 -9.85 -50.48
N GLU H 111 -21.38 -8.94 -51.30
CA GLU H 111 -20.60 -7.82 -50.79
C GLU H 111 -21.55 -6.70 -50.38
N ILE H 112 -21.12 -5.93 -49.40
CA ILE H 112 -21.90 -4.81 -48.90
C ILE H 112 -20.96 -3.62 -48.75
N LEU H 113 -21.39 -2.46 -49.24
CA LEU H 113 -20.59 -1.25 -49.20
C LEU H 113 -20.90 -0.46 -47.93
N LEU H 114 -19.87 0.11 -47.30
CA LEU H 114 -20.09 0.87 -46.07
C LEU H 114 -19.89 2.39 -46.16
N GLY H 115 -19.10 2.88 -47.09
CA GLY H 115 -18.98 4.34 -47.11
C GLY H 115 -19.98 4.95 -48.08
N PRO H 116 -19.69 6.16 -48.58
CA PRO H 116 -20.59 6.81 -49.54
C PRO H 116 -20.69 5.90 -50.77
N ALA H 117 -21.90 5.69 -51.29
CA ALA H 117 -22.06 4.83 -52.46
C ALA H 117 -22.10 5.63 -53.76
N ASP H 118 -21.79 6.93 -53.66
CA ASP H 118 -21.84 7.80 -54.83
C ASP H 118 -20.99 7.34 -56.01
N GLY H 119 -21.62 7.27 -57.18
CA GLY H 119 -20.92 6.85 -58.38
C GLY H 119 -20.72 5.35 -58.46
N MET H 120 -21.25 4.62 -57.50
CA MET H 120 -21.06 3.18 -57.50
C MET H 120 -22.10 2.41 -58.31
N VAL H 121 -23.30 2.95 -58.45
CA VAL H 121 -24.32 2.25 -59.22
C VAL H 121 -23.78 1.88 -60.61
N SER H 122 -22.94 2.74 -61.17
CA SER H 122 -22.39 2.49 -62.50
C SER H 122 -21.39 1.34 -62.50
N LYS H 123 -20.86 1.00 -61.33
CA LYS H 123 -19.92 -0.11 -61.24
C LYS H 123 -20.62 -1.42 -60.85
N GLY H 124 -21.96 -1.41 -60.89
CA GLY H 124 -22.70 -2.62 -60.56
C GLY H 124 -23.33 -2.73 -59.18
N TRP H 125 -23.26 -1.69 -58.37
CA TRP H 125 -23.85 -1.75 -57.02
C TRP H 125 -25.30 -1.30 -57.01
N ARG H 126 -26.06 -1.79 -56.05
CA ARG H 126 -27.46 -1.41 -55.93
C ARG H 126 -27.62 -0.67 -54.58
N LEU H 127 -28.29 0.48 -54.60
CA LEU H 127 -28.51 1.25 -53.36
C LEU H 127 -29.53 0.51 -52.47
N LEU H 128 -29.31 0.53 -51.16
CA LEU H 128 -30.19 -0.17 -50.22
C LEU H 128 -31.28 0.67 -49.53
N SER I 2 -22.29 23.56 -5.84
CA SER I 2 -22.42 23.32 -7.31
C SER I 2 -21.55 22.14 -7.78
N HIS I 3 -20.42 21.92 -7.11
CA HIS I 3 -19.53 20.82 -7.49
C HIS I 3 -20.24 19.46 -7.41
N MET I 4 -21.10 19.31 -6.41
CA MET I 4 -21.85 18.07 -6.24
C MET I 4 -22.96 17.96 -7.28
N GLN I 5 -23.13 19.01 -8.08
CA GLN I 5 -24.15 19.05 -9.11
C GLN I 5 -23.67 18.53 -10.47
N ALA I 6 -22.36 18.61 -10.71
CA ALA I 6 -21.79 18.15 -11.98
C ALA I 6 -22.62 18.61 -13.17
N SER I 7 -22.95 19.89 -13.18
CA SER I 7 -23.74 20.46 -14.27
C SER I 7 -22.82 21.19 -15.24
N LEU I 8 -23.06 21.03 -16.55
CA LEU I 8 -22.22 21.70 -17.53
C LEU I 8 -22.52 23.20 -17.56
N LEU I 9 -23.71 23.57 -17.09
CA LEU I 9 -24.10 24.98 -17.05
C LEU I 9 -24.29 25.50 -15.64
N LYS I 10 -23.69 26.65 -15.37
CA LYS I 10 -23.79 27.28 -14.05
C LYS I 10 -25.17 27.94 -13.98
N VAL I 11 -26.18 27.11 -13.76
CA VAL I 11 -27.57 27.54 -13.67
C VAL I 11 -28.19 26.70 -12.57
N PRO I 12 -29.01 27.32 -11.70
CA PRO I 12 -29.63 26.52 -10.62
C PRO I 12 -30.39 25.33 -11.20
N TYR I 13 -30.25 24.18 -10.55
CA TYR I 13 -30.90 22.94 -10.97
C TYR I 13 -32.39 23.14 -11.33
N PHE I 14 -33.13 23.75 -10.41
CA PHE I 14 -34.55 24.05 -10.54
C PHE I 14 -34.87 24.76 -11.87
N VAL I 15 -34.08 25.76 -12.22
CA VAL I 15 -34.29 26.52 -13.46
C VAL I 15 -33.96 25.66 -14.69
N ARG I 16 -32.86 24.92 -14.64
CA ARG I 16 -32.47 24.07 -15.76
C ARG I 16 -33.60 23.09 -16.08
N VAL I 17 -34.28 22.60 -15.05
CA VAL I 17 -35.38 21.66 -15.27
C VAL I 17 -36.57 22.37 -15.89
N GLN I 18 -36.89 23.56 -15.38
CA GLN I 18 -38.02 24.32 -15.91
C GLN I 18 -37.79 24.58 -17.40
N GLY I 19 -36.57 24.97 -17.75
CA GLY I 19 -36.25 25.23 -19.14
C GLY I 19 -36.41 24.00 -20.01
N LEU I 20 -35.86 22.89 -19.54
CA LEU I 20 -35.92 21.64 -20.26
C LEU I 20 -37.38 21.17 -20.49
N LEU I 21 -38.19 21.27 -19.45
CA LEU I 21 -39.57 20.84 -19.56
C LEU I 21 -40.45 21.82 -20.33
N ARG I 22 -40.04 23.09 -20.38
CA ARG I 22 -40.81 24.06 -21.14
C ARG I 22 -40.66 23.63 -22.59
N ILE I 23 -39.49 23.10 -22.94
CA ILE I 23 -39.25 22.62 -24.29
C ILE I 23 -40.04 21.34 -24.57
N CYS I 24 -39.95 20.36 -23.67
CA CYS I 24 -40.67 19.11 -23.83
C CYS I 24 -42.17 19.35 -24.02
N ALA I 25 -42.70 20.32 -23.29
CA ALA I 25 -44.12 20.64 -23.35
C ALA I 25 -44.63 20.93 -24.76
N LEU I 26 -43.76 21.41 -25.65
CA LEU I 26 -44.17 21.71 -27.03
C LEU I 26 -44.58 20.47 -27.83
N ALA I 27 -44.08 19.31 -27.43
CA ALA I 27 -44.36 18.07 -28.13
C ALA I 27 -45.30 17.15 -27.36
N ARG I 28 -45.90 17.67 -26.29
CA ARG I 28 -46.80 16.87 -25.48
C ARG I 28 -47.96 16.20 -26.22
N LYS I 29 -48.58 16.93 -27.14
CA LYS I 29 -49.73 16.42 -27.87
C LYS I 29 -49.55 16.25 -29.38
N ILE I 30 -48.36 15.90 -29.84
CA ILE I 30 -48.14 15.69 -31.26
C ILE I 30 -47.75 14.25 -31.49
N ALA I 31 -47.96 13.76 -32.72
CA ALA I 31 -47.62 12.39 -33.07
C ALA I 31 -46.12 12.22 -32.95
N GLY I 32 -45.70 11.16 -32.26
CA GLY I 32 -44.28 10.93 -32.07
C GLY I 32 -43.68 11.92 -31.09
N GLY I 33 -44.55 12.59 -30.32
CA GLY I 33 -44.08 13.55 -29.34
C GLY I 33 -43.25 12.90 -28.25
N HIS I 34 -43.48 11.61 -28.02
CA HIS I 34 -42.74 10.90 -27.00
C HIS I 34 -41.29 10.71 -27.40
N TYR I 35 -41.06 10.47 -28.69
CA TYR I 35 -39.72 10.30 -29.22
C TYR I 35 -38.97 11.63 -29.05
N VAL I 36 -39.69 12.73 -29.30
CA VAL I 36 -39.13 14.07 -29.19
C VAL I 36 -38.71 14.38 -27.77
N GLN I 37 -39.63 14.17 -26.82
CA GLN I 37 -39.33 14.45 -25.42
C GLN I 37 -38.18 13.56 -24.96
N MET I 38 -38.14 12.31 -25.43
CA MET I 38 -37.06 11.42 -25.04
C MET I 38 -35.70 11.99 -25.47
N ALA I 39 -35.62 12.47 -26.71
CA ALA I 39 -34.38 13.04 -27.21
C ALA I 39 -33.97 14.28 -26.41
N ILE I 40 -34.94 15.10 -26.05
CA ILE I 40 -34.68 16.31 -25.28
C ILE I 40 -34.20 15.96 -23.86
N ILE I 41 -34.89 15.03 -23.21
CA ILE I 41 -34.51 14.60 -21.87
C ILE I 41 -33.12 13.94 -21.87
N LYS I 42 -32.76 13.21 -22.93
CA LYS I 42 -31.44 12.58 -22.99
C LYS I 42 -30.36 13.65 -23.14
N LEU I 43 -30.65 14.69 -23.91
CA LEU I 43 -29.71 15.80 -24.07
C LEU I 43 -29.54 16.43 -22.68
N GLY I 44 -30.62 16.45 -21.91
CA GLY I 44 -30.56 17.02 -20.57
C GLY I 44 -29.57 16.28 -19.70
N ALA I 45 -29.58 14.94 -19.76
CA ALA I 45 -28.67 14.15 -18.94
C ALA I 45 -27.21 14.41 -19.34
N LEU I 46 -26.97 14.59 -20.64
CA LEU I 46 -25.61 14.85 -21.10
C LEU I 46 -25.11 16.15 -20.52
N THR I 47 -26.06 16.98 -20.12
CA THR I 47 -25.80 18.30 -19.57
C THR I 47 -25.69 18.28 -18.05
N GLY I 48 -26.06 17.16 -17.44
CA GLY I 48 -26.02 17.06 -15.99
C GLY I 48 -27.33 17.53 -15.38
N THR I 49 -28.42 17.30 -16.11
CA THR I 49 -29.74 17.69 -15.65
C THR I 49 -30.71 16.52 -15.74
N TYR I 50 -31.10 15.98 -14.59
CA TYR I 50 -32.04 14.87 -14.51
C TYR I 50 -33.38 15.40 -14.01
N VAL I 51 -34.48 14.77 -14.42
CA VAL I 51 -35.81 15.21 -14.01
C VAL I 51 -36.52 14.10 -13.23
N TYR I 52 -37.22 14.47 -12.16
CA TYR I 52 -37.92 13.50 -11.34
C TYR I 52 -39.44 13.66 -11.28
N ASN I 53 -40.15 12.55 -11.40
CA ASN I 53 -41.61 12.55 -11.37
C ASN I 53 -42.19 13.19 -10.10
N HIS I 54 -41.58 12.95 -8.95
CA HIS I 54 -42.13 13.53 -7.72
C HIS I 54 -41.89 15.05 -7.63
N LEU I 55 -40.92 15.56 -8.39
CA LEU I 55 -40.68 17.01 -8.38
C LEU I 55 -41.53 17.66 -9.48
N THR I 56 -41.45 17.10 -10.68
CA THR I 56 -42.20 17.63 -11.83
C THR I 56 -42.94 16.46 -12.46
N PRO I 57 -44.12 16.11 -11.93
CA PRO I 57 -44.98 15.02 -12.37
C PRO I 57 -45.14 14.90 -13.88
N LEU I 58 -44.83 13.74 -14.43
CA LEU I 58 -44.97 13.50 -15.86
C LEU I 58 -46.38 13.87 -16.34
N ARG I 59 -47.35 13.70 -15.47
CA ARG I 59 -48.74 13.99 -15.82
C ARG I 59 -48.99 15.43 -16.23
N ASP I 60 -48.02 16.31 -16.01
CA ASP I 60 -48.21 17.70 -16.36
C ASP I 60 -47.59 18.14 -17.69
N TRP I 61 -46.63 17.38 -18.19
CA TRP I 61 -45.96 17.77 -19.41
C TRP I 61 -45.65 16.65 -20.40
N ALA I 62 -45.65 15.42 -19.90
CA ALA I 62 -45.31 14.28 -20.74
C ALA I 62 -46.33 13.82 -21.76
N HIS I 63 -45.84 13.41 -22.91
CA HIS I 63 -46.68 12.86 -23.97
C HIS I 63 -47.10 11.51 -23.38
N ASN I 64 -48.27 11.00 -23.77
CA ASN I 64 -48.75 9.72 -23.23
C ASN I 64 -47.80 8.52 -23.42
N GLY I 65 -47.01 8.54 -24.49
CA GLY I 65 -46.11 7.42 -24.72
C GLY I 65 -44.75 7.51 -24.07
N LEU I 66 -44.44 8.66 -23.48
CA LEU I 66 -43.13 8.85 -22.86
C LEU I 66 -42.85 7.82 -21.79
N ARG I 67 -43.81 7.62 -20.90
CA ARG I 67 -43.63 6.66 -19.81
C ARG I 67 -43.32 5.26 -20.34
N ASP I 68 -43.85 4.90 -21.49
CA ASP I 68 -43.57 3.59 -22.05
C ASP I 68 -42.12 3.47 -22.54
N LEU I 69 -41.48 4.59 -22.82
CA LEU I 69 -40.10 4.57 -23.29
C LEU I 69 -39.12 4.60 -22.13
N ALA I 70 -39.54 5.18 -21.01
CA ALA I 70 -38.70 5.31 -19.83
C ALA I 70 -38.54 4.03 -19.01
N VAL I 71 -37.30 3.65 -18.73
CA VAL I 71 -37.05 2.48 -17.92
C VAL I 71 -37.29 2.85 -16.45
N ALA I 72 -37.38 4.15 -16.18
CA ALA I 72 -37.61 4.65 -14.83
C ALA I 72 -38.02 6.12 -14.90
N VAL I 73 -38.53 6.66 -13.78
CA VAL I 73 -38.96 8.05 -13.73
C VAL I 73 -38.51 8.75 -12.45
N GLU I 74 -37.59 8.12 -11.72
CA GLU I 74 -37.05 8.68 -10.49
C GLU I 74 -35.54 8.42 -10.47
N PRO I 75 -34.79 9.06 -11.38
CA PRO I 75 -35.22 9.99 -12.43
C PRO I 75 -35.53 9.31 -13.76
N VAL I 76 -36.01 10.12 -14.71
CA VAL I 76 -36.37 9.62 -16.03
C VAL I 76 -35.15 9.24 -16.87
N VAL I 77 -35.02 7.96 -17.19
CA VAL I 77 -33.94 7.45 -18.03
C VAL I 77 -34.52 6.44 -19.01
N PHE I 78 -33.78 6.12 -20.07
CA PHE I 78 -34.31 5.24 -21.09
C PHE I 78 -33.50 3.99 -21.37
N SER I 79 -32.50 3.76 -20.54
CA SER I 79 -31.62 2.60 -20.63
C SER I 79 -31.33 2.16 -19.21
N ARG I 80 -30.81 0.95 -19.06
CA ARG I 80 -30.48 0.41 -17.76
C ARG I 80 -29.51 1.32 -17.01
N MET I 81 -29.87 1.73 -15.80
CA MET I 81 -28.98 2.55 -14.99
C MET I 81 -28.83 1.85 -13.66
N GLU I 82 -27.60 1.78 -13.17
CA GLU I 82 -27.33 1.10 -11.91
C GLU I 82 -27.78 1.89 -10.69
N THR I 83 -28.28 1.16 -9.70
CA THR I 83 -28.71 1.76 -8.44
C THR I 83 -27.68 1.35 -7.39
N LYS I 84 -27.12 2.32 -6.70
CA LYS I 84 -26.12 2.04 -5.67
C LYS I 84 -26.45 2.72 -4.34
N LEU I 85 -26.10 2.05 -3.25
CA LEU I 85 -26.33 2.58 -1.91
C LEU I 85 -24.99 3.10 -1.41
N ILE I 86 -24.97 4.34 -0.93
CA ILE I 86 -23.72 4.87 -0.42
C ILE I 86 -23.87 5.49 0.96
N THR I 87 -22.82 5.37 1.75
CA THR I 87 -22.77 5.96 3.07
C THR I 87 -21.47 6.73 3.02
N TRP I 88 -21.57 8.05 2.84
CA TRP I 88 -20.39 8.87 2.72
C TRP I 88 -20.63 10.26 3.28
N GLY I 89 -19.65 10.76 4.02
CA GLY I 89 -19.74 12.07 4.62
C GLY I 89 -18.37 12.44 5.16
N ALA I 90 -18.27 13.61 5.79
CA ALA I 90 -17.01 14.08 6.33
C ALA I 90 -16.40 13.06 7.30
N ASP I 91 -17.23 12.39 8.09
CA ASP I 91 -16.70 11.42 9.03
C ASP I 91 -16.15 10.16 8.37
N THR I 92 -16.49 9.92 7.10
CA THR I 92 -15.99 8.73 6.43
C THR I 92 -15.08 8.98 5.24
N ALA I 93 -14.96 10.22 4.80
CA ALA I 93 -14.11 10.53 3.66
C ALA I 93 -12.69 10.05 3.94
N ALA I 94 -12.01 9.59 2.90
CA ALA I 94 -10.65 9.09 3.07
C ALA I 94 -9.85 9.20 1.78
N CYS I 95 -8.53 9.27 1.89
CA CYS I 95 -7.70 9.33 0.70
C CYS I 95 -8.09 8.15 -0.17
N GLY I 96 -8.10 8.35 -1.48
CA GLY I 96 -8.49 7.27 -2.37
C GLY I 96 -9.89 7.57 -2.88
N ASP I 97 -10.56 8.55 -2.28
CA ASP I 97 -11.90 8.93 -2.73
C ASP I 97 -11.75 10.03 -3.77
N ILE I 98 -12.61 10.01 -4.78
CA ILE I 98 -12.58 11.04 -5.82
C ILE I 98 -14.02 11.46 -6.08
N ILE I 99 -14.32 12.73 -5.85
CA ILE I 99 -15.67 13.23 -6.05
C ILE I 99 -15.76 14.09 -7.30
N ASN I 100 -16.57 13.64 -8.25
CA ASN I 100 -16.77 14.37 -9.50
C ASN I 100 -15.47 14.92 -10.08
N GLY I 101 -14.47 14.07 -10.22
CA GLY I 101 -13.21 14.49 -10.81
C GLY I 101 -12.10 15.01 -9.91
N LEU I 102 -12.40 15.27 -8.63
CA LEU I 102 -11.36 15.78 -7.74
C LEU I 102 -11.10 14.82 -6.59
N PRO I 103 -9.81 14.63 -6.23
CA PRO I 103 -9.43 13.73 -5.14
C PRO I 103 -9.63 14.32 -3.75
N VAL I 104 -10.18 13.53 -2.85
CA VAL I 104 -10.38 13.98 -1.47
C VAL I 104 -9.02 14.13 -0.80
N SER I 105 -8.76 15.29 -0.22
CA SER I 105 -7.46 15.56 0.41
C SER I 105 -7.42 15.80 1.91
N ALA I 106 -8.40 16.53 2.43
CA ALA I 106 -8.38 16.82 3.84
C ALA I 106 -9.77 16.99 4.41
N ARG I 107 -9.81 17.37 5.68
CA ARG I 107 -11.06 17.57 6.38
C ARG I 107 -10.90 18.54 7.54
N ARG I 108 -11.95 19.29 7.80
CA ARG I 108 -11.97 20.23 8.89
C ARG I 108 -13.40 20.32 9.39
N GLY I 109 -13.68 19.58 10.46
CA GLY I 109 -15.02 19.56 11.00
C GLY I 109 -15.91 18.76 10.07
N GLN I 110 -16.98 19.38 9.59
CA GLN I 110 -17.88 18.69 8.69
C GLN I 110 -17.66 19.12 7.24
N GLU I 111 -16.51 19.73 6.99
CA GLU I 111 -16.18 20.19 5.64
C GLU I 111 -15.04 19.36 5.04
N ILE I 112 -15.16 19.09 3.74
CA ILE I 112 -14.17 18.29 3.02
C ILE I 112 -13.45 19.08 1.92
N LEU I 113 -12.13 18.90 1.84
CA LEU I 113 -11.29 19.56 0.84
C LEU I 113 -11.12 18.61 -0.34
N LEU I 114 -11.43 19.06 -1.56
CA LEU I 114 -11.35 18.18 -2.72
C LEU I 114 -10.16 18.25 -3.69
N GLY I 115 -9.25 19.20 -3.52
CA GLY I 115 -8.10 19.23 -4.42
C GLY I 115 -6.80 19.12 -3.65
N PRO I 116 -5.71 19.75 -4.12
CA PRO I 116 -4.44 19.67 -3.39
C PRO I 116 -4.58 20.32 -2.00
N ALA I 117 -4.13 19.63 -0.97
CA ALA I 117 -4.22 20.14 0.39
C ALA I 117 -2.90 20.75 0.88
N ASP I 118 -1.96 20.95 -0.02
CA ASP I 118 -0.67 21.53 0.36
C ASP I 118 -0.83 22.91 0.98
N GLY I 119 -0.03 23.20 2.00
CA GLY I 119 -0.10 24.49 2.68
C GLY I 119 -1.47 24.79 3.25
N MET I 120 -2.21 23.73 3.57
CA MET I 120 -3.56 23.89 4.10
C MET I 120 -3.63 23.38 5.54
N VAL I 121 -2.63 22.60 5.92
CA VAL I 121 -2.57 22.05 7.28
C VAL I 121 -2.46 23.20 8.28
N SER I 122 -1.85 24.28 7.83
CA SER I 122 -1.66 25.48 8.66
C SER I 122 -2.99 26.03 9.13
N LYS I 123 -3.93 26.16 8.19
CA LYS I 123 -5.25 26.70 8.47
C LYS I 123 -6.16 25.74 9.24
N GLY I 124 -5.59 24.66 9.77
CA GLY I 124 -6.37 23.72 10.55
C GLY I 124 -6.96 22.54 9.80
N TRP I 125 -6.51 22.30 8.58
CA TRP I 125 -7.02 21.17 7.82
C TRP I 125 -6.23 19.91 8.19
N ARG I 126 -6.90 18.77 8.30
CA ARG I 126 -6.24 17.51 8.66
C ARG I 126 -6.23 16.52 7.50
N LEU I 127 -5.03 16.05 7.14
CA LEU I 127 -4.88 15.09 6.05
C LEU I 127 -5.61 13.79 6.34
N LEU I 128 -6.12 13.15 5.30
CA LEU I 128 -6.88 11.92 5.45
C LEU I 128 -6.10 10.64 5.17
N SER J 2 -16.20 2.05 -2.82
CA SER J 2 -16.00 1.64 -4.23
C SER J 2 -16.45 2.75 -5.20
N HIS J 3 -17.74 3.01 -5.21
CA HIS J 3 -18.27 4.05 -6.08
C HIS J 3 -17.68 5.43 -5.78
N MET J 4 -17.33 5.69 -4.54
CA MET J 4 -16.76 6.98 -4.18
C MET J 4 -15.29 7.07 -4.55
N GLN J 5 -14.74 5.98 -5.09
CA GLN J 5 -13.33 5.97 -5.47
C GLN J 5 -13.06 6.18 -6.95
N ALA J 6 -14.09 6.03 -7.78
CA ALA J 6 -13.99 6.23 -9.23
C ALA J 6 -12.76 5.59 -9.87
N SER J 7 -12.45 4.37 -9.45
CA SER J 7 -11.28 3.67 -10.00
C SER J 7 -11.68 2.84 -11.22
N LEU J 8 -10.85 2.86 -12.25
CA LEU J 8 -11.10 2.09 -13.46
C LEU J 8 -10.86 0.60 -13.19
N LEU J 9 -10.11 0.30 -12.13
CA LEU J 9 -9.79 -1.07 -11.77
C LEU J 9 -10.39 -1.47 -10.43
N LYS J 10 -11.06 -2.61 -10.39
CA LYS J 10 -11.66 -3.11 -9.15
C LYS J 10 -10.53 -3.67 -8.29
N VAL J 11 -9.70 -2.79 -7.77
CA VAL J 11 -8.56 -3.20 -6.95
C VAL J 11 -8.50 -2.24 -5.79
N PRO J 12 -8.26 -2.75 -4.56
CA PRO J 12 -8.20 -1.87 -3.39
C PRO J 12 -7.20 -0.74 -3.64
N TYR J 13 -7.55 0.45 -3.19
CA TYR J 13 -6.70 1.62 -3.35
C TYR J 13 -5.26 1.44 -2.91
N PHE J 14 -5.02 0.88 -1.72
CA PHE J 14 -3.63 0.72 -1.26
C PHE J 14 -2.83 -0.24 -2.14
N VAL J 15 -3.52 -1.21 -2.70
CA VAL J 15 -2.88 -2.17 -3.60
C VAL J 15 -2.52 -1.46 -4.91
N ARG J 16 -3.40 -0.56 -5.36
CA ARG J 16 -3.16 0.19 -6.60
C ARG J 16 -1.96 1.12 -6.44
N VAL J 17 -1.83 1.72 -5.26
CA VAL J 17 -0.72 2.63 -4.97
C VAL J 17 0.59 1.86 -4.98
N GLN J 18 0.57 0.67 -4.37
CA GLN J 18 1.75 -0.19 -4.32
C GLN J 18 2.18 -0.60 -5.74
N GLY J 19 1.19 -0.90 -6.58
CA GLY J 19 1.49 -1.29 -7.95
C GLY J 19 2.11 -0.12 -8.71
N LEU J 20 1.47 1.04 -8.62
CA LEU J 20 1.97 2.24 -9.30
C LEU J 20 3.36 2.65 -8.81
N LEU J 21 3.59 2.57 -7.51
CA LEU J 21 4.88 2.96 -6.94
C LEU J 21 6.00 1.97 -7.16
N ARG J 22 5.65 0.72 -7.44
CA ARG J 22 6.67 -0.28 -7.70
C ARG J 22 7.18 -0.06 -9.13
N ILE J 23 6.34 0.54 -9.97
CA ILE J 23 6.70 0.84 -11.36
C ILE J 23 7.57 2.12 -11.39
N CYS J 24 7.20 3.10 -10.60
CA CYS J 24 7.98 4.34 -10.55
C CYS J 24 9.37 4.07 -10.03
N ALA J 25 9.44 3.35 -8.92
CA ALA J 25 10.71 3.02 -8.28
C ALA J 25 11.68 2.54 -9.32
N LEU J 26 11.17 1.71 -10.22
CA LEU J 26 11.97 1.14 -11.31
C LEU J 26 12.81 2.22 -12.01
N ALA J 27 12.40 3.47 -11.89
CA ALA J 27 13.12 4.56 -12.53
C ALA J 27 13.64 5.60 -11.54
N ARG J 28 13.76 5.23 -10.28
CA ARG J 28 14.23 6.19 -9.28
C ARG J 28 15.66 6.66 -9.49
N LYS J 29 16.53 5.78 -9.96
CA LYS J 29 17.93 6.16 -10.15
C LYS J 29 18.39 6.27 -11.61
N ILE J 30 17.45 6.47 -12.53
CA ILE J 30 17.81 6.60 -13.94
C ILE J 30 17.86 8.06 -14.36
N ALA J 31 18.72 8.36 -15.33
CA ALA J 31 18.86 9.72 -15.82
C ALA J 31 17.51 10.10 -16.45
N GLY J 32 17.03 11.31 -16.15
CA GLY J 32 15.74 11.71 -16.69
C GLY J 32 14.65 10.84 -16.10
N GLY J 33 14.98 10.14 -15.02
CA GLY J 33 14.03 9.27 -14.35
C GLY J 33 12.84 10.01 -13.78
N HIS J 34 13.01 11.29 -13.49
CA HIS J 34 11.92 12.08 -12.93
C HIS J 34 10.84 12.31 -14.00
N TYR J 35 11.24 12.38 -15.26
CA TYR J 35 10.26 12.55 -16.34
C TYR J 35 9.45 11.26 -16.46
N VAL J 36 10.13 10.13 -16.31
CA VAL J 36 9.45 8.84 -16.41
C VAL J 36 8.38 8.69 -15.32
N GLN J 37 8.74 9.02 -14.08
CA GLN J 37 7.81 8.90 -12.95
C GLN J 37 6.60 9.81 -13.12
N MET J 38 6.83 11.02 -13.58
CA MET J 38 5.72 11.93 -13.79
C MET J 38 4.73 11.28 -14.76
N ALA J 39 5.24 10.61 -15.79
CA ALA J 39 4.36 9.95 -16.76
C ALA J 39 3.56 8.83 -16.10
N ILE J 40 4.24 7.96 -15.36
CA ILE J 40 3.56 6.85 -14.70
C ILE J 40 2.47 7.37 -13.77
N ILE J 41 2.80 8.41 -13.00
CA ILE J 41 1.85 8.98 -12.05
C ILE J 41 0.64 9.65 -12.72
N LYS J 42 0.87 10.40 -13.80
CA LYS J 42 -0.24 11.03 -14.50
C LYS J 42 -1.15 9.93 -15.05
N LEU J 43 -0.55 8.85 -15.57
CA LEU J 43 -1.31 7.72 -16.07
C LEU J 43 -2.12 7.16 -14.91
N GLY J 44 -1.54 7.18 -13.71
CA GLY J 44 -2.24 6.68 -12.53
C GLY J 44 -3.51 7.50 -12.30
N ALA J 45 -3.35 8.81 -12.36
CA ALA J 45 -4.47 9.73 -12.17
C ALA J 45 -5.61 9.39 -13.16
N LEU J 46 -5.25 9.21 -14.43
CA LEU J 46 -6.22 8.88 -15.47
C LEU J 46 -7.11 7.72 -15.07
N THR J 47 -6.51 6.71 -14.43
CA THR J 47 -7.22 5.51 -14.01
C THR J 47 -7.90 5.63 -12.64
N GLY J 48 -7.67 6.74 -11.95
CA GLY J 48 -8.29 6.93 -10.65
C GLY J 48 -7.41 6.57 -9.45
N THR J 49 -6.11 6.78 -9.57
CA THR J 49 -5.21 6.48 -8.46
C THR J 49 -4.27 7.64 -8.24
N TYR J 50 -4.42 8.31 -7.10
CA TYR J 50 -3.57 9.43 -6.74
C TYR J 50 -2.65 8.99 -5.61
N VAL J 51 -1.46 9.58 -5.54
CA VAL J 51 -0.51 9.22 -4.51
C VAL J 51 -0.33 10.39 -3.53
N TYR J 52 -0.34 10.08 -2.23
CA TYR J 52 -0.19 11.10 -1.19
C TYR J 52 1.09 10.96 -0.39
N ASN J 53 1.84 12.04 -0.27
CA ASN J 53 3.09 12.06 0.47
C ASN J 53 2.96 11.60 1.93
N HIS J 54 1.89 12.00 2.62
CA HIS J 54 1.75 11.58 4.01
C HIS J 54 1.47 10.08 4.18
N LEU J 55 1.01 9.42 3.11
CA LEU J 55 0.75 7.97 3.17
C LEU J 55 1.94 7.20 2.61
N THR J 56 2.53 7.74 1.54
CA THR J 56 3.68 7.13 0.91
C THR J 56 4.72 8.22 0.67
N PRO J 57 5.50 8.57 1.71
CA PRO J 57 6.52 9.61 1.57
C PRO J 57 7.36 9.43 0.32
N LEU J 58 7.50 10.53 -0.44
CA LEU J 58 8.27 10.52 -1.67
C LEU J 58 9.72 10.12 -1.44
N ARG J 59 10.22 10.38 -0.23
CA ARG J 59 11.61 10.04 0.09
C ARG J 59 11.90 8.56 -0.15
N ASP J 60 10.87 7.72 -0.09
CA ASP J 60 11.08 6.28 -0.27
C ASP J 60 10.99 5.69 -1.69
N TRP J 61 10.65 6.50 -2.69
CA TRP J 61 10.51 5.96 -4.05
C TRP J 61 10.74 6.95 -5.19
N ALA J 62 10.67 8.24 -4.89
CA ALA J 62 10.82 9.27 -5.90
C ALA J 62 12.24 9.59 -6.38
N HIS J 63 12.34 9.92 -7.67
CA HIS J 63 13.60 10.31 -8.28
C HIS J 63 13.93 11.69 -7.72
N ASN J 64 15.21 12.00 -7.58
CA ASN J 64 15.60 13.30 -7.02
C ASN J 64 15.01 14.51 -7.72
N GLY J 65 14.61 14.37 -8.98
CA GLY J 65 14.06 15.49 -9.70
C GLY J 65 12.53 15.55 -9.76
N LEU J 66 11.86 14.58 -9.15
CA LEU J 66 10.39 14.56 -9.21
C LEU J 66 9.71 15.74 -8.52
N ARG J 67 10.06 15.97 -7.25
CA ARG J 67 9.47 17.06 -6.46
C ARG J 67 9.48 18.39 -7.20
N ASP J 68 10.50 18.62 -8.03
CA ASP J 68 10.60 19.86 -8.79
C ASP J 68 9.55 19.90 -9.91
N LEU J 69 9.13 18.72 -10.38
CA LEU J 69 8.13 18.65 -11.44
C LEU J 69 6.72 18.77 -10.87
N ALA J 70 6.56 18.40 -9.61
CA ALA J 70 5.26 18.46 -8.95
C ALA J 70 4.90 19.86 -8.46
N VAL J 71 3.62 20.20 -8.53
CA VAL J 71 3.15 21.49 -8.04
C VAL J 71 2.45 21.28 -6.70
N ALA J 72 2.45 20.03 -6.23
CA ALA J 72 1.84 19.66 -4.95
C ALA J 72 2.05 18.16 -4.71
N VAL J 73 2.01 17.74 -3.45
CA VAL J 73 2.19 16.33 -3.11
C VAL J 73 1.06 15.76 -2.25
N GLU J 74 -0.01 16.54 -2.08
CA GLU J 74 -1.15 16.07 -1.31
C GLU J 74 -2.44 16.29 -2.11
N PRO J 75 -2.60 15.55 -3.22
CA PRO J 75 -1.70 14.53 -3.78
C PRO J 75 -0.71 15.08 -4.81
N VAL J 76 0.14 14.20 -5.32
CA VAL J 76 1.14 14.58 -6.30
C VAL J 76 0.54 14.88 -7.69
N VAL J 77 0.58 16.14 -8.08
CA VAL J 77 0.07 16.55 -9.39
C VAL J 77 1.12 17.42 -10.05
N PHE J 78 1.06 17.56 -11.36
CA PHE J 78 2.04 18.33 -12.09
C PHE J 78 1.51 19.56 -12.79
N SER J 79 0.24 19.86 -12.58
CA SER J 79 -0.39 21.01 -13.20
C SER J 79 -1.43 21.62 -12.26
N ARG J 80 -1.96 22.77 -12.65
CA ARG J 80 -2.95 23.45 -11.84
C ARG J 80 -4.20 22.59 -11.64
N MET J 81 -4.58 22.42 -10.37
CA MET J 81 -5.76 21.66 -10.00
C MET J 81 -6.46 22.49 -8.94
N GLU J 82 -7.76 22.69 -9.07
CA GLU J 82 -8.45 23.51 -8.09
C GLU J 82 -8.79 22.82 -6.77
N THR J 83 -8.84 23.62 -5.72
CA THR J 83 -9.15 23.14 -4.39
C THR J 83 -10.54 23.64 -4.00
N LYS J 84 -11.46 22.70 -3.77
CA LYS J 84 -12.84 23.04 -3.40
C LYS J 84 -13.21 22.59 -1.99
N LEU J 85 -14.07 23.38 -1.35
CA LEU J 85 -14.54 23.08 -0.01
C LEU J 85 -16.00 22.65 -0.12
N ILE J 86 -16.31 21.44 0.31
CA ILE J 86 -17.69 21.00 0.23
C ILE J 86 -18.19 20.42 1.54
N THR J 87 -19.51 20.54 1.74
CA THR J 87 -20.19 20.03 2.92
C THR J 87 -21.33 19.22 2.33
N TRP J 88 -21.09 17.93 2.14
CA TRP J 88 -22.07 17.04 1.56
C TRP J 88 -22.16 15.75 2.38
N GLY J 89 -23.36 15.46 2.87
CA GLY J 89 -23.59 14.26 3.65
C GLY J 89 -25.02 13.82 3.43
N ALA J 90 -25.46 12.78 4.14
CA ALA J 90 -26.81 12.27 3.97
C ALA J 90 -27.88 13.30 4.31
N ASP J 91 -27.61 14.12 5.33
CA ASP J 91 -28.55 15.14 5.76
C ASP J 91 -28.69 16.33 4.80
N THR J 92 -27.78 16.44 3.85
CA THR J 92 -27.79 17.55 2.90
C THR J 92 -28.06 17.13 1.44
N ALA J 93 -27.89 15.85 1.15
CA ALA J 93 -28.11 15.31 -0.19
C ALA J 93 -29.48 15.69 -0.76
N ALA J 94 -29.56 15.86 -2.07
CA ALA J 94 -30.83 16.22 -2.70
C ALA J 94 -30.88 15.95 -4.19
N CYS J 95 -32.10 15.90 -4.74
CA CYS J 95 -32.24 15.67 -6.17
C CYS J 95 -31.54 16.84 -6.84
N GLY J 96 -30.84 16.58 -7.92
CA GLY J 96 -30.08 17.62 -8.58
C GLY J 96 -28.60 17.31 -8.41
N ASP J 97 -28.25 16.57 -7.36
CA ASP J 97 -26.85 16.19 -7.13
C ASP J 97 -26.52 14.99 -7.99
N ILE J 98 -25.31 14.96 -8.54
CA ILE J 98 -24.87 13.84 -9.36
C ILE J 98 -23.51 13.46 -8.80
N ILE J 99 -23.39 12.24 -8.30
CA ILE J 99 -22.14 11.75 -7.72
C ILE J 99 -21.44 10.70 -8.58
N ASN J 100 -20.26 11.05 -9.07
CA ASN J 100 -19.49 10.15 -9.93
C ASN J 100 -20.36 9.50 -11.00
N GLY J 101 -21.14 10.33 -11.68
CA GLY J 101 -21.99 9.84 -12.75
C GLY J 101 -23.42 9.42 -12.42
N LEU J 102 -23.72 9.21 -11.14
CA LEU J 102 -25.07 8.78 -10.77
C LEU J 102 -25.87 9.81 -10.00
N PRO J 103 -27.12 10.01 -10.42
CA PRO J 103 -28.06 10.96 -9.81
C PRO J 103 -28.51 10.54 -8.43
N VAL J 104 -28.61 11.50 -7.51
CA VAL J 104 -29.10 11.23 -6.16
C VAL J 104 -30.62 11.18 -6.29
N SER J 105 -31.24 10.16 -5.69
CA SER J 105 -32.68 10.00 -5.80
C SER J 105 -33.47 9.82 -4.50
N ALA J 106 -32.86 9.22 -3.48
CA ALA J 106 -33.58 9.00 -2.22
C ALA J 106 -32.68 8.81 -1.01
N ARG J 107 -33.31 8.71 0.16
CA ARG J 107 -32.59 8.56 1.42
C ARG J 107 -33.24 7.60 2.42
N ARG J 108 -32.42 6.84 3.13
CA ARG J 108 -32.91 5.90 4.14
C ARG J 108 -31.92 5.90 5.30
N GLY J 109 -32.24 6.69 6.32
CA GLY J 109 -31.36 6.79 7.48
C GLY J 109 -30.10 7.60 7.18
N GLN J 110 -28.97 6.94 7.16
CA GLN J 110 -27.70 7.61 6.88
C GLN J 110 -27.20 7.24 5.49
N GLU J 111 -27.96 6.39 4.80
CA GLU J 111 -27.60 5.96 3.45
C GLU J 111 -28.38 6.77 2.43
N ILE J 112 -27.79 6.98 1.26
CA ILE J 112 -28.49 7.71 0.22
C ILE J 112 -28.49 6.85 -1.03
N LEU J 113 -29.58 6.92 -1.78
CA LEU J 113 -29.73 6.15 -3.01
C LEU J 113 -29.27 6.94 -4.24
N LEU J 114 -28.45 6.29 -5.06
CA LEU J 114 -27.94 6.85 -6.29
C LEU J 114 -28.56 6.05 -7.43
N GLY J 115 -28.98 6.73 -8.49
CA GLY J 115 -29.60 6.01 -9.58
C GLY J 115 -31.10 5.90 -9.35
N PRO J 116 -31.85 5.26 -10.26
CA PRO J 116 -33.31 5.11 -10.13
C PRO J 116 -33.77 4.67 -8.74
N ALA J 117 -34.79 5.35 -8.22
CA ALA J 117 -35.34 5.03 -6.92
C ALA J 117 -36.71 4.38 -7.06
N ASP J 118 -37.10 4.09 -8.31
CA ASP J 118 -38.40 3.49 -8.58
C ASP J 118 -38.64 2.20 -7.81
N GLY J 119 -39.77 2.14 -7.11
CA GLY J 119 -40.12 0.96 -6.34
C GLY J 119 -39.40 0.82 -5.01
N MET J 120 -38.65 1.84 -4.62
CA MET J 120 -37.90 1.79 -3.36
C MET J 120 -38.65 2.41 -2.19
N VAL J 121 -39.69 3.20 -2.48
CA VAL J 121 -40.46 3.84 -1.43
C VAL J 121 -41.16 2.80 -0.55
N SER J 122 -41.44 1.64 -1.14
CA SER J 122 -42.11 0.55 -0.42
C SER J 122 -41.08 -0.28 0.34
N LYS J 123 -39.85 0.21 0.39
CA LYS J 123 -38.79 -0.49 1.09
C LYS J 123 -38.15 0.43 2.12
N GLY J 124 -38.82 1.55 2.40
CA GLY J 124 -38.33 2.49 3.40
C GLY J 124 -37.51 3.67 2.90
N TRP J 125 -37.48 3.91 1.60
CA TRP J 125 -36.71 5.03 1.08
C TRP J 125 -37.52 6.30 0.78
N ARG J 126 -36.96 7.44 1.19
CA ARG J 126 -37.59 8.74 1.00
C ARG J 126 -37.00 9.48 -0.21
N LEU J 127 -37.86 9.87 -1.16
CA LEU J 127 -37.39 10.60 -2.34
C LEU J 127 -36.92 11.99 -1.92
N LEU J 128 -35.80 12.45 -2.47
CA LEU J 128 -35.26 13.76 -2.10
C LEU J 128 -35.67 14.91 -3.02
N SER K 2 -7.70 28.68 -42.17
CA SER K 2 -8.67 27.55 -42.33
C SER K 2 -8.40 26.47 -41.29
N HIS K 3 -7.23 25.86 -41.39
CA HIS K 3 -6.86 24.84 -40.42
C HIS K 3 -6.64 25.56 -39.08
N MET K 4 -6.35 26.85 -39.19
CA MET K 4 -6.11 27.67 -38.02
C MET K 4 -7.41 28.10 -37.34
N GLN K 5 -8.53 27.81 -38.00
CA GLN K 5 -9.86 28.15 -37.47
C GLN K 5 -10.29 27.16 -36.40
N ALA K 6 -9.93 25.90 -36.59
CA ALA K 6 -10.28 24.82 -35.66
C ALA K 6 -11.80 24.78 -35.47
N SER K 7 -12.52 24.98 -36.57
CA SER K 7 -13.97 24.95 -36.53
C SER K 7 -14.46 23.58 -36.96
N LEU K 8 -15.51 23.08 -36.33
CA LEU K 8 -16.06 21.78 -36.67
C LEU K 8 -16.96 21.92 -37.91
N LEU K 9 -17.36 23.15 -38.22
CA LEU K 9 -18.21 23.42 -39.37
C LEU K 9 -17.47 24.23 -40.43
N LYS K 10 -17.49 23.77 -41.68
CA LYS K 10 -16.82 24.47 -42.76
C LYS K 10 -17.72 25.62 -43.23
N VAL K 11 -17.77 26.66 -42.42
CA VAL K 11 -18.57 27.86 -42.68
C VAL K 11 -17.66 29.01 -42.32
N PRO K 12 -17.72 30.12 -43.07
CA PRO K 12 -16.84 31.25 -42.74
C PRO K 12 -17.09 31.74 -41.31
N TYR K 13 -16.01 32.08 -40.62
CA TYR K 13 -16.11 32.54 -39.24
C TYR K 13 -17.17 33.60 -39.00
N PHE K 14 -17.08 34.72 -39.72
CA PHE K 14 -18.05 35.78 -39.51
C PHE K 14 -19.49 35.31 -39.69
N VAL K 15 -19.69 34.40 -40.64
CA VAL K 15 -21.02 33.85 -40.90
C VAL K 15 -21.44 33.02 -39.68
N ARG K 16 -20.52 32.25 -39.12
CA ARG K 16 -20.82 31.43 -37.95
C ARG K 16 -21.24 32.31 -36.76
N VAL K 17 -20.61 33.47 -36.62
CA VAL K 17 -20.96 34.38 -35.53
C VAL K 17 -22.35 34.96 -35.77
N GLN K 18 -22.64 35.31 -37.02
CA GLN K 18 -23.96 35.87 -37.37
C GLN K 18 -25.03 34.87 -36.96
N GLY K 19 -24.83 33.62 -37.32
CA GLY K 19 -25.79 32.59 -36.99
C GLY K 19 -25.95 32.38 -35.51
N LEU K 20 -24.83 32.40 -34.79
CA LEU K 20 -24.84 32.18 -33.34
C LEU K 20 -25.59 33.29 -32.59
N LEU K 21 -25.35 34.54 -32.96
CA LEU K 21 -26.03 35.66 -32.32
C LEU K 21 -27.51 35.73 -32.69
N ARG K 22 -27.85 35.26 -33.88
CA ARG K 22 -29.24 35.24 -34.32
C ARG K 22 -30.05 34.41 -33.32
N ILE K 23 -29.51 33.27 -32.92
CA ILE K 23 -30.19 32.41 -31.93
C ILE K 23 -30.26 33.15 -30.60
N CYS K 24 -29.12 33.67 -30.14
CA CYS K 24 -29.07 34.40 -28.88
C CYS K 24 -30.14 35.49 -28.83
N ALA K 25 -30.22 36.30 -29.89
CA ALA K 25 -31.20 37.39 -29.96
C ALA K 25 -32.62 36.96 -29.64
N LEU K 26 -32.99 35.74 -30.02
CA LEU K 26 -34.34 35.26 -29.76
C LEU K 26 -34.66 35.24 -28.27
N ALA K 27 -33.63 35.25 -27.42
CA ALA K 27 -33.85 35.22 -25.98
C ALA K 27 -33.41 36.49 -25.27
N ARG K 28 -33.21 37.56 -26.03
CA ARG K 28 -32.75 38.82 -25.46
C ARG K 28 -33.67 39.47 -24.42
N LYS K 29 -34.98 39.26 -24.56
CA LYS K 29 -35.91 39.87 -23.61
C LYS K 29 -36.80 38.89 -22.84
N ILE K 30 -36.54 37.60 -22.96
CA ILE K 30 -37.35 36.63 -22.22
C ILE K 30 -36.78 36.43 -20.81
N ALA K 31 -37.59 35.91 -19.91
CA ALA K 31 -37.14 35.69 -18.54
C ALA K 31 -36.15 34.53 -18.53
N GLY K 32 -35.02 34.74 -17.85
CA GLY K 32 -34.00 33.71 -17.80
C GLY K 32 -33.23 33.69 -19.11
N GLY K 33 -33.46 34.69 -19.93
CA GLY K 33 -32.80 34.76 -21.23
C GLY K 33 -31.27 34.71 -21.19
N HIS K 34 -30.67 35.30 -20.15
CA HIS K 34 -29.23 35.28 -20.02
C HIS K 34 -28.71 33.85 -19.86
N TYR K 35 -29.49 33.02 -19.18
CA TYR K 35 -29.09 31.62 -19.00
C TYR K 35 -29.09 30.89 -20.35
N VAL K 36 -30.07 31.18 -21.20
CA VAL K 36 -30.13 30.49 -22.49
C VAL K 36 -29.05 30.98 -23.43
N GLN K 37 -28.72 32.27 -23.35
CA GLN K 37 -27.69 32.83 -24.21
C GLN K 37 -26.33 32.24 -23.86
N MET K 38 -26.11 32.03 -22.55
CA MET K 38 -24.84 31.48 -22.08
C MET K 38 -24.72 30.08 -22.66
N ALA K 39 -25.80 29.32 -22.54
CA ALA K 39 -25.83 27.95 -23.04
C ALA K 39 -25.46 27.92 -24.51
N ILE K 40 -26.11 28.78 -25.29
CA ILE K 40 -25.87 28.87 -26.73
C ILE K 40 -24.42 29.23 -27.03
N ILE K 41 -23.93 30.27 -26.37
CA ILE K 41 -22.54 30.70 -26.55
C ILE K 41 -21.56 29.58 -26.21
N LYS K 42 -21.77 28.89 -25.08
CA LYS K 42 -20.89 27.79 -24.68
C LYS K 42 -20.90 26.70 -25.74
N LEU K 43 -22.07 26.48 -26.33
CA LEU K 43 -22.26 25.49 -27.38
C LEU K 43 -21.43 25.92 -28.60
N GLY K 44 -21.43 27.23 -28.86
CA GLY K 44 -20.64 27.76 -29.97
C GLY K 44 -19.15 27.51 -29.70
N ALA K 45 -18.73 27.70 -28.45
CA ALA K 45 -17.32 27.48 -28.11
C ALA K 45 -16.93 26.01 -28.34
N LEU K 46 -17.85 25.10 -28.07
CA LEU K 46 -17.58 23.68 -28.32
C LEU K 46 -17.38 23.46 -29.82
N THR K 47 -18.10 24.24 -30.64
CA THR K 47 -18.00 24.11 -32.10
C THR K 47 -16.80 24.82 -32.69
N GLY K 48 -16.15 25.66 -31.90
CA GLY K 48 -15.00 26.39 -32.41
C GLY K 48 -15.37 27.79 -32.88
N THR K 49 -16.38 28.38 -32.26
CA THR K 49 -16.81 29.73 -32.63
C THR K 49 -16.87 30.59 -31.37
N TYR K 50 -16.04 31.63 -31.32
CA TYR K 50 -16.00 32.54 -30.20
C TYR K 50 -16.52 33.94 -30.59
N VAL K 51 -17.15 34.61 -29.63
CA VAL K 51 -17.70 35.94 -29.84
C VAL K 51 -16.88 36.99 -29.10
N TYR K 52 -16.56 38.08 -29.80
CA TYR K 52 -15.78 39.17 -29.19
C TYR K 52 -16.62 40.44 -29.11
N ASN K 53 -16.58 41.07 -27.95
CA ASN K 53 -17.35 42.28 -27.71
C ASN K 53 -16.98 43.41 -28.66
N HIS K 54 -15.72 43.50 -29.09
CA HIS K 54 -15.35 44.59 -29.99
C HIS K 54 -15.78 44.36 -31.44
N LEU K 55 -16.03 43.11 -31.82
CA LEU K 55 -16.48 42.82 -33.17
C LEU K 55 -18.02 42.84 -33.20
N THR K 56 -18.64 42.31 -32.16
CA THR K 56 -20.11 42.25 -32.07
C THR K 56 -20.59 42.63 -30.66
N PRO K 57 -20.50 43.93 -30.32
CA PRO K 57 -20.89 44.55 -29.04
C PRO K 57 -22.11 43.95 -28.36
N LEU K 58 -21.93 43.50 -27.13
CA LEU K 58 -23.02 42.92 -26.35
C LEU K 58 -24.22 43.85 -26.36
N ARG K 59 -23.97 45.14 -26.44
CA ARG K 59 -25.02 46.15 -26.46
C ARG K 59 -26.13 45.91 -27.50
N ASP K 60 -25.80 45.20 -28.58
CA ASP K 60 -26.78 44.96 -29.64
C ASP K 60 -27.57 43.65 -29.58
N TRP K 61 -27.12 42.69 -28.77
CA TRP K 61 -27.80 41.40 -28.71
C TRP K 61 -27.99 40.75 -27.33
N ALA K 62 -27.08 41.02 -26.40
CA ALA K 62 -27.15 40.42 -25.08
C ALA K 62 -28.35 40.78 -24.20
N HIS K 63 -28.84 39.76 -23.48
CA HIS K 63 -29.94 39.89 -22.53
C HIS K 63 -29.32 40.69 -21.36
N ASN K 64 -30.14 41.47 -20.65
CA ASN K 64 -29.65 42.30 -19.55
C ASN K 64 -28.72 41.64 -18.53
N GLY K 65 -28.99 40.40 -18.17
CA GLY K 65 -28.14 39.73 -17.18
C GLY K 65 -27.02 38.86 -17.72
N LEU K 66 -26.69 38.98 -19.00
CA LEU K 66 -25.63 38.17 -19.59
C LEU K 66 -24.23 38.63 -19.18
N ARG K 67 -24.00 39.94 -19.27
CA ARG K 67 -22.70 40.51 -18.94
C ARG K 67 -22.18 40.13 -17.55
N ASP K 68 -23.05 40.06 -16.54
CA ASP K 68 -22.60 39.68 -15.21
C ASP K 68 -22.27 38.19 -15.12
N LEU K 69 -22.76 37.41 -16.06
CA LEU K 69 -22.48 35.97 -16.08
C LEU K 69 -21.10 35.75 -16.68
N ALA K 70 -20.75 36.54 -17.68
CA ALA K 70 -19.45 36.42 -18.34
C ALA K 70 -18.29 36.85 -17.45
N VAL K 71 -17.16 36.16 -17.58
CA VAL K 71 -15.97 36.50 -16.79
C VAL K 71 -14.99 37.25 -17.68
N ALA K 72 -15.40 37.48 -18.93
CA ALA K 72 -14.59 38.19 -19.92
C ALA K 72 -15.40 38.23 -21.22
N VAL K 73 -15.30 39.33 -21.96
CA VAL K 73 -16.02 39.47 -23.21
C VAL K 73 -15.08 39.57 -24.40
N GLU K 74 -13.82 39.24 -24.19
CA GLU K 74 -12.81 39.29 -25.26
C GLU K 74 -11.98 38.03 -25.33
N PRO K 75 -12.59 36.89 -25.72
CA PRO K 75 -14.01 36.75 -26.07
C PRO K 75 -14.88 36.34 -24.88
N VAL K 76 -16.18 36.25 -25.13
CA VAL K 76 -17.15 35.87 -24.11
C VAL K 76 -16.95 34.42 -23.64
N VAL K 77 -16.74 34.27 -22.33
CA VAL K 77 -16.55 32.96 -21.68
C VAL K 77 -17.14 33.09 -20.26
N PHE K 78 -17.54 31.98 -19.67
CA PHE K 78 -18.15 32.02 -18.36
C PHE K 78 -17.39 31.25 -17.28
N SER K 79 -16.13 30.95 -17.57
CA SER K 79 -15.25 30.25 -16.65
C SER K 79 -13.83 30.68 -16.98
N ARG K 80 -12.96 30.59 -15.97
CA ARG K 80 -11.57 30.94 -16.13
C ARG K 80 -10.99 30.24 -17.37
N MET K 81 -10.16 30.97 -18.11
CA MET K 81 -9.51 30.44 -19.32
C MET K 81 -8.09 30.98 -19.32
N GLU K 82 -7.11 30.11 -19.54
CA GLU K 82 -5.72 30.55 -19.55
C GLU K 82 -5.48 31.61 -20.62
N THR K 83 -4.53 32.49 -20.35
CA THR K 83 -4.17 33.54 -21.28
C THR K 83 -2.69 33.30 -21.62
N LYS K 84 -2.44 32.73 -22.80
CA LYS K 84 -1.07 32.44 -23.21
C LYS K 84 -0.47 33.44 -24.18
N LEU K 85 0.85 33.47 -24.20
CA LEU K 85 1.62 34.37 -25.04
C LEU K 85 2.51 33.56 -25.98
N ILE K 86 2.39 33.81 -27.28
CA ILE K 86 3.20 33.06 -28.24
C ILE K 86 3.83 33.96 -29.31
N THR K 87 4.80 33.40 -30.02
CA THR K 87 5.49 34.12 -31.09
C THR K 87 5.73 33.22 -32.30
N TRP K 88 4.98 32.13 -32.39
CA TRP K 88 5.11 31.18 -33.49
C TRP K 88 4.97 31.78 -34.89
N GLY K 89 5.80 31.30 -35.82
CA GLY K 89 5.77 31.78 -37.18
C GLY K 89 6.68 30.91 -38.05
N ALA K 90 6.54 31.02 -39.37
CA ALA K 90 7.37 30.23 -40.29
C ALA K 90 8.85 30.32 -39.94
N ASP K 91 9.23 31.47 -39.36
CA ASP K 91 10.61 31.74 -38.95
C ASP K 91 11.03 31.00 -37.69
N THR K 92 10.10 30.27 -37.07
CA THR K 92 10.42 29.56 -35.83
C THR K 92 9.93 28.11 -35.79
N ALA K 93 9.06 27.74 -36.72
CA ALA K 93 8.54 26.39 -36.76
C ALA K 93 9.65 25.33 -36.77
N ALA K 94 9.46 24.29 -35.97
CA ALA K 94 10.43 23.20 -35.87
C ALA K 94 9.68 21.89 -35.63
N CYS K 95 10.35 20.76 -35.85
CA CYS K 95 9.69 19.48 -35.62
C CYS K 95 9.40 19.41 -34.13
N GLY K 96 8.27 18.81 -33.77
CA GLY K 96 7.88 18.72 -32.38
C GLY K 96 6.70 19.65 -32.18
N ASP K 97 6.52 20.57 -33.13
CA ASP K 97 5.39 21.51 -33.11
C ASP K 97 4.15 20.83 -33.70
N ILE K 98 3.07 20.79 -32.92
CA ILE K 98 1.81 20.19 -33.35
C ILE K 98 0.77 21.30 -33.38
N ILE K 99 0.25 21.59 -34.56
CA ILE K 99 -0.72 22.66 -34.70
C ILE K 99 -2.12 22.18 -35.10
N ASN K 100 -3.04 22.26 -34.15
CA ASN K 100 -4.42 21.84 -34.34
C ASN K 100 -4.50 20.39 -34.81
N GLY K 101 -3.70 19.53 -34.21
CA GLY K 101 -3.73 18.12 -34.57
C GLY K 101 -2.73 17.58 -35.59
N LEU K 102 -2.08 18.46 -36.34
CA LEU K 102 -1.11 18.00 -37.31
C LEU K 102 0.29 18.47 -36.94
N PRO K 103 1.29 17.61 -37.14
CA PRO K 103 2.69 17.92 -36.81
C PRO K 103 3.35 18.87 -37.82
N VAL K 104 4.38 19.60 -37.40
CA VAL K 104 5.09 20.47 -38.33
C VAL K 104 6.18 19.60 -38.93
N SER K 105 6.24 19.54 -40.27
CA SER K 105 7.22 18.70 -40.95
C SER K 105 8.30 19.38 -41.79
N ALA K 106 7.90 20.36 -42.60
CA ALA K 106 8.87 21.03 -43.44
C ALA K 106 8.54 22.49 -43.68
N ARG K 107 9.38 23.13 -44.50
CA ARG K 107 9.21 24.55 -44.81
C ARG K 107 9.64 24.87 -46.24
N ARG K 108 8.91 25.79 -46.87
CA ARG K 108 9.19 26.24 -48.23
C ARG K 108 8.87 27.74 -48.29
N GLY K 109 9.88 28.56 -48.09
CA GLY K 109 9.68 30.00 -48.09
C GLY K 109 9.07 30.33 -46.75
N GLN K 110 8.03 31.15 -46.74
CA GLN K 110 7.39 31.49 -45.48
C GLN K 110 6.06 30.73 -45.34
N GLU K 111 6.06 29.51 -45.83
CA GLU K 111 4.92 28.62 -45.77
C GLU K 111 5.36 27.37 -45.00
N ILE K 112 4.44 26.77 -44.24
CA ILE K 112 4.78 25.58 -43.45
C ILE K 112 3.91 24.37 -43.77
N LEU K 113 4.54 23.22 -43.95
CA LEU K 113 3.85 21.98 -44.24
C LEU K 113 3.46 21.30 -42.92
N LEU K 114 2.29 20.64 -42.88
CA LEU K 114 1.86 19.99 -41.65
C LEU K 114 1.81 18.47 -41.61
N GLY K 115 1.09 17.83 -42.53
CA GLY K 115 1.04 16.38 -42.46
C GLY K 115 2.38 15.73 -42.83
N PRO K 116 2.35 14.47 -43.29
CA PRO K 116 3.59 13.76 -43.68
C PRO K 116 4.26 14.57 -44.79
N ALA K 117 5.58 14.71 -44.71
CA ALA K 117 6.30 15.50 -45.71
C ALA K 117 7.32 14.73 -46.55
N ASP K 118 7.25 13.40 -46.55
CA ASP K 118 8.21 12.63 -47.33
C ASP K 118 7.86 12.59 -48.82
N GLY K 119 8.83 12.95 -49.65
CA GLY K 119 8.63 12.98 -51.08
C GLY K 119 8.28 14.39 -51.52
N MET K 120 8.42 15.33 -50.60
CA MET K 120 8.14 16.74 -50.86
C MET K 120 9.43 17.54 -50.89
N VAL K 121 10.51 16.96 -50.40
CA VAL K 121 11.80 17.64 -50.36
C VAL K 121 12.19 18.17 -51.74
N SER K 122 11.97 17.35 -52.76
CA SER K 122 12.30 17.71 -54.14
C SER K 122 11.60 18.99 -54.58
N LYS K 123 10.35 19.17 -54.17
CA LYS K 123 9.58 20.35 -54.55
C LYS K 123 10.01 21.60 -53.79
N GLY K 124 11.21 21.56 -53.20
CA GLY K 124 11.73 22.71 -52.48
C GLY K 124 11.42 22.79 -51.00
N TRP K 125 10.91 21.73 -50.41
CA TRP K 125 10.59 21.75 -48.98
C TRP K 125 11.82 21.40 -48.14
N ARG K 126 12.16 22.29 -47.22
CA ARG K 126 13.30 22.13 -46.33
C ARG K 126 12.82 21.53 -45.01
N LEU K 127 13.05 20.24 -44.80
CA LEU K 127 12.63 19.57 -43.56
C LEU K 127 13.09 20.38 -42.36
N LEU K 128 12.24 20.46 -41.34
CA LEU K 128 12.56 21.23 -40.14
C LEU K 128 13.18 20.41 -39.00
N SER L 2 5.94 26.12 -25.73
CA SER L 2 5.29 24.96 -25.05
C SER L 2 3.91 24.68 -25.63
N HIS L 3 3.09 25.73 -25.69
CA HIS L 3 1.73 25.59 -26.21
C HIS L 3 1.72 25.06 -27.64
N MET L 4 2.64 25.54 -28.46
CA MET L 4 2.73 25.12 -29.85
C MET L 4 3.07 23.64 -29.97
N GLN L 5 3.43 23.03 -28.85
CA GLN L 5 3.73 21.62 -28.80
C GLN L 5 2.64 21.09 -27.88
N ALA L 6 1.66 20.41 -28.46
CA ALA L 6 0.56 19.88 -27.68
C ALA L 6 0.88 18.51 -27.09
N SER L 7 1.83 18.45 -26.17
CA SER L 7 2.17 17.17 -25.54
C SER L 7 1.49 17.08 -24.19
N LEU L 8 1.10 15.86 -23.81
CA LEU L 8 0.43 15.65 -22.53
C LEU L 8 1.46 15.68 -21.39
N LEU L 9 2.74 15.64 -21.75
CA LEU L 9 3.83 15.66 -20.77
C LEU L 9 4.68 16.92 -20.84
N LYS L 10 5.00 17.50 -19.69
CA LYS L 10 5.85 18.70 -19.64
C LYS L 10 7.31 18.27 -19.77
N VAL L 11 7.63 17.60 -20.87
CA VAL L 11 8.99 17.13 -21.11
C VAL L 11 9.43 17.65 -22.48
N PRO L 12 10.72 17.98 -22.64
CA PRO L 12 11.24 18.48 -23.91
C PRO L 12 11.07 17.47 -25.04
N TYR L 13 10.66 17.94 -26.22
CA TYR L 13 10.45 17.07 -27.37
C TYR L 13 11.60 16.07 -27.59
N PHE L 14 12.83 16.59 -27.58
CA PHE L 14 14.02 15.77 -27.76
C PHE L 14 14.04 14.61 -26.78
N VAL L 15 13.80 14.93 -25.51
CA VAL L 15 13.81 13.94 -24.45
C VAL L 15 12.66 12.94 -24.59
N ARG L 16 11.52 13.42 -25.07
CA ARG L 16 10.36 12.55 -25.26
C ARG L 16 10.61 11.49 -26.33
N VAL L 17 11.33 11.87 -27.38
CA VAL L 17 11.66 10.96 -28.47
C VAL L 17 12.68 9.92 -28.01
N GLN L 18 13.67 10.36 -27.23
CA GLN L 18 14.69 9.46 -26.73
C GLN L 18 14.02 8.35 -25.93
N GLY L 19 13.10 8.72 -25.06
CA GLY L 19 12.40 7.73 -24.25
C GLY L 19 11.54 6.80 -25.11
N LEU L 20 10.87 7.37 -26.10
CA LEU L 20 10.01 6.61 -26.99
C LEU L 20 10.85 5.55 -27.72
N LEU L 21 11.90 6.00 -28.40
CA LEU L 21 12.77 5.11 -29.14
C LEU L 21 13.59 4.16 -28.27
N ARG L 22 13.81 4.52 -27.00
CA ARG L 22 14.56 3.63 -26.14
C ARG L 22 13.73 2.37 -25.92
N ILE L 23 12.41 2.55 -25.82
CA ILE L 23 11.50 1.43 -25.63
C ILE L 23 11.37 0.59 -26.90
N CYS L 24 11.30 1.26 -28.05
CA CYS L 24 11.19 0.57 -29.33
C CYS L 24 12.37 -0.36 -29.56
N ALA L 25 13.57 0.14 -29.26
CA ALA L 25 14.80 -0.63 -29.43
C ALA L 25 14.71 -2.01 -28.79
N LEU L 26 13.93 -2.11 -27.72
CA LEU L 26 13.76 -3.37 -27.01
C LEU L 26 13.14 -4.43 -27.91
N ALA L 27 12.45 -4.00 -28.95
CA ALA L 27 11.81 -4.92 -29.87
C ALA L 27 12.49 -4.83 -31.23
N ARG L 28 13.68 -4.25 -31.24
CA ARG L 28 14.43 -4.07 -32.47
C ARG L 28 14.68 -5.37 -33.21
N LYS L 29 14.91 -6.46 -32.47
CA LYS L 29 15.19 -7.72 -33.14
C LYS L 29 14.48 -8.94 -32.56
N ILE L 30 13.16 -8.91 -32.55
CA ILE L 30 12.36 -10.02 -32.05
C ILE L 30 11.24 -10.32 -33.03
N ALA L 31 10.81 -11.57 -33.08
CA ALA L 31 9.72 -11.96 -33.97
C ALA L 31 8.49 -11.12 -33.64
N GLY L 32 7.96 -10.42 -34.64
CA GLY L 32 6.79 -9.60 -34.42
C GLY L 32 7.14 -8.23 -33.88
N GLY L 33 8.43 -8.02 -33.65
CA GLY L 33 8.91 -6.76 -33.12
C GLY L 33 8.47 -5.52 -33.88
N HIS L 34 8.22 -5.65 -35.17
CA HIS L 34 7.78 -4.51 -35.97
C HIS L 34 6.38 -4.05 -35.57
N TYR L 35 5.52 -5.01 -35.24
CA TYR L 35 4.16 -4.72 -34.80
C TYR L 35 4.26 -4.00 -33.45
N VAL L 36 5.07 -4.54 -32.55
CA VAL L 36 5.26 -3.95 -31.22
C VAL L 36 5.68 -2.49 -31.31
N GLN L 37 6.66 -2.20 -32.17
CA GLN L 37 7.14 -0.83 -32.32
C GLN L 37 6.06 0.08 -32.88
N MET L 38 5.27 -0.44 -33.82
CA MET L 38 4.18 0.33 -34.42
C MET L 38 3.23 0.79 -33.30
N ALA L 39 2.91 -0.14 -32.41
CA ALA L 39 2.02 0.14 -31.28
C ALA L 39 2.59 1.15 -30.31
N ILE L 40 3.91 1.16 -30.18
CA ILE L 40 4.58 2.09 -29.29
C ILE L 40 4.53 3.50 -29.89
N ILE L 41 4.91 3.59 -31.16
CA ILE L 41 4.91 4.87 -31.87
C ILE L 41 3.52 5.50 -31.93
N LYS L 42 2.49 4.67 -32.07
CA LYS L 42 1.12 5.18 -32.10
C LYS L 42 0.76 5.66 -30.70
N LEU L 43 1.25 4.96 -29.68
CA LEU L 43 1.02 5.37 -28.29
C LEU L 43 1.65 6.76 -28.11
N GLY L 44 2.82 6.95 -28.70
CA GLY L 44 3.51 8.23 -28.61
C GLY L 44 2.76 9.34 -29.32
N ALA L 45 2.19 8.99 -30.48
CA ALA L 45 1.41 9.97 -31.25
C ALA L 45 0.30 10.53 -30.37
N LEU L 46 -0.40 9.64 -29.64
CA LEU L 46 -1.48 10.07 -28.76
C LEU L 46 -1.00 11.01 -27.67
N THR L 47 0.28 10.93 -27.31
CA THR L 47 0.83 11.80 -26.27
C THR L 47 1.28 13.11 -26.89
N GLY L 48 1.31 13.15 -28.23
CA GLY L 48 1.77 14.34 -28.91
C GLY L 48 3.27 14.31 -29.14
N THR L 49 3.81 13.14 -29.41
CA THR L 49 5.23 13.01 -29.67
C THR L 49 5.39 12.22 -30.97
N TYR L 50 5.78 12.92 -32.03
CA TYR L 50 6.00 12.29 -33.33
C TYR L 50 7.49 12.05 -33.56
N VAL L 51 7.80 11.07 -34.40
CA VAL L 51 9.19 10.71 -34.73
C VAL L 51 9.47 10.95 -36.21
N TYR L 52 10.64 11.51 -36.51
CA TYR L 52 11.04 11.79 -37.88
C TYR L 52 12.33 11.06 -38.24
N ASN L 53 12.35 10.43 -39.41
CA ASN L 53 13.52 9.69 -39.88
C ASN L 53 14.77 10.57 -40.01
N HIS L 54 14.58 11.80 -40.47
CA HIS L 54 15.71 12.71 -40.67
C HIS L 54 16.36 13.21 -39.37
N LEU L 55 15.75 12.92 -38.23
CA LEU L 55 16.29 13.33 -36.94
C LEU L 55 16.80 12.11 -36.16
N THR L 56 16.00 11.04 -36.17
CA THR L 56 16.38 9.80 -35.51
C THR L 56 16.18 8.68 -36.53
N PRO L 57 17.13 8.53 -37.48
CA PRO L 57 17.13 7.52 -38.54
C PRO L 57 16.65 6.14 -38.12
N LEU L 58 15.67 5.62 -38.85
CA LEU L 58 15.11 4.31 -38.55
C LEU L 58 16.17 3.22 -38.48
N ARG L 59 17.24 3.37 -39.26
CA ARG L 59 18.32 2.37 -39.27
C ARG L 59 18.98 2.22 -37.90
N ASP L 60 18.87 3.25 -37.08
CA ASP L 60 19.46 3.25 -35.75
C ASP L 60 18.63 2.53 -34.67
N TRP L 61 17.37 2.20 -34.97
CA TRP L 61 16.53 1.54 -33.96
C TRP L 61 15.38 0.66 -34.45
N ALA L 62 14.85 0.94 -35.64
CA ALA L 62 13.71 0.19 -36.16
C ALA L 62 13.90 -1.29 -36.47
N HIS L 63 12.83 -2.04 -36.32
CA HIS L 63 12.82 -3.47 -36.64
C HIS L 63 12.86 -3.51 -38.15
N ASN L 64 13.32 -4.63 -38.72
CA ASN L 64 13.41 -4.72 -40.17
C ASN L 64 12.08 -4.44 -40.89
N GLY L 65 11.00 -5.07 -40.43
CA GLY L 65 9.71 -4.89 -41.05
C GLY L 65 8.91 -3.65 -40.71
N LEU L 66 9.48 -2.74 -39.90
CA LEU L 66 8.77 -1.54 -39.51
C LEU L 66 8.58 -0.57 -40.66
N ARG L 67 9.65 -0.35 -41.43
CA ARG L 67 9.58 0.58 -42.54
C ARG L 67 8.47 0.21 -43.53
N ASP L 68 8.09 -1.07 -43.56
CA ASP L 68 7.03 -1.49 -44.46
C ASP L 68 5.63 -1.28 -43.91
N LEU L 69 5.47 -1.43 -42.59
CA LEU L 69 4.15 -1.22 -41.97
C LEU L 69 3.83 0.27 -41.99
N ALA L 70 4.85 1.08 -42.17
CA ALA L 70 4.68 2.53 -42.20
C ALA L 70 4.18 3.03 -43.54
N VAL L 71 3.41 4.12 -43.50
CA VAL L 71 2.87 4.72 -44.71
C VAL L 71 3.69 5.97 -45.03
N ALA L 72 4.46 6.42 -44.04
CA ALA L 72 5.31 7.61 -44.17
C ALA L 72 6.32 7.64 -43.00
N VAL L 73 7.43 8.36 -43.18
CA VAL L 73 8.42 8.44 -42.12
C VAL L 73 8.82 9.87 -41.74
N GLU L 74 8.13 10.86 -42.30
CA GLU L 74 8.40 12.26 -41.98
C GLU L 74 7.10 12.99 -41.60
N PRO L 75 6.54 12.67 -40.42
CA PRO L 75 7.02 11.70 -39.46
C PRO L 75 6.47 10.30 -39.68
N VAL L 76 6.91 9.36 -38.85
CA VAL L 76 6.47 7.98 -38.96
C VAL L 76 5.00 7.82 -38.56
N VAL L 77 4.17 7.54 -39.56
CA VAL L 77 2.73 7.33 -39.35
C VAL L 77 2.35 6.02 -40.04
N PHE L 78 1.24 5.42 -39.63
CA PHE L 78 0.85 4.15 -40.22
C PHE L 78 -0.49 4.13 -40.94
N SER L 79 -1.06 5.31 -41.13
CA SER L 79 -2.33 5.44 -41.83
C SER L 79 -2.38 6.84 -42.46
N ARG L 80 -3.32 7.06 -43.36
CA ARG L 80 -3.45 8.35 -44.02
C ARG L 80 -3.55 9.50 -43.03
N MET L 81 -2.77 10.54 -43.29
CA MET L 81 -2.77 11.74 -42.47
C MET L 81 -2.69 12.89 -43.48
N GLU L 82 -3.64 13.82 -43.39
CA GLU L 82 -3.65 14.94 -44.31
C GLU L 82 -2.38 15.78 -44.20
N THR L 83 -1.98 16.37 -45.32
CA THR L 83 -0.80 17.21 -45.39
C THR L 83 -1.23 18.60 -45.84
N LYS L 84 -1.45 19.50 -44.88
CA LYS L 84 -1.90 20.85 -45.18
C LYS L 84 -0.76 21.87 -45.21
N LEU L 85 -0.98 22.96 -45.94
CA LEU L 85 -0.03 24.05 -46.05
C LEU L 85 -0.64 25.30 -45.43
N ILE L 86 0.03 25.86 -44.44
CA ILE L 86 -0.46 27.06 -43.77
C ILE L 86 0.56 28.18 -43.81
N THR L 87 0.09 29.41 -43.60
CA THR L 87 0.97 30.56 -43.59
C THR L 87 0.53 31.54 -42.50
N TRP L 88 0.35 31.03 -41.29
CA TRP L 88 -0.08 31.85 -40.16
C TRP L 88 1.12 32.56 -39.55
N GLY L 89 0.87 33.71 -38.93
CA GLY L 89 1.95 34.46 -38.32
C GLY L 89 1.42 35.60 -37.49
N ALA L 90 2.32 36.30 -36.80
CA ALA L 90 1.94 37.43 -35.97
C ALA L 90 1.14 38.47 -36.76
N ASP L 91 1.61 38.79 -37.96
CA ASP L 91 0.97 39.79 -38.80
C ASP L 91 -0.35 39.35 -39.42
N THR L 92 -0.53 38.05 -39.60
CA THR L 92 -1.75 37.52 -40.20
C THR L 92 -2.78 37.05 -39.16
N ALA L 93 -2.33 36.86 -37.91
CA ALA L 93 -3.23 36.41 -36.86
C ALA L 93 -4.49 37.26 -36.80
N ALA L 94 -5.61 36.64 -36.46
CA ALA L 94 -6.87 37.35 -36.39
C ALA L 94 -7.88 36.61 -35.51
N CYS L 95 -8.90 37.33 -35.05
CA CYS L 95 -9.95 36.74 -34.23
C CYS L 95 -10.65 35.70 -35.12
N GLY L 96 -11.04 34.58 -34.54
CA GLY L 96 -11.68 33.56 -35.33
C GLY L 96 -10.72 32.40 -35.40
N ASP L 97 -9.42 32.69 -35.27
CA ASP L 97 -8.41 31.66 -35.28
C ASP L 97 -8.38 31.04 -33.88
N ILE L 98 -8.04 29.76 -33.82
CA ILE L 98 -7.95 29.05 -32.56
C ILE L 98 -6.69 28.21 -32.65
N ILE L 99 -5.81 28.33 -31.68
CA ILE L 99 -4.56 27.57 -31.68
C ILE L 99 -4.46 26.60 -30.53
N ASN L 100 -4.50 25.32 -30.84
CA ASN L 100 -4.43 24.27 -29.84
C ASN L 100 -5.33 24.56 -28.65
N GLY L 101 -6.59 24.86 -28.96
CA GLY L 101 -7.57 25.12 -27.93
C GLY L 101 -7.86 26.54 -27.47
N LEU L 102 -6.94 27.47 -27.68
CA LEU L 102 -7.18 28.83 -27.23
C LEU L 102 -7.42 29.80 -28.37
N PRO L 103 -8.43 30.68 -28.21
CA PRO L 103 -8.79 31.68 -29.22
C PRO L 103 -7.83 32.86 -29.29
N VAL L 104 -7.46 33.25 -30.51
CA VAL L 104 -6.59 34.39 -30.72
C VAL L 104 -7.43 35.59 -30.26
N SER L 105 -6.82 36.52 -29.53
CA SER L 105 -7.57 37.67 -29.04
C SER L 105 -6.93 39.03 -29.28
N ALA L 106 -5.61 39.08 -29.31
CA ALA L 106 -4.93 40.35 -29.50
C ALA L 106 -3.51 40.22 -30.01
N ARG L 107 -2.88 41.37 -30.25
CA ARG L 107 -1.50 41.41 -30.75
C ARG L 107 -0.69 42.56 -30.16
N ARG L 108 0.60 42.29 -29.96
CA ARG L 108 1.53 43.28 -29.45
C ARG L 108 2.92 42.91 -29.95
N GLY L 109 3.34 43.57 -31.03
CA GLY L 109 4.65 43.30 -31.61
C GLY L 109 4.64 41.97 -32.34
N GLN L 110 5.65 41.15 -32.07
CA GLN L 110 5.75 39.84 -32.70
C GLN L 110 5.02 38.79 -31.86
N GLU L 111 4.38 39.24 -30.78
CA GLU L 111 3.64 38.36 -29.87
C GLU L 111 2.12 38.37 -30.09
N ILE L 112 1.51 37.21 -29.92
CA ILE L 112 0.08 37.07 -30.08
C ILE L 112 -0.54 36.53 -28.81
N LEU L 113 -1.63 37.15 -28.39
CA LEU L 113 -2.32 36.75 -27.17
C LEU L 113 -3.40 35.71 -27.41
N LEU L 114 -3.37 34.63 -26.62
CA LEU L 114 -4.35 33.56 -26.72
C LEU L 114 -5.18 33.60 -25.44
N GLY L 115 -6.50 33.50 -25.57
CA GLY L 115 -7.36 33.55 -24.40
C GLY L 115 -7.86 34.96 -24.12
N PRO L 116 -8.64 35.16 -23.05
CA PRO L 116 -9.16 36.49 -22.73
C PRO L 116 -8.11 37.60 -22.78
N ALA L 117 -8.47 38.70 -23.45
CA ALA L 117 -7.59 39.85 -23.60
C ALA L 117 -8.20 41.03 -22.84
N ASP L 118 -9.28 40.74 -22.10
CA ASP L 118 -9.99 41.75 -21.32
C ASP L 118 -9.09 42.63 -20.47
N GLY L 119 -9.28 43.93 -20.60
CA GLY L 119 -8.52 44.90 -19.82
C GLY L 119 -7.03 44.97 -20.12
N MET L 120 -6.50 43.98 -20.84
CA MET L 120 -5.08 43.97 -21.14
C MET L 120 -4.68 44.93 -22.26
N VAL L 121 -5.65 45.68 -22.78
CA VAL L 121 -5.38 46.65 -23.83
C VAL L 121 -4.55 47.79 -23.22
N SER L 122 -4.73 47.99 -21.92
CA SER L 122 -4.02 49.04 -21.19
C SER L 122 -2.55 48.69 -20.97
N LYS L 123 -2.07 47.66 -21.67
CA LYS L 123 -0.68 47.24 -21.57
C LYS L 123 -0.06 47.21 -22.95
N GLY L 124 -0.72 47.87 -23.90
CA GLY L 124 -0.21 47.93 -25.26
C GLY L 124 -0.80 46.94 -26.25
N TRP L 125 -1.55 45.97 -25.76
CA TRP L 125 -2.14 44.98 -26.66
C TRP L 125 -3.25 45.58 -27.51
N ARG L 126 -3.38 45.07 -28.74
CA ARG L 126 -4.39 45.54 -29.67
C ARG L 126 -5.34 44.41 -30.06
N LEU L 127 -6.64 44.61 -29.84
CA LEU L 127 -7.65 43.62 -30.18
C LEU L 127 -7.67 43.34 -31.67
N LEU L 128 -7.46 42.08 -32.05
CA LEU L 128 -7.44 41.70 -33.45
C LEU L 128 -8.84 41.51 -34.05
#